data_7D91
#
_entry.id   7D91
#
_cell.length_a   84.325
_cell.length_b   84.325
_cell.length_c   646.360
_cell.angle_alpha   90.000
_cell.angle_beta   90.000
_cell.angle_gamma   90.000
#
_symmetry.space_group_name_H-M   'P 43 21 2'
#
loop_
_entity.id
_entity.type
_entity.pdbx_description
1 polymer 'Sodium/potassium-transporting ATPase subunit alpha-1'
2 polymer 'Sodium/potassium-transporting ATPase subunit beta-1'
3 polymer 'FXYD domain-containing ion transport regulator'
4 branched 2-acetamido-2-deoxy-beta-D-glucopyranose-(1-4)-2-acetamido-2-deoxy-beta-D-glucopyranose
5 non-polymer 'MAGNESIUM ION'
6 non-polymer CHOLESTEROL
7 non-polymer 1,2-DIOLEOYL-SN-GLYCERO-3-PHOSPHOCHOLINE
8 non-polymer 2-acetamido-2-deoxy-beta-D-glucopyranose
9 water water
#
loop_
_entity_poly.entity_id
_entity_poly.type
_entity_poly.pdbx_seq_one_letter_code
_entity_poly.pdbx_strand_id
1 'polypeptide(L)'
;GRDKYEPAAVSEHGDKKKAKKERDMDELKKEVSMDDHKLSLDELHRKYGTDLSRGLTPARAAEILARDGPNALTPPPTTP
EWVKFCRQLFGGFSMLLWIGAILCFLAYGIQAATEEEPQNDNLYLGVVLSAVVIITGCFSYYQEAKSSKIMESFKNMVPQ
QALVIRNGEKMSINAEEVVVGDLVEVKGGDRIPADLRIISANGCKVDNSSLTGESEPQTRSPDFTNENPLETRNIAFFST
NCVEGTARGIVVYTGDRTVMGRIATLASGLEGGQTPIAAEIEHFIHIITGVAVFLGVSFFILSLILEYTWLEAVIFLIGI
IVANVPEGLLATVTVCLTLTAKRMARKNCLVKNLEAVETLGSTSTICS(BFD)KTGTLTQNRMTVAHMWSDNQIHEADTT
ENQSGVSFDKTSATWLALSRIAGLCNRAVFQANQENLPILKRAVAGDASESALLKCIELCCGSVKEMRERYTKIVEIPFN
STNKYQLSIHKNPNTAEPRHLLVMKGAPERILDRCSSILIHGKEQPLDEELKDAFQNAYLELGGLGERVLGFCHLFLPDE
QFPEGFQFDTDDVNFPLDNLCFVGLISMIDPPRAAVPDAVGKCRSAGIKVIMVTGDHPITAKAIAKGVGIISEGNETVED
IAARLNIPVSQVNPRDAKACVVHGSDLKDMTSEQLDDILKYHTEIVFARTSPQQKLIIVEGCQRQGAIVAVTGDGVNDSP
ASKKADIGVAMGIAGSDVSKQAADMILLDDNFASIVTGVEEGRLIFDNLKKSIAYTLTSNIPEITPFLIFIIANIPLPLG
TVTILCIDLGTDMVPAISLAYEQAESDIMKRQPRNPKTDKLVNEQLISMAYGQIGMIQALGGFFTYFVILAENGFLPIHL
LGLRVNWDDRWINDVEDSYGQQWTYEQRKIVEFTCHTPFFVTIVVVQWADLVICKTRRNSVFQQGMKNKILIFGLFEETA
LAAFLSYCPGMGVALRMYPLKPTWWFCAFPYSLLIFVYDEVRKLIIRRRPGGWVEKETYY
;
A
2 'polypeptide(L)'
;MARGKAKEEGSWKKFIWNSEKKEFLGRTGGSWFKILLFYVIFYGCLAGIFIGTIQVMLLTISEFKPTYQDRVAPPGLTQI
PQSQKTEISFRPNDPQSYESYVVSIVRFLEKYKDLAQKDDMIFEDCGNVPSELKERGEYNNERGERKVCRFRLEWLGNCS
GLNDETYGYKDGKPCVIIKLNRVLGFKPKPPKNESLETYPVMKYNPYVLPVHCTGKRDEDKEKVGTMEYFGLGGYPGFPL
QYYPYYGKLLQPKYLQPLMAVQFTNLTMDTEIRIECKAYGENIGYSEKDRFQGRFDVKIEVKS
;
B
3 'polypeptide(L)' MAGLSTDDGGSPKGDVDPFYYDYETVRNGGLIFAALAFIVGLIIILSKRLRCGGKKHRPINEDEL G
#
loop_
_chem_comp.id
_chem_comp.type
_chem_comp.name
_chem_comp.formula
CLR non-polymer CHOLESTEROL 'C27 H46 O'
MG non-polymer 'MAGNESIUM ION' 'Mg 2'
NAG D-saccharide, beta linking 2-acetamido-2-deoxy-beta-D-glucopyranose 'C8 H15 N O6'
PCW non-polymer 1,2-DIOLEOYL-SN-GLYCERO-3-PHOSPHOCHOLINE 'C44 H85 N O8 P 1'
#
# COMPACT_ATOMS: atom_id res chain seq x y z
N LYS A 21 -22.25 -25.48 -16.55
CA LYS A 21 -22.38 -26.61 -15.63
C LYS A 21 -21.06 -26.88 -14.91
N GLU A 22 -20.15 -25.89 -14.92
CA GLU A 22 -18.87 -26.09 -14.24
C GLU A 22 -19.04 -26.18 -12.72
N ARG A 23 -20.16 -25.68 -12.19
CA ARG A 23 -20.42 -25.77 -10.76
C ARG A 23 -20.56 -27.22 -10.31
N ASP A 24 -20.98 -28.10 -11.21
CA ASP A 24 -21.09 -29.52 -10.90
C ASP A 24 -19.76 -30.22 -11.11
N MET A 25 -18.96 -29.76 -12.08
CA MET A 25 -17.65 -30.36 -12.30
C MET A 25 -16.76 -30.11 -11.09
N ASP A 26 -16.82 -28.90 -10.54
CA ASP A 26 -16.02 -28.58 -9.35
C ASP A 26 -16.40 -29.47 -8.18
N GLU A 27 -17.71 -29.75 -8.04
CA GLU A 27 -18.16 -30.62 -6.95
C GLU A 27 -17.75 -32.06 -7.19
N LEU A 28 -17.74 -32.49 -8.47
CA LEU A 28 -17.30 -33.85 -8.78
C LEU A 28 -15.83 -34.01 -8.41
N LYS A 29 -15.05 -32.95 -8.60
CA LYS A 29 -13.64 -32.98 -8.22
C LYS A 29 -13.49 -32.86 -6.72
N LYS A 30 -14.49 -32.26 -6.04
CA LYS A 30 -14.47 -32.15 -4.59
C LYS A 30 -14.78 -33.49 -3.94
N GLU A 31 -15.57 -34.33 -4.62
CA GLU A 31 -15.91 -35.63 -4.08
C GLU A 31 -14.68 -36.52 -3.97
N VAL A 32 -14.62 -37.29 -2.87
CA VAL A 32 -13.51 -38.21 -2.61
C VAL A 32 -13.37 -39.17 -3.80
N SER A 33 -12.16 -39.67 -4.02
CA SER A 33 -11.95 -40.56 -5.16
C SER A 33 -12.34 -42.02 -4.84
N MET A 34 -12.45 -42.81 -5.91
CA MET A 34 -12.79 -44.22 -5.87
C MET A 34 -11.86 -44.96 -6.83
N ASP A 35 -11.77 -46.28 -6.69
CA ASP A 35 -10.87 -47.03 -7.56
C ASP A 35 -11.42 -48.42 -7.82
N ASP A 36 -10.59 -49.21 -8.52
CA ASP A 36 -10.80 -50.59 -8.92
C ASP A 36 -9.59 -51.43 -8.55
N HIS A 37 -8.92 -51.05 -7.46
CA HIS A 37 -7.73 -51.73 -6.99
C HIS A 37 -8.01 -53.17 -6.55
N LYS A 38 -9.14 -53.38 -5.87
CA LYS A 38 -9.52 -54.69 -5.38
C LYS A 38 -9.97 -55.63 -6.50
N LEU A 39 -9.01 -56.09 -7.30
CA LEU A 39 -9.29 -56.99 -8.42
C LEU A 39 -8.20 -58.03 -8.50
N SER A 40 -8.58 -59.25 -8.90
CA SER A 40 -7.59 -60.31 -9.03
C SER A 40 -6.63 -59.98 -10.16
N LEU A 41 -5.41 -60.55 -10.08
CA LEU A 41 -4.41 -60.32 -11.11
C LEU A 41 -4.91 -60.68 -12.50
N ASP A 42 -5.93 -61.54 -12.59
CA ASP A 42 -6.53 -61.93 -13.85
C ASP A 42 -7.63 -60.93 -14.25
N GLU A 43 -8.28 -60.32 -13.26
CA GLU A 43 -9.31 -59.33 -13.51
C GLU A 43 -8.71 -57.98 -13.88
N LEU A 44 -7.60 -57.62 -13.23
CA LEU A 44 -6.93 -56.34 -13.52
C LEU A 44 -6.41 -56.32 -14.97
N HIS A 45 -5.76 -57.42 -15.36
CA HIS A 45 -5.23 -57.53 -16.73
C HIS A 45 -6.37 -57.68 -17.73
N ARG A 46 -7.57 -58.07 -17.25
CA ARG A 46 -8.70 -58.17 -18.15
C ARG A 46 -9.32 -56.80 -18.45
N LYS A 47 -9.46 -55.95 -17.42
CA LYS A 47 -10.07 -54.63 -17.63
C LYS A 47 -9.21 -53.77 -18.56
N TYR A 48 -7.88 -53.84 -18.42
CA TYR A 48 -7.04 -53.03 -19.31
C TYR A 48 -6.46 -53.79 -20.51
N GLY A 49 -6.38 -55.12 -20.45
CA GLY A 49 -5.83 -55.89 -21.55
C GLY A 49 -4.33 -55.71 -21.66
N THR A 50 -3.58 -56.19 -20.65
CA THR A 50 -2.13 -56.05 -20.61
C THR A 50 -1.50 -57.30 -20.02
N ASP A 51 -0.35 -57.70 -20.56
CA ASP A 51 0.37 -58.87 -20.05
C ASP A 51 0.97 -58.52 -18.69
N LEU A 52 0.96 -59.49 -17.78
CA LEU A 52 1.49 -59.27 -16.45
C LEU A 52 3.01 -59.29 -16.37
N SER A 53 3.69 -59.94 -17.31
CA SER A 53 5.15 -60.01 -17.28
C SER A 53 5.84 -59.36 -18.48
N ARG A 54 5.17 -59.21 -19.62
CA ARG A 54 5.77 -58.59 -20.79
C ARG A 54 5.19 -57.23 -21.12
N GLY A 55 4.17 -56.78 -20.38
CA GLY A 55 3.56 -55.49 -20.61
C GLY A 55 2.66 -55.47 -21.84
N LEU A 56 3.05 -54.68 -22.84
CA LEU A 56 2.28 -54.58 -24.07
C LEU A 56 3.24 -54.35 -25.21
N THR A 57 2.77 -54.59 -26.42
CA THR A 57 3.60 -54.39 -27.60
C THR A 57 3.86 -52.90 -27.83
N PRO A 58 5.03 -52.54 -28.40
CA PRO A 58 5.31 -51.12 -28.66
C PRO A 58 4.28 -50.45 -29.55
N ALA A 59 3.66 -51.18 -30.47
CA ALA A 59 2.64 -50.59 -31.32
C ALA A 59 1.42 -50.20 -30.49
N ARG A 60 1.13 -50.98 -29.45
CA ARG A 60 0.00 -50.71 -28.55
C ARG A 60 0.18 -49.40 -27.78
N ALA A 61 1.42 -48.89 -27.71
CA ALA A 61 1.66 -47.65 -26.99
C ALA A 61 1.11 -46.43 -27.74
N ALA A 62 1.29 -46.39 -29.07
CA ALA A 62 0.79 -45.28 -29.87
C ALA A 62 -0.73 -45.29 -29.98
N GLU A 63 -1.38 -46.33 -29.47
CA GLU A 63 -2.83 -46.51 -29.47
C GLU A 63 -3.47 -45.89 -28.24
N ILE A 64 -2.66 -45.56 -27.24
CA ILE A 64 -3.12 -44.91 -26.01
C ILE A 64 -2.41 -43.58 -25.79
N LEU A 65 -1.25 -43.38 -26.44
CA LEU A 65 -0.50 -42.15 -26.30
C LEU A 65 -1.17 -41.02 -27.06
N ALA A 66 -1.60 -41.28 -28.30
CA ALA A 66 -2.27 -40.29 -29.11
C ALA A 66 -3.78 -40.40 -28.98
N ARG A 67 -4.27 -41.11 -27.97
CA ARG A 67 -5.70 -41.29 -27.74
C ARG A 67 -6.23 -40.35 -26.68
N ASP A 68 -5.67 -40.41 -25.46
CA ASP A 68 -6.12 -39.53 -24.38
C ASP A 68 -5.16 -38.39 -24.09
N GLY A 69 -3.86 -38.56 -24.36
CA GLY A 69 -2.91 -37.52 -24.12
C GLY A 69 -1.70 -38.02 -23.35
N PRO A 70 -0.55 -37.37 -23.57
CA PRO A 70 0.67 -37.78 -22.87
C PRO A 70 0.51 -37.72 -21.35
N ASN A 71 1.31 -38.54 -20.66
CA ASN A 71 1.28 -38.65 -19.20
C ASN A 71 1.94 -37.41 -18.61
N ALA A 72 1.15 -36.35 -18.49
CA ALA A 72 1.59 -35.07 -17.96
C ALA A 72 0.36 -34.22 -17.68
N LEU A 73 0.40 -33.49 -16.57
CA LEU A 73 -0.71 -32.62 -16.19
C LEU A 73 -0.83 -31.48 -17.18
N THR A 74 -2.05 -31.11 -17.52
CA THR A 74 -2.24 -29.99 -18.43
C THR A 74 -1.72 -28.73 -17.76
N PRO A 75 -0.82 -27.98 -18.40
CA PRO A 75 -0.28 -26.75 -17.80
C PRO A 75 -1.38 -25.82 -17.33
N PRO A 76 -1.09 -24.96 -16.36
CA PRO A 76 -2.12 -24.03 -15.85
C PRO A 76 -2.53 -23.01 -16.90
N PRO A 77 -3.64 -22.30 -16.67
CA PRO A 77 -4.09 -21.30 -17.65
C PRO A 77 -3.18 -20.08 -17.67
N THR A 78 -2.92 -19.56 -18.87
CA THR A 78 -2.04 -18.41 -19.07
C THR A 78 -2.83 -17.12 -19.22
N THR A 79 -2.48 -16.11 -18.40
CA THR A 79 -3.06 -14.76 -18.37
C THR A 79 -2.01 -13.82 -18.92
N PRO A 80 -2.07 -13.48 -20.24
CA PRO A 80 -1.05 -12.62 -20.88
C PRO A 80 -0.69 -11.30 -20.20
N GLU A 81 0.45 -10.78 -20.67
CA GLU A 81 1.07 -9.56 -20.15
C GLU A 81 0.10 -8.38 -20.00
N TRP A 82 -0.54 -7.96 -21.10
CA TRP A 82 -1.43 -6.80 -21.02
C TRP A 82 -2.62 -7.00 -20.09
N VAL A 83 -2.95 -8.24 -19.71
CA VAL A 83 -4.09 -8.43 -18.83
C VAL A 83 -3.81 -7.84 -17.44
N LYS A 84 -2.62 -8.07 -16.90
CA LYS A 84 -2.32 -7.51 -15.59
C LYS A 84 -2.20 -6.00 -15.63
N PHE A 85 -1.71 -5.46 -16.75
CA PHE A 85 -1.62 -4.02 -16.93
C PHE A 85 -3.01 -3.42 -16.87
N CYS A 86 -3.97 -4.04 -17.56
CA CYS A 86 -5.34 -3.54 -17.53
C CYS A 86 -6.00 -3.80 -16.17
N ARG A 87 -5.64 -4.91 -15.50
CA ARG A 87 -6.18 -5.22 -14.17
C ARG A 87 -5.83 -4.11 -13.20
N GLN A 88 -4.57 -3.67 -13.21
CA GLN A 88 -4.16 -2.60 -12.32
C GLN A 88 -4.71 -1.25 -12.79
N LEU A 89 -4.95 -1.11 -14.10
CA LEU A 89 -5.51 0.14 -14.62
C LEU A 89 -6.95 0.32 -14.17
N PHE A 90 -7.68 -0.77 -13.90
CA PHE A 90 -9.07 -0.60 -13.46
C PHE A 90 -9.20 -0.59 -11.94
N GLY A 91 -8.87 -1.71 -11.28
CA GLY A 91 -8.95 -1.82 -9.82
C GLY A 91 -10.21 -1.25 -9.21
N GLY A 92 -10.12 -0.73 -7.98
CA GLY A 92 -11.27 -0.09 -7.34
C GLY A 92 -10.94 1.36 -6.99
N PHE A 93 -9.70 1.54 -6.52
CA PHE A 93 -9.23 2.88 -6.21
C PHE A 93 -9.04 3.65 -7.50
N SER A 94 -8.45 2.96 -8.49
CA SER A 94 -8.29 3.57 -9.81
C SER A 94 -9.66 3.82 -10.41
N MET A 95 -10.68 3.06 -9.99
CA MET A 95 -12.04 3.31 -10.48
C MET A 95 -12.57 4.64 -9.93
N LEU A 96 -12.30 4.91 -8.65
CA LEU A 96 -12.72 6.20 -8.11
C LEU A 96 -12.01 7.33 -8.86
N LEU A 97 -10.73 7.14 -9.15
CA LEU A 97 -10.01 8.18 -9.89
C LEU A 97 -10.50 8.30 -11.35
N TRP A 98 -10.88 7.19 -11.98
CA TRP A 98 -11.38 7.24 -13.35
C TRP A 98 -12.71 7.99 -13.38
N ILE A 99 -13.60 7.74 -12.41
CA ILE A 99 -14.87 8.47 -12.42
C ILE A 99 -14.61 9.93 -12.12
N GLY A 100 -13.54 10.23 -11.37
CA GLY A 100 -13.23 11.64 -11.14
C GLY A 100 -12.79 12.32 -12.41
N ALA A 101 -11.93 11.64 -13.18
CA ALA A 101 -11.48 12.22 -14.46
C ALA A 101 -12.65 12.35 -15.45
N ILE A 102 -13.56 11.39 -15.42
CA ILE A 102 -14.73 11.44 -16.29
C ILE A 102 -15.61 12.63 -15.90
N LEU A 103 -15.82 12.84 -14.60
CA LEU A 103 -16.59 13.99 -14.15
C LEU A 103 -15.89 15.28 -14.53
N CYS A 104 -14.55 15.27 -14.55
CA CYS A 104 -13.80 16.46 -14.95
C CYS A 104 -14.07 16.80 -16.41
N PHE A 105 -14.03 15.78 -17.27
CA PHE A 105 -14.31 16.02 -18.68
C PHE A 105 -15.77 16.41 -18.91
N LEU A 106 -16.70 15.84 -18.13
CA LEU A 106 -18.10 16.22 -18.26
C LEU A 106 -18.32 17.66 -17.80
N ALA A 107 -17.63 18.08 -16.74
CA ALA A 107 -17.74 19.46 -16.29
C ALA A 107 -17.15 20.40 -17.32
N TYR A 108 -16.07 19.97 -17.97
CA TYR A 108 -15.48 20.81 -19.00
C TYR A 108 -16.43 20.93 -20.19
N GLY A 109 -17.15 19.84 -20.51
CA GLY A 109 -18.11 19.91 -21.59
C GLY A 109 -19.27 20.82 -21.24
N ILE A 110 -19.66 20.87 -19.97
CA ILE A 110 -20.76 21.73 -19.54
C ILE A 110 -20.29 23.19 -19.49
N GLN A 111 -19.00 23.40 -19.24
CA GLN A 111 -18.43 24.75 -19.17
C GLN A 111 -18.02 25.31 -20.53
N ALA A 112 -17.74 24.46 -21.51
CA ALA A 112 -17.29 24.94 -22.82
C ALA A 112 -18.42 25.60 -23.59
N ALA A 113 -19.58 24.98 -23.62
CA ALA A 113 -20.72 25.54 -24.34
C ALA A 113 -21.33 26.73 -23.63
N THR A 114 -20.66 27.28 -22.62
CA THR A 114 -21.25 28.39 -21.88
C THR A 114 -20.43 29.66 -21.69
N GLU A 115 -19.16 29.56 -21.31
CA GLU A 115 -18.40 30.76 -21.02
C GLU A 115 -17.53 31.24 -22.16
N GLU A 116 -17.40 32.56 -22.22
CA GLU A 116 -16.56 33.23 -23.21
C GLU A 116 -15.11 32.95 -22.82
N GLU A 117 -14.34 32.29 -23.71
CA GLU A 117 -12.94 31.90 -23.53
C GLU A 117 -12.75 31.21 -22.18
N PRO A 118 -13.07 29.90 -22.08
CA PRO A 118 -12.94 29.16 -20.80
C PRO A 118 -11.51 29.01 -20.27
N GLN A 119 -11.37 28.23 -19.21
CA GLN A 119 -10.09 27.98 -18.57
C GLN A 119 -9.73 26.50 -18.75
N ASN A 120 -8.45 26.17 -18.54
CA ASN A 120 -7.98 24.81 -18.71
C ASN A 120 -7.70 24.11 -17.38
N ASP A 121 -8.43 24.54 -16.35
CA ASP A 121 -8.30 23.99 -15.00
C ASP A 121 -8.80 22.55 -14.95
N ASN A 122 -10.06 22.34 -15.34
CA ASN A 122 -10.64 21.01 -15.31
C ASN A 122 -9.92 20.08 -16.27
N LEU A 123 -9.49 20.59 -17.42
CA LEU A 123 -8.77 19.76 -18.37
C LEU A 123 -7.43 19.28 -17.81
N TYR A 124 -6.69 20.18 -17.17
CA TYR A 124 -5.42 19.77 -16.57
C TYR A 124 -5.67 18.76 -15.45
N LEU A 125 -6.71 18.97 -14.64
CA LEU A 125 -7.01 18.04 -13.55
C LEU A 125 -7.39 16.66 -14.07
N GLY A 126 -8.17 16.60 -15.14
CA GLY A 126 -8.58 15.32 -15.67
C GLY A 126 -7.40 14.54 -16.22
N VAL A 127 -6.55 15.21 -17.01
CA VAL A 127 -5.38 14.50 -17.55
C VAL A 127 -4.45 14.07 -16.41
N VAL A 128 -4.38 14.87 -15.35
CA VAL A 128 -3.52 14.52 -14.22
C VAL A 128 -4.03 13.27 -13.53
N LEU A 129 -5.34 13.19 -13.25
CA LEU A 129 -5.88 12.00 -12.59
C LEU A 129 -5.68 10.75 -13.44
N SER A 130 -5.84 10.88 -14.76
CA SER A 130 -5.63 9.73 -15.63
C SER A 130 -4.17 9.27 -15.56
N ALA A 131 -3.24 10.22 -15.62
CA ALA A 131 -1.83 9.87 -15.52
C ALA A 131 -1.51 9.23 -14.18
N VAL A 132 -2.18 9.67 -13.12
CA VAL A 132 -1.96 9.09 -11.80
C VAL A 132 -2.32 7.62 -11.81
N VAL A 133 -3.49 7.31 -12.38
CA VAL A 133 -3.93 5.91 -12.45
C VAL A 133 -2.95 5.08 -13.27
N ILE A 134 -2.50 5.62 -14.41
CA ILE A 134 -1.57 4.88 -15.26
C ILE A 134 -0.24 4.67 -14.57
N ILE A 135 0.29 5.71 -13.91
CA ILE A 135 1.57 5.60 -13.21
C ILE A 135 1.49 4.55 -12.12
N THR A 136 0.39 4.56 -11.35
CA THR A 136 0.23 3.56 -10.29
C THR A 136 0.12 2.16 -10.86
N GLY A 137 -0.60 2.00 -11.97
CA GLY A 137 -0.71 0.69 -12.58
C GLY A 137 0.64 0.16 -13.04
N CYS A 138 1.46 1.04 -13.63
CA CYS A 138 2.79 0.63 -14.09
C CYS A 138 3.67 0.20 -12.92
N PHE A 139 3.68 1.00 -11.84
CA PHE A 139 4.50 0.65 -10.67
C PHE A 139 4.03 -0.66 -10.05
N SER A 140 2.71 -0.86 -9.94
CA SER A 140 2.17 -2.09 -9.39
C SER A 140 2.52 -3.27 -10.26
N TYR A 141 2.43 -3.12 -11.58
CA TYR A 141 2.76 -4.20 -12.48
C TYR A 141 4.23 -4.56 -12.37
N TYR A 142 5.09 -3.56 -12.20
CA TYR A 142 6.52 -3.82 -12.06
C TYR A 142 6.80 -4.67 -10.82
N GLN A 143 6.20 -4.29 -9.68
CA GLN A 143 6.42 -5.07 -8.45
C GLN A 143 5.87 -6.49 -8.57
N GLU A 144 4.60 -6.64 -9.01
CA GLU A 144 4.00 -7.97 -9.16
C GLU A 144 4.71 -8.82 -10.21
N ALA A 145 5.34 -8.18 -11.20
CA ALA A 145 6.07 -8.94 -12.20
C ALA A 145 7.40 -9.42 -11.64
N LYS A 146 8.06 -8.59 -10.83
CA LYS A 146 9.33 -9.00 -10.23
C LYS A 146 9.12 -10.23 -9.34
N SER A 147 7.99 -10.25 -8.63
CA SER A 147 7.69 -11.39 -7.77
C SER A 147 7.56 -12.67 -8.59
N SER A 148 6.78 -12.63 -9.67
CA SER A 148 6.65 -13.84 -10.48
C SER A 148 7.95 -14.23 -11.18
N LYS A 149 8.81 -13.26 -11.51
CA LYS A 149 10.06 -13.59 -12.17
C LYS A 149 10.98 -14.35 -11.23
N ILE A 150 11.07 -13.92 -9.97
CA ILE A 150 11.94 -14.66 -9.06
C ILE A 150 11.31 -16.02 -8.74
N MET A 151 9.96 -16.12 -8.71
CA MET A 151 9.35 -17.43 -8.50
C MET A 151 9.68 -18.37 -9.66
N GLU A 152 9.72 -17.83 -10.87
CA GLU A 152 10.07 -18.63 -12.04
C GLU A 152 11.54 -19.05 -11.98
N SER A 153 12.40 -18.20 -11.43
CA SER A 153 13.81 -18.56 -11.29
C SER A 153 14.02 -19.59 -10.19
N PHE A 154 12.98 -19.83 -9.37
CA PHE A 154 13.05 -20.83 -8.31
C PHE A 154 12.33 -22.13 -8.65
N LYS A 155 11.43 -22.14 -9.65
CA LYS A 155 10.67 -23.34 -10.02
C LYS A 155 11.25 -24.11 -11.23
N ASN A 156 12.54 -24.43 -11.28
CA ASN A 156 13.11 -25.15 -12.43
C ASN A 156 13.02 -26.66 -12.21
N MET A 157 11.99 -27.29 -12.78
CA MET A 157 11.78 -28.73 -12.69
C MET A 157 12.25 -29.42 -13.97
N VAL A 158 12.95 -30.54 -13.82
CA VAL A 158 13.53 -31.32 -14.92
C VAL A 158 12.72 -32.60 -15.17
N PRO A 159 12.64 -33.11 -16.41
CA PRO A 159 11.89 -34.35 -16.65
C PRO A 159 12.50 -35.56 -15.95
N GLN A 160 11.62 -36.51 -15.61
CA GLN A 160 12.00 -37.75 -14.94
C GLN A 160 11.36 -38.89 -15.71
N GLN A 161 12.18 -39.65 -16.42
CA GLN A 161 11.68 -40.75 -17.22
C GLN A 161 11.39 -42.00 -16.38
N ALA A 162 10.50 -42.83 -16.90
CA ALA A 162 10.03 -44.07 -16.31
C ALA A 162 10.64 -45.31 -16.96
N LEU A 163 10.82 -46.34 -16.14
CA LEU A 163 11.36 -47.64 -16.57
C LEU A 163 10.16 -48.53 -16.90
N VAL A 164 9.83 -48.63 -18.18
CA VAL A 164 8.70 -49.42 -18.65
C VAL A 164 9.20 -50.72 -19.27
N ILE A 165 8.42 -51.78 -19.08
CA ILE A 165 8.72 -53.09 -19.66
C ILE A 165 7.75 -53.28 -20.81
N ARG A 166 8.28 -53.26 -22.04
CA ARG A 166 7.45 -53.42 -23.22
C ARG A 166 8.04 -54.49 -24.12
N ASN A 167 7.17 -55.36 -24.64
CA ASN A 167 7.55 -56.48 -25.51
C ASN A 167 8.52 -57.42 -24.81
N GLY A 168 8.47 -57.47 -23.49
CA GLY A 168 9.37 -58.30 -22.72
C GLY A 168 10.76 -57.73 -22.55
N GLU A 169 11.01 -56.51 -23.05
CA GLU A 169 12.31 -55.87 -22.95
C GLU A 169 12.18 -54.57 -22.13
N LYS A 170 13.18 -54.31 -21.30
CA LYS A 170 13.18 -53.12 -20.47
C LYS A 170 13.59 -51.91 -21.29
N MET A 171 12.91 -50.78 -21.06
CA MET A 171 13.22 -49.56 -21.79
C MET A 171 12.89 -48.37 -20.92
N SER A 172 13.80 -47.41 -20.86
CA SER A 172 13.63 -46.19 -20.07
C SER A 172 13.15 -45.12 -21.03
N ILE A 173 11.91 -44.68 -20.86
CA ILE A 173 11.30 -43.68 -21.73
C ILE A 173 10.75 -42.54 -20.89
N ASN A 174 10.57 -41.39 -21.54
CA ASN A 174 10.05 -40.19 -20.88
C ASN A 174 8.70 -40.49 -20.19
N ALA A 175 8.46 -39.76 -19.09
CA ALA A 175 7.22 -39.96 -18.33
C ALA A 175 5.99 -39.67 -19.16
N GLU A 176 6.07 -38.68 -20.06
CA GLU A 176 4.93 -38.34 -20.91
C GLU A 176 4.64 -39.40 -21.96
N GLU A 177 5.57 -40.33 -22.20
CA GLU A 177 5.39 -41.39 -23.17
C GLU A 177 4.74 -42.63 -22.55
N VAL A 178 4.46 -42.58 -21.25
CA VAL A 178 3.81 -43.69 -20.56
C VAL A 178 2.31 -43.59 -20.80
N VAL A 179 1.65 -44.74 -20.93
CA VAL A 179 0.21 -44.77 -21.20
C VAL A 179 -0.51 -45.56 -20.13
N VAL A 180 -1.81 -45.74 -20.28
CA VAL A 180 -2.59 -46.49 -19.32
C VAL A 180 -2.47 -47.97 -19.60
N GLY A 181 -2.10 -48.74 -18.59
CA GLY A 181 -1.98 -50.19 -18.74
C GLY A 181 -0.73 -50.78 -19.35
N ASP A 182 0.45 -50.43 -18.86
CA ASP A 182 1.70 -51.01 -19.34
C ASP A 182 2.59 -51.18 -18.14
N LEU A 183 3.11 -52.39 -17.96
CA LEU A 183 3.97 -52.74 -16.84
C LEU A 183 5.09 -51.72 -16.63
N VAL A 184 5.20 -51.23 -15.40
CA VAL A 184 6.22 -50.27 -14.99
C VAL A 184 6.94 -50.82 -13.77
N GLU A 185 8.27 -50.77 -13.79
CA GLU A 185 9.12 -51.26 -12.72
C GLU A 185 9.80 -50.07 -12.05
N VAL A 186 9.49 -49.85 -10.78
CA VAL A 186 10.07 -48.75 -10.03
C VAL A 186 11.14 -49.30 -9.08
N LYS A 187 12.34 -48.76 -9.22
CA LYS A 187 13.51 -49.13 -8.44
C LYS A 187 13.62 -48.20 -7.23
N GLY A 188 14.34 -48.65 -6.20
CA GLY A 188 14.52 -47.83 -5.03
C GLY A 188 15.29 -46.58 -5.39
N GLY A 189 14.59 -45.45 -5.42
CA GLY A 189 15.23 -44.19 -5.76
C GLY A 189 14.50 -43.43 -6.86
N ASP A 190 13.69 -44.13 -7.65
CA ASP A 190 12.95 -43.50 -8.73
C ASP A 190 11.60 -42.99 -8.23
N ARG A 191 11.10 -41.97 -8.92
CA ARG A 191 9.82 -41.39 -8.58
C ARG A 191 8.73 -42.10 -9.35
N ILE A 192 7.63 -42.41 -8.66
CA ILE A 192 6.49 -43.11 -9.27
C ILE A 192 5.95 -42.25 -10.40
N PRO A 193 6.09 -42.70 -11.65
CA PRO A 193 5.62 -41.91 -12.80
C PRO A 193 4.13 -41.60 -12.80
N ALA A 194 3.29 -42.62 -12.83
CA ALA A 194 1.84 -42.45 -12.83
C ALA A 194 1.23 -43.32 -11.75
N ASP A 195 -0.08 -43.24 -11.61
CA ASP A 195 -0.78 -44.05 -10.62
C ASP A 195 -0.72 -45.51 -11.06
N LEU A 196 -0.02 -46.34 -10.28
CA LEU A 196 0.18 -47.75 -10.59
C LEU A 196 -0.63 -48.65 -9.66
N ARG A 197 -0.78 -49.91 -10.10
CA ARG A 197 -1.48 -50.98 -9.38
C ARG A 197 -0.39 -52.02 -9.18
N ILE A 198 0.12 -52.08 -7.96
CA ILE A 198 1.21 -52.98 -7.59
C ILE A 198 0.82 -54.43 -7.82
N ILE A 199 1.74 -55.20 -8.42
CA ILE A 199 1.50 -56.62 -8.69
C ILE A 199 2.58 -57.50 -8.06
N SER A 200 3.78 -56.96 -7.85
CA SER A 200 4.89 -57.71 -7.23
C SER A 200 5.84 -56.70 -6.61
N ALA A 201 6.07 -56.80 -5.30
CA ALA A 201 6.94 -55.89 -4.59
C ALA A 201 7.97 -56.67 -3.80
N ASN A 202 9.00 -55.96 -3.33
CA ASN A 202 10.07 -56.58 -2.57
C ASN A 202 10.51 -55.67 -1.43
N GLY A 203 9.55 -55.16 -0.66
CA GLY A 203 9.90 -54.28 0.44
C GLY A 203 10.03 -52.84 -0.02
N CYS A 204 9.09 -52.43 -0.88
CA CYS A 204 9.06 -51.07 -1.41
C CYS A 204 8.32 -50.17 -0.42
N LYS A 205 8.90 -49.03 -0.08
CA LYS A 205 8.27 -48.08 0.84
C LYS A 205 8.14 -46.76 0.11
N VAL A 206 7.02 -46.55 -0.58
CA VAL A 206 6.83 -45.30 -1.31
C VAL A 206 6.60 -44.17 -0.31
N ASP A 207 7.04 -42.96 -0.69
CA ASP A 207 6.90 -41.77 0.13
C ASP A 207 5.68 -40.99 -0.32
N ASN A 208 4.58 -41.19 0.40
CA ASN A 208 3.32 -40.49 0.11
C ASN A 208 3.21 -39.23 0.98
N SER A 209 4.25 -38.40 0.92
CA SER A 209 4.28 -37.17 1.71
C SER A 209 3.47 -36.08 1.02
N SER A 210 3.87 -35.73 -0.20
CA SER A 210 3.21 -34.66 -0.95
C SER A 210 1.73 -34.95 -1.24
N LEU A 211 1.31 -36.21 -1.31
CA LEU A 211 -0.09 -36.48 -1.65
C LEU A 211 -1.02 -36.73 -0.46
N THR A 212 -0.81 -37.80 0.29
CA THR A 212 -1.72 -38.09 1.40
C THR A 212 -1.31 -37.39 2.69
N GLY A 213 -0.02 -37.24 2.93
CA GLY A 213 0.46 -36.62 4.14
C GLY A 213 1.01 -37.59 5.16
N GLU A 214 1.10 -38.89 4.81
CA GLU A 214 1.62 -39.91 5.71
C GLU A 214 3.12 -39.70 5.86
N SER A 215 3.54 -39.25 7.05
CA SER A 215 4.96 -38.98 7.32
C SER A 215 5.84 -40.22 7.17
N GLU A 216 5.57 -41.24 7.98
CA GLU A 216 6.36 -42.46 7.94
C GLU A 216 6.19 -43.14 6.58
N PRO A 217 7.29 -43.56 5.93
CA PRO A 217 7.20 -44.21 4.61
C PRO A 217 6.29 -45.44 4.61
N GLN A 218 5.29 -45.43 3.73
CA GLN A 218 4.34 -46.53 3.69
C GLN A 218 4.80 -47.57 2.69
N THR A 219 4.82 -48.84 3.12
CA THR A 219 5.22 -49.93 2.25
C THR A 219 4.10 -50.27 1.27
N ARG A 220 4.48 -50.73 0.09
CA ARG A 220 3.57 -51.09 -0.98
C ARG A 220 3.59 -52.60 -1.15
N SER A 221 2.43 -53.23 -0.95
CA SER A 221 2.19 -54.65 -1.03
C SER A 221 1.24 -54.95 -2.18
N PRO A 222 1.54 -55.92 -3.04
CA PRO A 222 0.62 -56.24 -4.16
C PRO A 222 -0.78 -56.62 -3.73
N ASP A 223 -0.94 -57.19 -2.54
CA ASP A 223 -2.24 -57.60 -2.04
C ASP A 223 -3.03 -56.42 -1.52
N PHE A 224 -4.33 -56.42 -1.82
CA PHE A 224 -5.24 -55.36 -1.38
C PHE A 224 -5.33 -55.36 0.15
N THR A 225 -5.17 -54.19 0.77
CA THR A 225 -5.21 -54.09 2.23
C THR A 225 -6.38 -53.27 2.76
N ASN A 226 -6.55 -52.02 2.35
CA ASN A 226 -7.62 -51.16 2.85
C ASN A 226 -8.58 -50.75 1.73
N GLU A 227 -9.85 -50.55 2.10
CA GLU A 227 -10.87 -50.14 1.14
C GLU A 227 -10.52 -48.80 0.49
N ASN A 228 -10.00 -47.88 1.29
CA ASN A 228 -9.61 -46.57 0.80
C ASN A 228 -8.46 -46.74 -0.20
N PRO A 229 -8.60 -46.26 -1.43
CA PRO A 229 -7.51 -46.39 -2.41
C PRO A 229 -6.22 -45.68 -2.00
N LEU A 230 -6.23 -44.86 -0.95
CA LEU A 230 -5.03 -44.16 -0.48
C LEU A 230 -4.30 -44.95 0.59
N GLU A 231 -5.05 -45.38 1.61
CA GLU A 231 -4.46 -46.16 2.70
C GLU A 231 -4.02 -47.53 2.24
N THR A 232 -4.55 -48.03 1.12
CA THR A 232 -4.16 -49.34 0.61
C THR A 232 -2.70 -49.31 0.18
N ARG A 233 -2.09 -50.49 0.14
CA ARG A 233 -0.70 -50.62 -0.24
C ARG A 233 -0.49 -51.10 -1.67
N ASN A 234 -1.54 -51.51 -2.37
CA ASN A 234 -1.40 -51.99 -3.73
C ASN A 234 -1.56 -50.87 -4.78
N ILE A 235 -1.31 -49.62 -4.40
CA ILE A 235 -1.45 -48.50 -5.32
C ILE A 235 -0.29 -47.54 -5.15
N ALA A 236 0.39 -47.24 -6.26
CA ALA A 236 1.48 -46.29 -6.29
C ALA A 236 0.86 -45.00 -6.84
N PHE A 237 1.27 -43.85 -6.29
CA PHE A 237 0.67 -42.59 -6.70
C PHE A 237 1.65 -41.67 -7.42
N PHE A 238 1.08 -40.79 -8.23
CA PHE A 238 1.84 -39.82 -8.98
C PHE A 238 2.53 -38.86 -8.00
N SER A 239 3.74 -38.42 -8.37
CA SER A 239 4.55 -37.49 -7.61
C SER A 239 5.03 -38.08 -6.29
N THR A 240 5.18 -39.38 -6.21
CA THR A 240 5.65 -40.04 -5.01
C THR A 240 6.97 -40.73 -5.34
N ASN A 241 7.94 -40.58 -4.45
CA ASN A 241 9.25 -41.19 -4.66
C ASN A 241 9.34 -42.52 -3.92
N CYS A 242 9.93 -43.52 -4.58
CA CYS A 242 10.11 -44.84 -3.99
C CYS A 242 11.34 -44.78 -3.09
N VAL A 243 11.13 -44.76 -1.76
CA VAL A 243 12.24 -44.65 -0.80
C VAL A 243 13.18 -45.84 -0.92
N GLU A 244 12.65 -47.05 -0.82
CA GLU A 244 13.49 -48.23 -0.90
C GLU A 244 12.72 -49.37 -1.55
N GLY A 245 13.43 -50.48 -1.77
CA GLY A 245 12.84 -51.65 -2.39
C GLY A 245 12.52 -51.42 -3.85
N THR A 246 11.96 -52.46 -4.46
CA THR A 246 11.58 -52.39 -5.87
C THR A 246 10.17 -52.95 -6.01
N ALA A 247 9.50 -52.56 -7.10
CA ALA A 247 8.14 -53.05 -7.28
C ALA A 247 7.73 -52.96 -8.75
N ARG A 248 6.68 -53.70 -9.08
CA ARG A 248 6.10 -53.77 -10.42
C ARG A 248 4.64 -53.36 -10.37
N GLY A 249 4.14 -52.80 -11.47
CA GLY A 249 2.75 -52.40 -11.46
C GLY A 249 2.18 -52.00 -12.80
N ILE A 250 0.84 -52.08 -12.91
CA ILE A 250 0.15 -51.72 -14.13
C ILE A 250 -0.41 -50.31 -13.97
N VAL A 251 -0.25 -49.49 -15.01
CA VAL A 251 -0.72 -48.10 -14.97
C VAL A 251 -2.24 -48.06 -14.99
N VAL A 252 -2.84 -47.43 -13.97
CA VAL A 252 -4.28 -47.31 -13.86
C VAL A 252 -4.74 -45.96 -14.39
N TYR A 253 -4.18 -44.87 -13.85
CA TYR A 253 -4.52 -43.53 -14.27
C TYR A 253 -3.30 -42.83 -14.84
N THR A 254 -3.54 -41.87 -15.73
CA THR A 254 -2.46 -41.12 -16.35
C THR A 254 -2.85 -39.66 -16.49
N GLY A 255 -1.83 -38.82 -16.66
CA GLY A 255 -2.02 -37.39 -16.84
C GLY A 255 -2.86 -36.75 -15.75
N ASP A 256 -3.84 -35.95 -16.17
CA ASP A 256 -4.74 -35.28 -15.23
C ASP A 256 -5.69 -36.25 -14.54
N ARG A 257 -5.86 -37.45 -15.09
CA ARG A 257 -6.75 -38.43 -14.49
C ARG A 257 -6.16 -39.06 -13.24
N THR A 258 -4.95 -38.65 -12.85
CA THR A 258 -4.32 -39.21 -11.66
C THR A 258 -4.92 -38.59 -10.40
N VAL A 259 -4.54 -39.14 -9.25
CA VAL A 259 -5.05 -38.63 -7.98
C VAL A 259 -4.60 -37.19 -7.77
N MET A 260 -3.29 -36.98 -7.72
CA MET A 260 -2.77 -35.62 -7.57
C MET A 260 -3.09 -34.76 -8.77
N GLY A 261 -3.33 -35.37 -9.93
CA GLY A 261 -3.70 -34.58 -11.09
C GLY A 261 -5.07 -33.95 -10.90
N ARG A 262 -6.00 -34.73 -10.35
CA ARG A 262 -7.34 -34.21 -10.07
C ARG A 262 -7.29 -33.21 -8.93
N ILE A 263 -6.38 -33.41 -7.97
CA ILE A 263 -6.28 -32.44 -6.88
C ILE A 263 -5.73 -31.11 -7.40
N ALA A 264 -4.75 -31.17 -8.32
CA ALA A 264 -4.19 -29.95 -8.89
C ALA A 264 -5.21 -29.22 -9.76
N THR A 265 -5.96 -29.97 -10.58
CA THR A 265 -6.98 -29.32 -11.40
C THR A 265 -8.07 -28.72 -10.52
N LEU A 266 -8.38 -29.35 -9.38
CA LEU A 266 -9.37 -28.77 -8.47
C LEU A 266 -8.84 -27.47 -7.89
N ALA A 267 -7.56 -27.43 -7.57
CA ALA A 267 -6.96 -26.21 -7.05
C ALA A 267 -7.02 -25.09 -8.08
N SER A 268 -6.81 -25.43 -9.36
CA SER A 268 -6.86 -24.41 -10.41
C SER A 268 -8.28 -23.91 -10.66
N GLY A 269 -9.29 -24.68 -10.29
CA GLY A 269 -10.67 -24.28 -10.50
C GLY A 269 -11.37 -23.69 -9.30
N LEU A 270 -10.64 -23.25 -8.28
CA LEU A 270 -11.25 -22.68 -7.08
C LEU A 270 -11.18 -21.16 -7.11
N GLU A 271 -12.08 -20.55 -6.34
CA GLU A 271 -12.21 -19.10 -6.25
C GLU A 271 -11.27 -18.52 -5.20
N GLY A 272 -10.55 -17.46 -5.56
CA GLY A 272 -9.65 -16.83 -4.62
C GLY A 272 -10.37 -16.08 -3.52
N GLY A 273 -11.48 -15.41 -3.87
CA GLY A 273 -12.26 -14.66 -2.89
C GLY A 273 -11.79 -13.23 -2.73
N GLN A 274 -12.47 -12.53 -1.82
CA GLN A 274 -12.16 -11.13 -1.54
C GLN A 274 -11.21 -11.02 -0.35
N THR A 275 -10.05 -10.39 -0.59
CA THR A 275 -9.05 -10.22 0.46
C THR A 275 -9.55 -9.22 1.51
N PRO A 276 -9.07 -9.33 2.76
CA PRO A 276 -9.55 -8.39 3.80
C PRO A 276 -9.11 -6.96 3.59
N ILE A 277 -7.97 -6.76 2.96
CA ILE A 277 -7.46 -5.40 2.73
C ILE A 277 -8.24 -4.70 1.63
N ALA A 278 -8.60 -5.44 0.56
CA ALA A 278 -9.37 -4.83 -0.52
C ALA A 278 -10.73 -4.39 -0.02
N ALA A 279 -11.31 -5.14 0.91
CA ALA A 279 -12.59 -4.75 1.46
C ALA A 279 -12.44 -3.45 2.25
N GLU A 280 -11.30 -3.29 2.92
CA GLU A 280 -11.09 -2.03 3.63
C GLU A 280 -10.91 -0.85 2.65
N ILE A 281 -10.17 -1.07 1.55
CA ILE A 281 -9.99 -0.01 0.57
C ILE A 281 -11.35 0.39 -0.01
N GLU A 282 -12.22 -0.59 -0.25
CA GLU A 282 -13.55 -0.30 -0.77
C GLU A 282 -14.37 0.50 0.22
N HIS A 283 -14.37 0.08 1.51
CA HIS A 283 -15.11 0.80 2.53
C HIS A 283 -14.59 2.23 2.67
N PHE A 284 -13.30 2.41 2.40
CA PHE A 284 -12.71 3.75 2.44
C PHE A 284 -13.25 4.61 1.31
N ILE A 285 -13.25 4.07 0.09
CA ILE A 285 -13.79 4.78 -1.06
C ILE A 285 -15.23 5.15 -0.81
N HIS A 286 -15.93 4.28 -0.09
CA HIS A 286 -17.33 4.51 0.25
C HIS A 286 -17.52 5.77 1.09
N ILE A 287 -16.69 5.94 2.13
CA ILE A 287 -16.85 7.16 2.93
C ILE A 287 -16.34 8.38 2.14
N ILE A 288 -15.34 8.18 1.28
CA ILE A 288 -14.83 9.29 0.47
C ILE A 288 -15.95 9.85 -0.38
N THR A 289 -16.67 8.96 -1.08
CA THR A 289 -17.79 9.41 -1.88
C THR A 289 -18.89 9.95 -1.01
N GLY A 290 -19.05 9.41 0.20
CA GLY A 290 -20.08 9.91 1.10
C GLY A 290 -19.92 11.39 1.36
N VAL A 291 -18.71 11.82 1.72
CA VAL A 291 -18.51 13.24 1.97
C VAL A 291 -18.51 14.01 0.67
N ALA A 292 -17.90 13.45 -0.40
CA ALA A 292 -17.84 14.13 -1.68
C ALA A 292 -19.22 14.53 -2.18
N VAL A 293 -20.10 13.54 -2.36
CA VAL A 293 -21.44 13.85 -2.84
C VAL A 293 -22.26 14.61 -1.80
N PHE A 294 -22.05 14.39 -0.49
CA PHE A 294 -22.82 15.14 0.48
C PHE A 294 -22.50 16.63 0.41
N LEU A 295 -21.22 16.97 0.36
CA LEU A 295 -20.81 18.37 0.26
C LEU A 295 -21.21 18.95 -1.09
N GLY A 296 -21.13 18.15 -2.15
CA GLY A 296 -21.53 18.64 -3.47
C GLY A 296 -23.02 18.95 -3.58
N VAL A 297 -23.87 18.11 -2.97
CA VAL A 297 -25.32 18.33 -3.01
C VAL A 297 -25.72 19.47 -2.07
N SER A 298 -25.16 19.50 -0.84
CA SER A 298 -25.49 20.60 0.07
C SER A 298 -25.03 21.92 -0.51
N PHE A 299 -23.82 21.97 -1.07
CA PHE A 299 -23.34 23.20 -1.69
C PHE A 299 -24.04 23.46 -3.01
N PHE A 300 -24.63 22.45 -3.64
CA PHE A 300 -25.39 22.70 -4.86
C PHE A 300 -26.66 23.46 -4.52
N ILE A 301 -27.37 22.99 -3.46
CA ILE A 301 -28.56 23.68 -2.99
C ILE A 301 -28.21 25.09 -2.52
N LEU A 302 -27.10 25.22 -1.78
CA LEU A 302 -26.67 26.53 -1.29
C LEU A 302 -26.31 27.46 -2.42
N SER A 303 -25.58 26.96 -3.42
CA SER A 303 -25.18 27.76 -4.58
C SER A 303 -26.40 28.28 -5.33
N LEU A 304 -27.40 27.41 -5.53
CA LEU A 304 -28.60 27.88 -6.23
C LEU A 304 -29.36 28.87 -5.36
N ILE A 305 -29.51 28.57 -4.06
CA ILE A 305 -30.23 29.44 -3.14
C ILE A 305 -29.57 30.81 -3.07
N LEU A 306 -28.27 30.90 -3.37
CA LEU A 306 -27.67 32.23 -3.31
C LEU A 306 -27.96 33.03 -4.57
N GLU A 307 -27.24 32.78 -5.66
CA GLU A 307 -27.52 33.52 -6.88
C GLU A 307 -27.05 32.84 -8.16
N TYR A 308 -26.49 31.64 -8.05
CA TYR A 308 -25.95 31.01 -9.24
C TYR A 308 -27.03 30.30 -10.05
N THR A 309 -26.67 30.02 -11.30
CA THR A 309 -27.52 29.35 -12.27
C THR A 309 -27.29 27.85 -12.26
N TRP A 310 -28.23 27.11 -12.87
CA TRP A 310 -28.11 25.65 -12.95
C TRP A 310 -26.83 25.26 -13.65
N LEU A 311 -26.47 26.02 -14.68
CA LEU A 311 -25.26 25.80 -15.46
C LEU A 311 -24.01 25.84 -14.58
N GLU A 312 -23.89 26.87 -13.75
CA GLU A 312 -22.74 26.99 -12.87
C GLU A 312 -22.86 26.05 -11.66
N ALA A 313 -24.08 25.76 -11.23
CA ALA A 313 -24.30 24.86 -10.09
C ALA A 313 -23.83 23.45 -10.40
N VAL A 314 -24.06 22.97 -11.64
CA VAL A 314 -23.60 21.64 -12.01
C VAL A 314 -22.08 21.58 -12.01
N ILE A 315 -21.44 22.64 -12.52
CA ILE A 315 -19.99 22.74 -12.54
C ILE A 315 -19.47 22.68 -11.11
N PHE A 316 -20.12 23.41 -10.21
CA PHE A 316 -19.73 23.40 -8.80
C PHE A 316 -19.82 21.98 -8.26
N LEU A 317 -21.02 21.38 -8.30
CA LEU A 317 -21.24 20.02 -7.82
C LEU A 317 -20.14 19.06 -8.27
N ILE A 318 -19.80 19.09 -9.56
CA ILE A 318 -18.75 18.22 -10.05
C ILE A 318 -17.41 18.57 -9.42
N GLY A 319 -17.09 19.88 -9.34
CA GLY A 319 -15.81 20.28 -8.75
C GLY A 319 -15.67 19.94 -7.28
N ILE A 320 -16.77 20.01 -6.52
CA ILE A 320 -16.73 19.68 -5.09
C ILE A 320 -16.54 18.18 -4.92
N ILE A 321 -17.22 17.38 -5.74
CA ILE A 321 -17.07 15.93 -5.61
C ILE A 321 -15.67 15.51 -6.04
N VAL A 322 -15.15 16.08 -7.14
CA VAL A 322 -13.83 15.72 -7.63
C VAL A 322 -12.73 16.19 -6.68
N ALA A 323 -12.80 17.44 -6.23
CA ALA A 323 -11.79 17.96 -5.31
C ALA A 323 -11.79 17.24 -3.97
N ASN A 324 -12.80 16.42 -3.70
CA ASN A 324 -12.91 15.68 -2.46
C ASN A 324 -12.40 14.24 -2.63
N VAL A 325 -11.77 13.95 -3.75
CA VAL A 325 -11.23 12.61 -4.03
C VAL A 325 -9.72 12.67 -3.83
N PRO A 326 -9.15 11.91 -2.91
CA PRO A 326 -7.70 11.96 -2.72
C PRO A 326 -6.99 11.33 -3.89
N GLU A 327 -6.41 12.19 -4.73
CA GLU A 327 -5.71 11.73 -5.92
C GLU A 327 -4.41 11.03 -5.57
N GLY A 328 -3.52 11.75 -4.88
CA GLY A 328 -2.22 11.21 -4.49
C GLY A 328 -2.26 10.08 -3.51
N LEU A 329 -3.42 9.75 -2.95
CA LEU A 329 -3.49 8.66 -1.99
C LEU A 329 -3.29 7.29 -2.64
N LEU A 330 -3.52 7.17 -3.94
CA LEU A 330 -3.34 5.90 -4.62
C LEU A 330 -1.87 5.49 -4.64
N ALA A 331 -1.00 6.41 -5.13
CA ALA A 331 0.43 6.09 -5.18
C ALA A 331 1.00 5.88 -3.78
N THR A 332 0.53 6.68 -2.80
CA THR A 332 1.02 6.52 -1.44
C THR A 332 0.63 5.17 -0.88
N VAL A 333 -0.62 4.74 -1.07
CA VAL A 333 -1.03 3.44 -0.55
C VAL A 333 -0.28 2.33 -1.25
N THR A 334 -0.09 2.44 -2.56
CA THR A 334 0.64 1.41 -3.31
C THR A 334 2.08 1.28 -2.80
N VAL A 335 2.81 2.39 -2.74
CA VAL A 335 4.19 2.32 -2.24
C VAL A 335 4.20 1.92 -0.78
N CYS A 336 3.20 2.34 -0.01
CA CYS A 336 3.11 1.97 1.40
C CYS A 336 3.07 0.46 1.55
N LEU A 337 2.27 -0.22 0.71
CA LEU A 337 2.20 -1.67 0.77
C LEU A 337 3.46 -2.29 0.19
N THR A 338 4.04 -1.65 -0.83
CA THR A 338 5.25 -2.17 -1.46
C THR A 338 6.43 -2.19 -0.50
N LEU A 339 6.56 -1.16 0.35
CA LEU A 339 7.66 -1.12 1.30
C LEU A 339 7.59 -2.29 2.26
N THR A 340 6.42 -2.50 2.87
CA THR A 340 6.28 -3.62 3.79
C THR A 340 6.49 -4.94 3.06
N ALA A 341 6.08 -5.02 1.79
CA ALA A 341 6.30 -6.25 1.04
C ALA A 341 7.77 -6.48 0.76
N LYS A 342 8.53 -5.40 0.55
CA LYS A 342 9.96 -5.55 0.31
C LYS A 342 10.66 -6.02 1.58
N ARG A 343 10.18 -5.57 2.74
CA ARG A 343 10.78 -6.06 3.99
C ARG A 343 10.53 -7.55 4.13
N MET A 344 9.41 -8.05 3.56
CA MET A 344 9.16 -9.49 3.60
C MET A 344 10.08 -10.22 2.61
N ALA A 345 10.31 -9.62 1.45
CA ALA A 345 11.19 -10.22 0.46
C ALA A 345 12.63 -10.29 0.96
N ARG A 346 13.03 -9.33 1.80
CA ARG A 346 14.37 -9.37 2.36
C ARG A 346 14.56 -10.56 3.28
N LYS A 347 13.50 -10.97 3.97
CA LYS A 347 13.51 -12.09 4.88
C LYS A 347 12.99 -13.37 4.25
N ASN A 348 12.86 -13.40 2.91
CA ASN A 348 12.41 -14.53 2.11
C ASN A 348 10.91 -14.82 2.25
N CYS A 349 10.13 -13.88 2.77
CA CYS A 349 8.69 -14.04 2.92
C CYS A 349 7.99 -13.39 1.73
N LEU A 350 8.31 -13.92 0.54
CA LEU A 350 7.78 -13.38 -0.71
C LEU A 350 6.26 -13.43 -0.76
N VAL A 351 5.67 -12.42 -1.41
CA VAL A 351 4.22 -12.30 -1.58
C VAL A 351 3.92 -12.05 -3.05
N LYS A 352 3.16 -12.94 -3.67
CA LYS A 352 2.82 -12.76 -5.07
C LYS A 352 1.72 -11.72 -5.26
N ASN A 353 0.85 -11.57 -4.26
CA ASN A 353 -0.25 -10.62 -4.26
C ASN A 353 0.18 -9.41 -3.43
N LEU A 354 0.30 -8.25 -4.08
CA LEU A 354 0.74 -7.03 -3.40
C LEU A 354 -0.08 -6.71 -2.16
N GLU A 355 -1.37 -7.04 -2.17
CA GLU A 355 -2.20 -6.75 -1.01
C GLU A 355 -2.24 -7.90 -0.01
N ALA A 356 -1.63 -9.04 -0.32
CA ALA A 356 -1.62 -10.14 0.63
C ALA A 356 -0.66 -9.93 1.78
N VAL A 357 0.13 -8.85 1.75
CA VAL A 357 1.08 -8.59 2.83
C VAL A 357 0.36 -8.27 4.13
N GLU A 358 -0.83 -7.66 4.04
CA GLU A 358 -1.57 -7.32 5.25
C GLU A 358 -2.43 -8.45 5.77
N THR A 359 -2.94 -9.31 4.89
CA THR A 359 -3.80 -10.45 5.22
C THR A 359 -3.42 -11.19 6.50
N LEU A 360 -2.11 -11.32 6.76
CA LEU A 360 -1.68 -12.00 7.97
C LEU A 360 -2.15 -11.23 9.21
N GLY A 361 -2.01 -9.90 9.18
CA GLY A 361 -2.38 -9.06 10.31
C GLY A 361 -3.84 -9.16 10.75
N SER A 362 -4.72 -9.60 9.86
CA SER A 362 -6.12 -9.72 10.21
C SER A 362 -6.52 -11.15 10.50
N THR A 363 -5.61 -12.10 10.28
CA THR A 363 -5.92 -13.51 10.52
C THR A 363 -6.22 -13.77 11.98
N SER A 364 -7.19 -14.64 12.23
CA SER A 364 -7.60 -15.01 13.58
C SER A 364 -7.74 -16.52 13.73
N THR A 365 -7.32 -17.28 12.72
CA THR A 365 -7.39 -18.75 12.75
C THR A 365 -6.43 -19.26 11.69
N ILE A 366 -5.39 -19.97 12.11
CA ILE A 366 -4.40 -20.49 11.19
C ILE A 366 -4.56 -22.00 11.11
N CYS A 367 -4.89 -22.50 9.93
CA CYS A 367 -5.06 -23.93 9.71
C CYS A 367 -3.76 -24.44 9.12
N SER A 368 -3.00 -25.18 9.91
CA SER A 368 -1.72 -25.70 9.42
C SER A 368 -1.72 -27.17 9.06
N BFD A 369 -0.67 -27.53 8.34
CA BFD A 369 -0.44 -28.86 7.89
C BFD A 369 0.62 -29.43 8.79
O BFD A 369 1.49 -28.65 9.24
CB BFD A 369 -0.03 -28.85 6.43
CG BFD A 369 0.36 -30.22 6.01
OD1 BFD A 369 -0.57 -31.32 6.24
OD2 BFD A 369 1.45 -30.42 5.47
BE BFD A 369 -0.08 -32.75 6.00
F1 BFD A 369 -1.25 -33.68 5.81
F2 BFD A 369 0.79 -32.76 4.75
F3 BFD A 369 0.72 -33.20 7.21
N LYS A 370 0.59 -30.73 9.08
CA LYS A 370 1.58 -31.35 9.97
C LYS A 370 2.86 -31.79 9.26
N THR A 371 2.75 -32.76 8.36
CA THR A 371 3.91 -33.27 7.63
C THR A 371 4.38 -32.26 6.59
N GLY A 372 5.61 -31.77 6.76
CA GLY A 372 6.17 -30.80 5.82
C GLY A 372 6.13 -29.36 6.23
N THR A 373 5.02 -28.93 6.83
CA THR A 373 4.89 -27.54 7.26
C THR A 373 5.38 -27.39 8.71
N LEU A 374 4.74 -28.11 9.64
CA LEU A 374 5.18 -28.06 11.02
C LEU A 374 6.41 -28.91 11.23
N THR A 375 6.41 -30.12 10.68
CA THR A 375 7.55 -31.01 10.82
C THR A 375 8.51 -30.82 9.64
N GLN A 376 9.67 -31.45 9.76
CA GLN A 376 10.69 -31.37 8.72
C GLN A 376 10.52 -32.45 7.66
N ASN A 377 9.62 -33.41 7.88
CA ASN A 377 9.39 -34.51 6.95
C ASN A 377 10.71 -35.27 6.74
N ARG A 378 11.28 -35.71 7.86
CA ARG A 378 12.55 -36.41 7.83
C ARG A 378 12.65 -37.29 9.07
N MET A 379 12.59 -38.60 8.89
CA MET A 379 12.71 -39.53 10.01
C MET A 379 14.03 -39.27 10.72
N THR A 380 13.98 -38.84 11.99
CA THR A 380 15.19 -38.53 12.73
C THR A 380 15.19 -39.16 14.11
N VAL A 381 16.39 -39.49 14.59
CA VAL A 381 16.57 -40.10 15.91
C VAL A 381 16.15 -39.11 16.99
N ALA A 382 15.11 -39.44 17.72
CA ALA A 382 14.64 -38.55 18.78
C ALA A 382 15.19 -38.94 20.13
N HIS A 383 14.88 -40.15 20.59
CA HIS A 383 15.32 -40.62 21.91
C HIS A 383 16.02 -41.97 21.81
N MET A 384 16.89 -42.22 22.79
CA MET A 384 17.65 -43.45 22.91
C MET A 384 17.62 -43.88 24.36
N TRP A 385 17.61 -45.18 24.59
CA TRP A 385 17.59 -45.76 25.93
C TRP A 385 18.90 -46.49 26.15
N SER A 386 19.66 -46.04 27.14
CA SER A 386 20.96 -46.62 27.47
C SER A 386 21.20 -46.40 28.97
N ASP A 387 21.48 -47.50 29.67
CA ASP A 387 21.74 -47.48 31.12
C ASP A 387 20.50 -47.02 31.91
N ASN A 388 19.34 -47.52 31.51
CA ASN A 388 18.06 -47.21 32.15
C ASN A 388 17.85 -45.71 32.34
N GLN A 389 18.07 -44.95 31.25
CA GLN A 389 17.90 -43.51 31.29
C GLN A 389 17.60 -43.05 29.88
N ILE A 390 16.43 -42.44 29.68
CA ILE A 390 16.10 -41.95 28.35
C ILE A 390 16.99 -40.76 28.01
N HIS A 391 17.47 -40.71 26.77
CA HIS A 391 18.34 -39.65 26.29
C HIS A 391 17.71 -39.05 25.04
N GLU A 392 17.27 -37.80 25.14
CA GLU A 392 16.63 -37.14 24.02
C GLU A 392 17.69 -36.47 23.15
N ALA A 393 17.82 -36.94 21.91
CA ALA A 393 18.78 -36.34 21.02
C ALA A 393 18.14 -35.08 20.44
N ASP A 394 18.99 -34.10 20.10
CA ASP A 394 18.46 -32.86 19.55
C ASP A 394 17.77 -33.16 18.22
N THR A 395 16.53 -32.70 18.10
CA THR A 395 15.70 -32.94 16.93
C THR A 395 15.56 -31.70 16.05
N THR A 396 16.54 -30.81 16.11
CA THR A 396 16.52 -29.58 15.33
C THR A 396 17.13 -29.80 13.94
N GLU A 397 16.77 -28.90 13.02
CA GLU A 397 17.23 -28.97 11.64
C GLU A 397 18.59 -28.30 11.45
N ASN A 398 18.90 -27.28 12.23
CA ASN A 398 20.15 -26.54 12.12
C ASN A 398 21.15 -26.93 13.19
N GLN A 399 20.82 -27.93 14.01
CA GLN A 399 21.69 -28.41 15.10
C GLN A 399 21.96 -27.29 16.12
N SER A 400 20.88 -26.85 16.77
CA SER A 400 20.90 -25.80 17.77
C SER A 400 20.16 -26.20 19.03
N GLY A 401 20.14 -27.50 19.34
CA GLY A 401 19.45 -28.00 20.51
C GLY A 401 20.42 -28.51 21.57
N VAL A 402 19.85 -28.85 22.74
CA VAL A 402 20.65 -29.36 23.84
C VAL A 402 21.26 -30.70 23.45
N SER A 403 22.54 -30.86 23.74
CA SER A 403 23.25 -32.09 23.40
C SER A 403 23.02 -33.15 24.47
N PHE A 404 22.82 -34.38 24.00
CA PHE A 404 22.64 -35.59 24.81
C PHE A 404 23.89 -35.86 25.64
N ASP A 405 23.80 -36.87 26.52
CA ASP A 405 24.93 -37.24 27.38
C ASP A 405 25.72 -38.38 26.75
N LYS A 406 27.04 -38.18 26.59
CA LYS A 406 27.92 -39.20 26.00
C LYS A 406 29.26 -39.25 26.73
N THR A 407 29.33 -40.06 27.78
CA THR A 407 30.57 -40.27 28.50
C THR A 407 30.71 -41.73 28.86
N SER A 408 29.58 -42.44 28.95
CA SER A 408 29.51 -43.85 29.30
C SER A 408 29.98 -44.75 28.15
N ALA A 409 30.32 -45.98 28.51
CA ALA A 409 30.77 -46.97 27.53
C ALA A 409 29.59 -47.56 26.76
N THR A 410 28.38 -47.41 27.30
CA THR A 410 27.20 -47.94 26.63
C THR A 410 26.87 -47.12 25.38
N TRP A 411 27.18 -45.82 25.40
CA TRP A 411 26.94 -44.99 24.24
C TRP A 411 27.77 -45.48 23.06
N LEU A 412 29.00 -45.88 23.33
CA LEU A 412 29.87 -46.38 22.28
C LEU A 412 29.30 -47.67 21.72
N ALA A 413 28.80 -48.54 22.58
CA ALA A 413 28.22 -49.79 22.07
C ALA A 413 27.01 -49.53 21.16
N LEU A 414 26.11 -48.66 21.62
CA LEU A 414 24.92 -48.35 20.82
C LEU A 414 25.34 -47.73 19.49
N SER A 415 26.33 -46.83 19.53
CA SER A 415 26.80 -46.18 18.32
C SER A 415 27.43 -47.18 17.36
N ARG A 416 28.13 -48.18 17.89
CA ARG A 416 28.73 -49.19 17.03
C ARG A 416 27.66 -50.03 16.37
N ILE A 417 26.69 -50.51 17.15
CA ILE A 417 25.63 -51.34 16.59
C ILE A 417 24.88 -50.59 15.50
N ALA A 418 24.59 -49.32 15.74
CA ALA A 418 23.85 -48.55 14.74
C ALA A 418 24.70 -48.22 13.51
N GLY A 419 25.94 -47.78 13.71
CA GLY A 419 26.77 -47.41 12.58
C GLY A 419 27.26 -48.58 11.74
N LEU A 420 27.43 -49.75 12.35
CA LEU A 420 27.94 -50.92 11.64
C LEU A 420 26.84 -51.74 10.95
N CYS A 421 25.86 -52.21 11.72
CA CYS A 421 24.77 -53.02 11.17
C CYS A 421 23.77 -52.13 10.44
N ASN A 422 24.22 -51.58 9.31
CA ASN A 422 23.37 -50.70 8.50
C ASN A 422 23.83 -50.79 7.05
N ARG A 423 22.92 -51.25 6.18
CA ARG A 423 23.16 -51.50 4.77
C ARG A 423 23.95 -50.43 3.99
N ALA A 424 23.47 -49.20 3.93
CA ALA A 424 24.16 -48.20 3.12
C ALA A 424 24.56 -46.95 3.90
N VAL A 425 25.14 -46.02 3.14
CA VAL A 425 25.66 -44.72 3.58
C VAL A 425 25.19 -43.66 2.59
N PHE A 426 25.82 -42.48 2.64
CA PHE A 426 25.50 -41.34 1.78
C PHE A 426 25.75 -41.64 0.30
N GLN A 427 25.70 -40.61 -0.55
CA GLN A 427 25.90 -40.77 -1.99
C GLN A 427 27.13 -39.99 -2.46
N ALA A 428 27.28 -39.91 -3.78
CA ALA A 428 28.41 -39.23 -4.42
C ALA A 428 28.62 -37.76 -4.11
N ASN A 429 27.67 -36.91 -4.49
CA ASN A 429 27.81 -35.47 -4.25
C ASN A 429 27.59 -35.06 -2.80
N GLN A 430 27.14 -35.97 -1.94
CA GLN A 430 26.89 -35.65 -0.53
C GLN A 430 28.22 -35.56 0.24
N GLU A 431 28.95 -34.50 -0.04
CA GLU A 431 30.23 -34.24 0.61
C GLU A 431 30.26 -32.87 1.29
N ASN A 432 29.88 -31.83 0.56
CA ASN A 432 29.86 -30.49 1.07
C ASN A 432 28.55 -30.16 1.77
N LEU A 433 27.48 -30.89 1.44
CA LEU A 433 26.18 -30.67 2.03
C LEU A 433 26.20 -30.95 3.53
N PRO A 434 25.32 -30.31 4.30
CA PRO A 434 25.28 -30.56 5.75
C PRO A 434 24.87 -32.01 6.03
N ILE A 435 25.22 -32.45 7.23
CA ILE A 435 24.96 -33.84 7.66
C ILE A 435 23.47 -34.21 7.63
N LEU A 436 22.58 -33.25 7.89
CA LEU A 436 21.16 -33.56 7.91
C LEU A 436 20.49 -33.47 6.54
N LYS A 437 20.62 -32.32 5.88
CA LYS A 437 20.00 -32.08 4.57
C LYS A 437 20.66 -32.83 3.41
N ARG A 438 21.57 -33.77 3.64
CA ARG A 438 22.21 -34.51 2.55
C ARG A 438 21.47 -35.82 2.29
N ALA A 439 21.48 -36.24 1.02
CA ALA A 439 20.80 -37.45 0.59
C ALA A 439 21.51 -38.71 1.09
N VAL A 440 20.71 -39.73 1.38
CA VAL A 440 21.19 -41.02 1.87
C VAL A 440 20.35 -42.12 1.20
N ALA A 441 21.01 -43.16 0.71
CA ALA A 441 20.31 -44.27 0.05
C ALA A 441 19.98 -45.35 1.06
N GLY A 442 18.72 -45.78 1.08
CA GLY A 442 18.27 -46.81 1.98
C GLY A 442 16.95 -46.47 2.64
N ASP A 443 16.63 -47.21 3.70
CA ASP A 443 15.42 -47.02 4.45
C ASP A 443 15.52 -45.73 5.28
N ALA A 444 14.36 -45.17 5.62
CA ALA A 444 14.31 -43.93 6.40
C ALA A 444 14.89 -44.06 7.80
N SER A 445 14.92 -45.27 8.36
CA SER A 445 15.45 -45.47 9.70
C SER A 445 16.98 -45.45 9.69
N GLU A 446 17.56 -46.14 8.71
CA GLU A 446 19.00 -46.23 8.58
C GLU A 446 19.63 -44.86 8.40
N SER A 447 18.95 -43.98 7.65
CA SER A 447 19.47 -42.64 7.44
C SER A 447 19.52 -41.86 8.75
N ALA A 448 18.50 -42.04 9.59
CA ALA A 448 18.46 -41.36 10.88
C ALA A 448 19.61 -41.84 11.74
N LEU A 449 19.81 -43.15 11.79
CA LEU A 449 20.91 -43.71 12.58
C LEU A 449 22.24 -43.15 12.10
N LEU A 450 22.40 -43.05 10.78
CA LEU A 450 23.63 -42.53 10.20
C LEU A 450 23.86 -41.10 10.62
N LYS A 451 22.81 -40.27 10.58
CA LYS A 451 22.97 -38.86 10.96
C LYS A 451 23.29 -38.73 12.44
N CYS A 452 22.70 -39.61 13.28
CA CYS A 452 22.97 -39.53 14.72
C CYS A 452 24.41 -39.90 15.01
N ILE A 453 24.94 -40.88 14.30
CA ILE A 453 26.34 -41.24 14.56
C ILE A 453 27.28 -40.21 13.94
N GLU A 454 26.87 -39.59 12.83
CA GLU A 454 27.72 -38.59 12.18
C GLU A 454 27.72 -37.28 12.94
N LEU A 455 26.72 -37.04 13.78
CA LEU A 455 26.65 -35.82 14.56
C LEU A 455 27.07 -36.02 16.02
N CYS A 456 26.97 -37.24 16.52
CA CYS A 456 27.27 -37.56 17.90
C CYS A 456 28.49 -38.44 18.12
N CYS A 457 28.86 -39.29 17.15
CA CYS A 457 29.98 -40.19 17.33
C CYS A 457 31.06 -40.03 16.26
N GLY A 458 31.25 -38.82 15.76
CA GLY A 458 32.27 -38.60 14.74
C GLY A 458 31.79 -38.94 13.35
N SER A 459 32.41 -39.95 12.72
CA SER A 459 32.07 -40.38 11.37
C SER A 459 31.76 -41.86 11.32
N VAL A 460 31.14 -42.25 10.21
CA VAL A 460 30.79 -43.64 9.95
C VAL A 460 31.51 -44.20 8.73
N LYS A 461 32.18 -43.34 7.94
CA LYS A 461 32.92 -43.79 6.77
C LYS A 461 34.02 -44.75 7.17
N GLU A 462 34.96 -44.26 7.99
CA GLU A 462 36.07 -45.09 8.45
C GLU A 462 35.66 -46.03 9.58
N MET A 463 34.56 -45.72 10.27
CA MET A 463 34.10 -46.58 11.36
C MET A 463 33.51 -47.89 10.83
N ARG A 464 32.88 -47.85 9.65
CA ARG A 464 32.29 -49.07 9.10
C ARG A 464 33.35 -49.99 8.50
N GLU A 465 34.35 -49.44 7.82
CA GLU A 465 35.39 -50.28 7.22
C GLU A 465 36.40 -50.77 8.25
N ARG A 466 36.65 -49.99 9.31
CA ARG A 466 37.59 -50.39 10.36
C ARG A 466 37.18 -51.72 11.01
N TYR A 467 35.91 -52.08 10.90
CA TYR A 467 35.33 -53.30 11.43
C TYR A 467 34.86 -54.07 10.19
N THR A 468 35.78 -54.81 9.59
CA THR A 468 35.47 -55.58 8.39
C THR A 468 34.32 -56.53 8.65
N LYS A 469 33.40 -56.59 7.70
CA LYS A 469 32.24 -57.46 7.79
C LYS A 469 32.51 -58.75 7.02
N ILE A 470 31.96 -59.85 7.52
CA ILE A 470 32.15 -61.13 6.87
C ILE A 470 30.83 -61.63 6.33
N VAL A 471 29.92 -62.00 7.23
CA VAL A 471 28.61 -62.49 6.86
C VAL A 471 27.56 -61.57 7.47
N GLU A 472 26.71 -61.02 6.63
CA GLU A 472 25.64 -60.15 7.04
C GLU A 472 24.34 -60.89 6.76
N ILE A 473 23.38 -60.78 7.68
CA ILE A 473 22.09 -61.42 7.52
C ILE A 473 21.07 -60.31 7.45
N PRO A 474 20.37 -60.15 6.32
CA PRO A 474 19.37 -59.10 6.21
C PRO A 474 18.03 -59.54 6.81
N PHE A 475 17.15 -58.55 6.96
CA PHE A 475 15.82 -58.75 7.51
C PHE A 475 15.10 -59.92 6.84
N ASN A 476 14.37 -60.67 7.64
CA ASN A 476 13.64 -61.83 7.16
C ASN A 476 12.18 -61.75 7.58
N SER A 477 11.32 -62.33 6.73
CA SER A 477 9.88 -62.33 7.02
C SER A 477 9.54 -63.30 8.15
N THR A 478 10.24 -64.43 8.21
CA THR A 478 10.08 -65.43 9.25
C THR A 478 11.32 -65.31 10.14
N ASN A 479 11.13 -65.48 11.46
CA ASN A 479 12.23 -65.34 12.43
C ASN A 479 12.92 -63.98 12.26
N LYS A 480 12.11 -62.93 12.09
CA LYS A 480 12.58 -61.58 11.82
C LYS A 480 13.79 -61.17 12.65
N TYR A 481 14.92 -61.02 11.97
CA TYR A 481 16.21 -60.66 12.55
C TYR A 481 17.02 -59.90 11.50
N GLN A 482 17.83 -58.96 11.96
CA GLN A 482 18.71 -58.17 11.10
C GLN A 482 20.03 -58.13 11.84
N LEU A 483 21.00 -58.93 11.39
CA LEU A 483 22.28 -59.01 12.09
C LEU A 483 23.44 -59.02 11.10
N SER A 484 24.66 -59.01 11.65
CA SER A 484 25.88 -59.04 10.86
C SER A 484 27.06 -59.25 11.79
N ILE A 485 28.01 -60.10 11.37
CA ILE A 485 29.21 -60.37 12.18
C ILE A 485 30.40 -59.62 11.57
N HIS A 486 31.15 -58.92 12.42
CA HIS A 486 32.29 -58.14 11.98
C HIS A 486 33.53 -58.53 12.78
N LYS A 487 34.68 -58.13 12.24
CA LYS A 487 35.98 -58.38 12.86
C LYS A 487 36.26 -57.30 13.89
N ASN A 488 37.09 -57.64 14.88
CA ASN A 488 37.38 -56.76 16.01
C ASN A 488 38.47 -55.72 15.73
N PRO A 489 38.31 -54.52 16.33
CA PRO A 489 39.28 -53.42 16.18
C PRO A 489 40.48 -53.55 17.07
N ASN A 490 41.06 -52.38 17.37
CA ASN A 490 42.25 -52.14 18.20
C ASN A 490 42.40 -53.13 19.34
N THR A 491 43.65 -53.48 19.62
CA THR A 491 44.03 -54.49 20.58
C THR A 491 43.28 -54.46 21.91
N ALA A 492 42.34 -55.41 22.00
CA ALA A 492 41.54 -55.75 23.16
C ALA A 492 41.42 -57.25 23.16
N GLU A 493 41.52 -57.81 21.96
CA GLU A 493 41.48 -59.17 21.43
C GLU A 493 40.25 -60.02 21.74
N PRO A 494 39.01 -59.52 21.64
CA PRO A 494 37.88 -60.44 21.85
C PRO A 494 37.49 -61.13 20.54
N ARG A 495 38.17 -60.71 19.47
CA ARG A 495 38.17 -61.23 18.10
C ARG A 495 36.91 -61.12 17.23
N HIS A 496 35.72 -60.96 17.80
CA HIS A 496 34.52 -60.90 16.95
C HIS A 496 33.43 -60.05 17.57
N LEU A 497 32.58 -59.43 16.72
CA LEU A 497 31.46 -58.64 17.19
C LEU A 497 30.23 -58.96 16.34
N LEU A 498 29.20 -59.53 16.96
CA LEU A 498 27.96 -59.88 16.26
C LEU A 498 26.91 -58.86 16.67
N VAL A 499 26.51 -57.98 15.73
CA VAL A 499 25.51 -56.95 16.02
C VAL A 499 24.17 -57.36 15.42
N MET A 500 23.10 -56.98 16.11
CA MET A 500 21.75 -57.29 15.68
C MET A 500 20.81 -56.18 16.17
N LYS A 501 19.75 -55.93 15.41
CA LYS A 501 18.76 -54.92 15.79
C LYS A 501 17.38 -55.39 15.35
N GLY A 502 16.35 -54.70 15.81
CA GLY A 502 15.00 -55.08 15.42
C GLY A 502 13.95 -54.59 16.40
N ALA A 503 12.81 -55.27 16.37
CA ALA A 503 11.71 -54.91 17.26
C ALA A 503 12.14 -55.09 18.71
N PRO A 504 11.91 -54.11 19.58
CA PRO A 504 12.33 -54.25 20.99
C PRO A 504 11.81 -55.51 21.68
N GLU A 505 10.55 -55.87 21.44
CA GLU A 505 9.98 -57.05 22.07
C GLU A 505 10.60 -58.34 21.55
N ARG A 506 11.13 -58.33 20.32
CA ARG A 506 11.76 -59.51 19.74
C ARG A 506 13.24 -59.61 20.10
N ILE A 507 13.94 -58.48 20.16
CA ILE A 507 15.35 -58.50 20.50
C ILE A 507 15.53 -58.75 21.99
N LEU A 508 14.58 -58.31 22.82
CA LEU A 508 14.68 -58.53 24.25
C LEU A 508 14.65 -60.03 24.57
N ASP A 509 13.82 -60.78 23.84
CA ASP A 509 13.72 -62.22 24.08
C ASP A 509 15.02 -62.94 23.73
N ARG A 510 15.73 -62.48 22.70
CA ARG A 510 16.99 -63.11 22.31
C ARG A 510 18.20 -62.38 22.94
N CYS A 511 18.13 -62.15 24.25
CA CYS A 511 19.20 -61.48 24.97
C CYS A 511 19.19 -61.95 26.42
N SER A 512 20.38 -62.07 26.98
CA SER A 512 20.55 -62.48 28.37
C SER A 512 21.41 -61.48 29.13
N SER A 513 22.43 -60.94 28.50
CA SER A 513 23.32 -59.97 29.12
C SER A 513 22.81 -58.57 28.85
N ILE A 514 23.06 -57.67 29.79
CA ILE A 514 22.64 -56.28 29.68
C ILE A 514 23.80 -55.38 30.08
N LEU A 515 24.12 -54.42 29.23
CA LEU A 515 25.18 -53.48 29.53
C LEU A 515 24.60 -52.37 30.42
N ILE A 516 25.35 -51.99 31.44
CA ILE A 516 24.90 -50.97 32.38
C ILE A 516 26.11 -50.26 32.97
N HIS A 517 26.12 -48.93 32.85
CA HIS A 517 27.17 -48.03 33.35
C HIS A 517 28.57 -48.45 32.90
N GLY A 518 28.65 -49.37 31.92
CA GLY A 518 29.92 -49.84 31.41
C GLY A 518 30.13 -51.34 31.52
N LYS A 519 29.62 -52.00 32.58
CA LYS A 519 29.82 -53.43 32.78
C LYS A 519 28.59 -54.23 32.32
N GLU A 520 28.60 -55.53 32.55
CA GLU A 520 27.50 -56.42 32.16
C GLU A 520 26.79 -56.97 33.39
N GLN A 521 25.50 -57.25 33.23
CA GLN A 521 24.65 -57.76 34.30
C GLN A 521 23.65 -58.73 33.71
N PRO A 522 23.03 -59.59 34.54
CA PRO A 522 22.04 -60.54 34.01
C PRO A 522 20.76 -59.87 33.53
N LEU A 523 19.83 -60.70 33.04
CA LEU A 523 18.54 -60.25 32.52
C LEU A 523 17.43 -60.23 33.54
N ASP A 524 17.74 -59.97 34.82
CA ASP A 524 16.75 -59.92 35.89
C ASP A 524 15.51 -59.13 35.49
N GLU A 525 14.33 -59.70 35.77
CA GLU A 525 13.06 -59.07 35.40
C GLU A 525 12.92 -57.66 35.95
N GLU A 526 13.67 -57.31 36.99
CA GLU A 526 13.59 -55.98 37.58
C GLU A 526 13.94 -54.90 36.56
N LEU A 527 15.07 -55.03 35.88
CA LEU A 527 15.48 -54.07 34.86
C LEU A 527 14.89 -54.40 33.50
N LYS A 528 14.50 -55.65 33.27
CA LYS A 528 13.87 -56.01 32.00
C LYS A 528 12.54 -55.27 31.87
N ASP A 529 11.76 -55.20 32.97
CA ASP A 529 10.52 -54.46 32.91
C ASP A 529 10.80 -52.95 32.86
N ALA A 530 11.97 -52.52 33.35
CA ALA A 530 12.37 -51.12 33.26
C ALA A 530 12.59 -50.76 31.79
N PHE A 531 12.94 -51.78 31.00
CA PHE A 531 13.09 -51.62 29.56
C PHE A 531 11.73 -51.59 28.90
N GLN A 532 10.82 -52.44 29.38
CA GLN A 532 9.47 -52.51 28.83
C GLN A 532 8.74 -51.17 28.94
N ASN A 533 8.75 -50.57 30.14
CA ASN A 533 8.10 -49.28 30.28
C ASN A 533 8.83 -48.21 29.46
N ALA A 534 10.16 -48.35 29.26
CA ALA A 534 10.84 -47.38 28.41
C ALA A 534 10.40 -47.53 26.94
N TYR A 535 9.98 -48.74 26.56
CA TYR A 535 9.47 -48.96 25.20
C TYR A 535 8.11 -48.31 25.04
N LEU A 536 7.22 -48.53 26.00
CA LEU A 536 5.88 -47.93 25.90
C LEU A 536 5.92 -46.41 26.07
N GLU A 537 6.92 -45.89 26.80
CA GLU A 537 7.03 -44.44 26.97
C GLU A 537 7.42 -43.77 25.67
N LEU A 538 8.39 -44.35 24.94
CA LEU A 538 8.77 -43.78 23.66
C LEU A 538 7.73 -44.08 22.58
N GLY A 539 6.91 -45.12 22.76
CA GLY A 539 5.87 -45.43 21.81
C GLY A 539 4.73 -44.44 21.94
N GLY A 540 4.28 -44.21 23.18
CA GLY A 540 3.22 -43.26 23.43
C GLY A 540 3.62 -41.82 23.14
N LEU A 541 4.93 -41.56 23.07
CA LEU A 541 5.44 -40.24 22.76
C LEU A 541 5.31 -39.92 21.27
N GLY A 542 4.92 -40.91 20.46
CA GLY A 542 4.76 -40.71 19.03
C GLY A 542 5.99 -40.99 18.21
N GLU A 543 6.76 -42.03 18.57
CA GLU A 543 7.99 -42.38 17.88
C GLU A 543 8.01 -43.87 17.56
N ARG A 544 9.01 -44.27 16.79
CA ARG A 544 9.23 -45.65 16.36
C ARG A 544 10.53 -46.13 17.01
N VAL A 545 10.41 -47.10 17.92
CA VAL A 545 11.53 -47.64 18.68
C VAL A 545 12.14 -48.86 18.00
N LEU A 546 13.44 -49.03 18.20
CA LEU A 546 14.23 -50.15 17.67
C LEU A 546 15.24 -50.57 18.72
N GLY A 547 15.36 -51.87 18.95
CA GLY A 547 16.29 -52.41 19.93
C GLY A 547 17.59 -52.82 19.26
N PHE A 548 18.70 -52.52 19.94
CA PHE A 548 20.04 -52.79 19.45
C PHE A 548 20.81 -53.64 20.46
N CYS A 549 21.53 -54.63 19.96
CA CYS A 549 22.29 -55.52 20.83
C CYS A 549 23.51 -56.06 20.08
N HIS A 550 24.47 -56.53 20.86
CA HIS A 550 25.70 -57.08 20.31
C HIS A 550 26.23 -58.17 21.22
N LEU A 551 27.13 -58.98 20.68
CA LEU A 551 27.72 -60.07 21.45
C LEU A 551 29.14 -60.35 20.98
N PHE A 552 30.03 -60.59 21.95
CA PHE A 552 31.42 -60.92 21.68
C PHE A 552 31.49 -62.43 21.61
N LEU A 553 31.79 -62.98 20.45
CA LEU A 553 31.91 -64.43 20.32
C LEU A 553 33.24 -64.88 20.92
N PRO A 554 33.24 -65.68 22.01
CA PRO A 554 34.51 -66.11 22.61
C PRO A 554 35.39 -66.84 21.60
N ASP A 555 36.55 -66.25 21.29
CA ASP A 555 37.46 -66.84 20.32
C ASP A 555 38.15 -68.11 20.81
N GLU A 556 37.90 -68.56 22.04
CA GLU A 556 38.53 -69.78 22.53
C GLU A 556 37.72 -71.02 22.18
N GLN A 557 36.40 -70.90 22.11
CA GLN A 557 35.55 -72.03 21.73
C GLN A 557 35.20 -72.01 20.26
N PHE A 558 35.31 -70.84 19.63
CA PHE A 558 35.02 -70.63 18.21
C PHE A 558 36.24 -69.98 17.59
N PRO A 559 36.76 -70.52 16.47
CA PRO A 559 37.99 -69.99 15.84
C PRO A 559 38.10 -68.49 15.62
N GLU A 560 39.37 -68.05 15.58
CA GLU A 560 39.80 -66.68 15.36
C GLU A 560 39.84 -66.33 13.88
N GLY A 561 40.02 -67.32 13.02
CA GLY A 561 40.08 -67.08 11.60
C GLY A 561 38.74 -67.23 10.91
N PHE A 562 38.58 -68.29 10.15
CA PHE A 562 37.38 -68.54 9.37
C PHE A 562 36.48 -69.59 10.03
N GLN A 563 35.38 -69.14 10.63
CA GLN A 563 34.41 -70.06 11.25
C GLN A 563 33.02 -69.40 11.27
N PHE A 564 32.22 -69.61 10.23
CA PHE A 564 30.88 -69.03 10.14
C PHE A 564 29.92 -69.99 9.46
N ASP A 565 28.62 -69.70 9.58
CA ASP A 565 27.58 -70.51 8.96
C ASP A 565 26.42 -69.61 8.59
N THR A 566 25.66 -70.02 7.56
CA THR A 566 24.55 -69.20 7.11
C THR A 566 23.25 -69.97 6.84
N ASP A 567 23.31 -71.26 6.53
CA ASP A 567 22.09 -72.02 6.26
C ASP A 567 21.55 -72.70 7.51
N ASP A 568 22.43 -73.24 8.34
CA ASP A 568 22.13 -73.87 9.61
C ASP A 568 22.82 -73.00 10.62
N VAL A 569 22.18 -71.87 10.94
CA VAL A 569 22.66 -70.79 11.79
C VAL A 569 23.52 -71.30 12.95
N ASN A 570 24.77 -70.82 12.99
CA ASN A 570 25.77 -71.16 13.99
C ASN A 570 25.97 -70.06 15.02
N PHE A 571 25.98 -68.80 14.58
CA PHE A 571 26.13 -67.70 15.51
C PHE A 571 25.03 -67.81 16.55
N PRO A 572 25.32 -67.65 17.83
CA PRO A 572 24.26 -67.79 18.83
C PRO A 572 23.20 -66.70 18.69
N LEU A 573 22.02 -67.09 18.20
CA LEU A 573 20.92 -66.16 18.03
C LEU A 573 20.47 -65.58 19.36
N ASP A 574 20.57 -66.38 20.43
CA ASP A 574 20.20 -66.00 21.78
C ASP A 574 21.46 -65.65 22.56
N ASN A 575 21.30 -65.39 23.85
CA ASN A 575 22.41 -65.04 24.76
C ASN A 575 23.19 -63.82 24.31
N LEU A 576 22.53 -62.91 23.58
CA LEU A 576 23.19 -61.69 23.14
C LEU A 576 23.13 -60.66 24.26
N CYS A 577 23.90 -59.60 24.12
CA CYS A 577 23.93 -58.54 25.12
C CYS A 577 23.14 -57.33 24.60
N PHE A 578 22.05 -57.00 25.28
CA PHE A 578 21.21 -55.88 24.90
C PHE A 578 21.86 -54.58 25.34
N VAL A 579 21.92 -53.59 24.46
CA VAL A 579 22.54 -52.31 24.81
C VAL A 579 21.51 -51.24 25.10
N GLY A 580 20.58 -51.01 24.19
CA GLY A 580 19.56 -50.00 24.42
C GLY A 580 18.60 -49.90 23.25
N LEU A 581 17.75 -48.89 23.34
CA LEU A 581 16.73 -48.62 22.33
C LEU A 581 17.03 -47.32 21.58
N ILE A 582 16.51 -47.22 20.36
CA ILE A 582 16.71 -46.01 19.58
C ILE A 582 15.39 -45.68 18.89
N SER A 583 14.70 -44.66 19.39
CA SER A 583 13.45 -44.23 18.80
C SER A 583 13.69 -43.17 17.74
N MET A 584 12.66 -42.94 16.92
CA MET A 584 12.81 -41.95 15.85
C MET A 584 11.45 -41.54 15.32
N ILE A 585 11.39 -40.31 14.82
CA ILE A 585 10.18 -39.73 14.23
C ILE A 585 10.58 -38.48 13.50
N ASP A 586 9.70 -37.99 12.62
CA ASP A 586 9.98 -36.73 11.92
C ASP A 586 9.77 -35.63 12.94
N PRO A 587 10.80 -34.86 13.29
CA PRO A 587 10.64 -33.85 14.32
C PRO A 587 10.11 -32.54 13.76
N PRO A 588 9.46 -31.74 14.59
CA PRO A 588 8.96 -30.44 14.12
C PRO A 588 10.12 -29.50 13.81
N ARG A 589 9.85 -28.51 12.97
CA ARG A 589 10.89 -27.55 12.63
C ARG A 589 11.28 -26.72 13.86
N ALA A 590 12.51 -26.22 13.84
CA ALA A 590 13.10 -25.46 14.94
C ALA A 590 12.20 -24.39 15.53
N ALA A 591 11.82 -23.40 14.73
CA ALA A 591 11.00 -22.30 15.23
C ALA A 591 9.50 -22.59 15.27
N VAL A 592 9.07 -23.76 14.82
CA VAL A 592 7.63 -24.08 14.82
C VAL A 592 6.99 -23.97 16.21
N PRO A 593 7.51 -24.62 17.27
CA PRO A 593 6.83 -24.49 18.57
C PRO A 593 6.73 -23.07 19.07
N ASP A 594 7.82 -22.32 18.99
CA ASP A 594 7.80 -20.93 19.42
C ASP A 594 6.86 -20.11 18.56
N ALA A 595 6.80 -20.42 17.25
CA ALA A 595 5.91 -19.70 16.36
C ALA A 595 4.46 -19.92 16.76
N VAL A 596 4.11 -21.18 17.04
CA VAL A 596 2.74 -21.47 17.46
C VAL A 596 2.42 -20.76 18.76
N GLY A 597 3.40 -20.70 19.66
CA GLY A 597 3.18 -20.00 20.91
C GLY A 597 2.95 -18.52 20.70
N LYS A 598 3.74 -17.90 19.81
CA LYS A 598 3.56 -16.48 19.51
C LYS A 598 2.20 -16.23 18.88
N CYS A 599 1.78 -17.12 17.97
CA CYS A 599 0.48 -16.96 17.33
C CYS A 599 -0.64 -17.06 18.35
N ARG A 600 -0.51 -17.98 19.30
CA ARG A 600 -1.54 -18.08 20.33
C ARG A 600 -1.47 -16.89 21.28
N SER A 601 -0.32 -16.22 21.34
CA SER A 601 -0.17 -15.04 22.19
C SER A 601 -0.96 -13.86 21.64
N ALA A 602 -0.97 -13.71 20.31
CA ALA A 602 -1.70 -12.63 19.67
C ALA A 602 -3.20 -12.90 19.60
N GLY A 603 -3.64 -14.10 19.92
CA GLY A 603 -5.05 -14.45 19.88
C GLY A 603 -5.47 -15.27 18.68
N ILE A 604 -4.53 -15.82 17.92
CA ILE A 604 -4.83 -16.62 16.74
C ILE A 604 -5.06 -18.07 17.16
N LYS A 605 -6.18 -18.64 16.69
CA LYS A 605 -6.52 -20.03 17.00
C LYS A 605 -5.79 -20.95 16.04
N VAL A 606 -4.90 -21.78 16.57
CA VAL A 606 -4.12 -22.71 15.77
C VAL A 606 -4.87 -24.02 15.63
N ILE A 607 -5.11 -24.44 14.39
CA ILE A 607 -5.83 -25.68 14.09
C ILE A 607 -4.96 -26.52 13.17
N MET A 608 -4.69 -27.76 13.56
CA MET A 608 -3.87 -28.66 12.77
C MET A 608 -4.73 -29.45 11.80
N VAL A 609 -4.38 -29.38 10.51
CA VAL A 609 -5.09 -30.10 9.46
C VAL A 609 -4.05 -30.95 8.74
N THR A 610 -4.08 -32.27 8.99
CA THR A 610 -3.15 -33.20 8.39
C THR A 610 -3.87 -34.44 7.86
N GLY A 611 -3.10 -35.29 7.18
CA GLY A 611 -3.60 -36.52 6.62
C GLY A 611 -2.89 -37.73 7.19
N ASP A 612 -2.07 -37.50 8.19
CA ASP A 612 -1.30 -38.53 8.87
C ASP A 612 -2.16 -39.22 9.93
N HIS A 613 -1.67 -40.37 10.43
CA HIS A 613 -2.40 -41.12 11.43
C HIS A 613 -2.53 -40.31 12.72
N PRO A 614 -3.66 -40.40 13.41
CA PRO A 614 -3.87 -39.58 14.63
C PRO A 614 -2.84 -39.81 15.72
N ILE A 615 -2.30 -41.04 15.82
CA ILE A 615 -1.32 -41.36 16.85
C ILE A 615 -0.13 -40.40 16.80
N THR A 616 0.33 -40.07 15.59
CA THR A 616 1.45 -39.16 15.43
C THR A 616 1.01 -37.69 15.53
N ALA A 617 -0.18 -37.40 14.99
CA ALA A 617 -0.67 -36.03 14.98
C ALA A 617 -0.88 -35.49 16.40
N LYS A 618 -1.43 -36.30 17.30
CA LYS A 618 -1.65 -35.82 18.67
C LYS A 618 -0.34 -35.49 19.36
N ALA A 619 0.66 -36.37 19.21
CA ALA A 619 1.95 -36.13 19.83
C ALA A 619 2.61 -34.87 19.27
N ILE A 620 2.58 -34.70 17.94
CA ILE A 620 3.17 -33.51 17.36
C ILE A 620 2.42 -32.26 17.80
N ALA A 621 1.10 -32.35 17.92
CA ALA A 621 0.31 -31.21 18.36
C ALA A 621 0.67 -30.81 19.79
N LYS A 622 0.90 -31.82 20.66
CA LYS A 622 1.26 -31.51 22.03
C LYS A 622 2.69 -30.98 22.11
N GLY A 623 3.53 -31.34 21.13
CA GLY A 623 4.93 -30.88 21.14
C GLY A 623 5.17 -29.52 20.53
N VAL A 624 4.28 -29.06 19.65
CA VAL A 624 4.47 -27.74 19.03
C VAL A 624 3.67 -26.66 19.76
N GLY A 625 2.62 -27.03 20.49
CA GLY A 625 1.81 -26.08 21.21
C GLY A 625 0.36 -26.10 20.82
N ILE A 626 -0.03 -26.82 19.76
CA ILE A 626 -1.44 -26.87 19.35
C ILE A 626 -2.28 -27.48 20.45
N ILE A 627 -1.68 -28.30 21.32
CA ILE A 627 -2.36 -28.92 22.45
C ILE A 627 -1.45 -28.71 23.65
N SER A 628 -1.91 -27.90 24.61
CA SER A 628 -1.13 -27.60 25.79
C SER A 628 -1.29 -28.69 26.84
N GLU A 629 -0.44 -28.64 27.87
CA GLU A 629 -0.50 -29.60 28.95
C GLU A 629 -1.69 -29.27 29.86
N GLY A 630 -2.39 -30.31 30.30
CA GLY A 630 -3.55 -30.12 31.16
C GLY A 630 -4.86 -30.35 30.42
N ASN A 631 -4.93 -29.89 29.17
CA ASN A 631 -6.13 -30.06 28.36
C ASN A 631 -6.20 -31.51 27.86
N GLU A 632 -7.32 -32.17 28.15
CA GLU A 632 -7.54 -33.55 27.76
C GLU A 632 -8.60 -33.65 26.67
N THR A 633 -8.48 -34.67 25.84
CA THR A 633 -9.44 -34.88 24.77
C THR A 633 -10.59 -35.72 25.32
N VAL A 634 -11.52 -36.08 24.43
CA VAL A 634 -12.64 -36.90 24.86
C VAL A 634 -12.17 -38.32 25.18
N GLU A 635 -11.00 -38.71 24.66
CA GLU A 635 -10.41 -40.03 24.88
C GLU A 635 -9.55 -40.05 26.12
N ASP A 636 -8.82 -38.96 26.39
CA ASP A 636 -7.93 -38.91 27.54
C ASP A 636 -8.71 -38.97 28.86
N ILE A 637 -9.88 -38.32 28.93
CA ILE A 637 -10.67 -38.36 30.16
C ILE A 637 -11.23 -39.76 30.39
N ALA A 638 -11.71 -40.39 29.32
CA ALA A 638 -12.24 -41.75 29.43
C ALA A 638 -11.15 -42.73 29.85
N ALA A 639 -9.92 -42.53 29.38
CA ALA A 639 -8.84 -43.41 29.77
C ALA A 639 -8.40 -43.13 31.21
N ARG A 640 -8.51 -41.87 31.65
CA ARG A 640 -8.13 -41.52 33.01
C ARG A 640 -9.17 -42.00 34.02
N LEU A 641 -10.41 -42.25 33.57
CA LEU A 641 -11.48 -42.72 34.45
C LEU A 641 -11.86 -44.18 34.24
N ASN A 642 -11.20 -44.89 33.30
CA ASN A 642 -11.49 -46.30 33.00
C ASN A 642 -12.97 -46.50 32.68
N ILE A 643 -13.51 -45.60 31.85
CA ILE A 643 -14.92 -45.62 31.47
C ILE A 643 -15.03 -45.49 29.96
N PRO A 644 -16.16 -45.93 29.37
CA PRO A 644 -16.35 -45.76 27.93
C PRO A 644 -16.42 -44.28 27.55
N VAL A 645 -15.94 -43.98 26.33
CA VAL A 645 -15.90 -42.60 25.86
C VAL A 645 -17.29 -42.02 25.68
N SER A 646 -18.29 -42.85 25.37
CA SER A 646 -19.65 -42.35 25.17
C SER A 646 -20.28 -41.77 26.43
N GLN A 647 -19.64 -41.95 27.59
CA GLN A 647 -20.18 -41.44 28.85
C GLN A 647 -19.79 -39.99 29.12
N VAL A 648 -18.50 -39.67 28.97
CA VAL A 648 -18.01 -38.32 29.24
C VAL A 648 -18.75 -37.26 28.41
N ASN A 649 -18.81 -36.03 28.95
CA ASN A 649 -19.47 -34.92 28.28
C ASN A 649 -18.46 -34.18 27.42
N PRO A 650 -18.75 -33.96 26.13
CA PRO A 650 -17.80 -33.24 25.26
C PRO A 650 -17.45 -31.84 25.72
N ARG A 651 -18.27 -31.24 26.59
CA ARG A 651 -17.99 -29.91 27.11
C ARG A 651 -16.86 -29.92 28.13
N ASP A 652 -16.59 -31.08 28.73
CA ASP A 652 -15.51 -31.21 29.69
C ASP A 652 -14.14 -31.29 29.02
N ALA A 653 -14.11 -31.61 27.73
CA ALA A 653 -12.88 -31.74 26.97
C ALA A 653 -12.62 -30.45 26.20
N LYS A 654 -11.53 -29.76 26.57
CA LYS A 654 -11.18 -28.52 25.89
C LYS A 654 -10.68 -28.77 24.47
N ALA A 655 -9.85 -29.79 24.27
CA ALA A 655 -9.28 -30.14 22.98
C ALA A 655 -9.89 -31.43 22.45
N CYS A 656 -9.74 -31.63 21.14
CA CYS A 656 -10.29 -32.85 20.55
C CYS A 656 -9.62 -33.20 19.23
N VAL A 657 -9.54 -34.51 18.98
CA VAL A 657 -8.94 -35.08 17.78
C VAL A 657 -10.08 -35.55 16.91
N VAL A 658 -10.22 -34.96 15.73
CA VAL A 658 -11.27 -35.31 14.78
C VAL A 658 -10.70 -36.26 13.74
N HIS A 659 -11.20 -37.49 13.73
CA HIS A 659 -10.74 -38.48 12.77
C HIS A 659 -11.36 -38.19 11.41
N GLY A 660 -10.55 -38.33 10.36
CA GLY A 660 -11.06 -38.08 9.02
C GLY A 660 -12.13 -39.08 8.60
N SER A 661 -12.09 -40.29 9.18
CA SER A 661 -13.11 -41.30 8.86
C SER A 661 -14.48 -40.83 9.32
N ASP A 662 -14.53 -40.13 10.45
CA ASP A 662 -15.78 -39.61 10.97
C ASP A 662 -16.18 -38.30 10.31
N LEU A 663 -15.21 -37.57 9.75
CA LEU A 663 -15.52 -36.30 9.09
C LEU A 663 -16.28 -36.50 7.79
N LYS A 664 -16.09 -37.66 7.15
CA LYS A 664 -16.79 -37.94 5.91
C LYS A 664 -18.30 -38.00 6.14
N ASP A 665 -18.71 -38.53 7.28
CA ASP A 665 -20.12 -38.66 7.63
C ASP A 665 -20.63 -37.50 8.49
N MET A 666 -20.06 -36.31 8.32
CA MET A 666 -20.46 -35.14 9.07
C MET A 666 -21.23 -34.16 8.18
N THR A 667 -22.08 -33.36 8.81
CA THR A 667 -22.89 -32.37 8.13
C THR A 667 -22.25 -30.98 8.29
N SER A 668 -22.90 -29.97 7.69
CA SER A 668 -22.37 -28.61 7.79
C SER A 668 -22.59 -28.02 9.17
N GLU A 669 -23.64 -28.43 9.88
CA GLU A 669 -23.95 -27.89 11.21
C GLU A 669 -23.02 -28.46 12.29
N GLN A 670 -22.67 -29.75 12.18
CA GLN A 670 -21.81 -30.38 13.18
C GLN A 670 -20.41 -29.81 13.18
N LEU A 671 -19.87 -29.49 12.00
CA LEU A 671 -18.53 -28.93 11.92
C LEU A 671 -18.44 -27.63 12.69
N ASP A 672 -19.51 -26.83 12.63
CA ASP A 672 -19.54 -25.58 13.37
C ASP A 672 -19.52 -25.87 14.87
N ASP A 673 -20.24 -26.91 15.29
CA ASP A 673 -20.20 -27.25 16.71
C ASP A 673 -18.81 -27.71 17.15
N ILE A 674 -18.08 -28.36 16.26
CA ILE A 674 -16.73 -28.79 16.61
C ILE A 674 -15.81 -27.57 16.74
N LEU A 675 -15.96 -26.60 15.84
CA LEU A 675 -15.09 -25.42 15.87
C LEU A 675 -15.42 -24.45 17.01
N LYS A 676 -16.69 -24.31 17.38
CA LYS A 676 -17.07 -23.34 18.42
C LYS A 676 -16.71 -23.80 19.82
N TYR A 677 -17.22 -24.97 20.23
CA TYR A 677 -17.03 -25.48 21.58
C TYR A 677 -15.65 -26.10 21.84
N HIS A 678 -14.72 -26.08 20.87
CA HIS A 678 -13.40 -26.65 21.07
C HIS A 678 -12.35 -25.64 20.63
N THR A 679 -11.38 -25.37 21.52
CA THR A 679 -10.32 -24.41 21.21
C THR A 679 -9.15 -25.04 20.46
N GLU A 680 -8.69 -26.19 20.92
CA GLU A 680 -7.57 -26.91 20.31
C GLU A 680 -8.11 -28.13 19.58
N ILE A 681 -8.18 -28.03 18.25
CA ILE A 681 -8.72 -29.09 17.39
C ILE A 681 -7.61 -29.62 16.49
N VAL A 682 -7.60 -30.94 16.30
CA VAL A 682 -6.60 -31.57 15.44
C VAL A 682 -7.33 -32.50 14.48
N PHE A 683 -7.36 -32.13 13.20
CA PHE A 683 -8.01 -32.93 12.16
C PHE A 683 -6.99 -33.91 11.60
N ALA A 684 -7.20 -35.20 11.83
CA ALA A 684 -6.29 -36.22 11.35
C ALA A 684 -6.91 -37.07 10.24
N ARG A 685 -6.05 -37.60 9.37
CA ARG A 685 -6.45 -38.44 8.24
C ARG A 685 -7.49 -37.75 7.37
N THR A 686 -7.23 -36.49 7.03
CA THR A 686 -8.14 -35.70 6.23
C THR A 686 -7.63 -35.61 4.79
N SER A 687 -8.49 -35.99 3.84
CA SER A 687 -8.14 -35.93 2.43
C SER A 687 -8.04 -34.46 2.04
N PRO A 688 -7.35 -34.14 0.92
CA PRO A 688 -7.24 -32.73 0.50
C PRO A 688 -8.59 -32.04 0.40
N GLN A 689 -9.57 -32.75 -0.15
CA GLN A 689 -10.92 -32.22 -0.28
C GLN A 689 -11.51 -31.96 1.10
N GLN A 690 -11.19 -32.82 2.07
CA GLN A 690 -11.66 -32.58 3.43
C GLN A 690 -10.99 -31.34 4.01
N LYS A 691 -9.74 -31.07 3.60
CA LYS A 691 -9.07 -29.86 4.07
C LYS A 691 -9.83 -28.64 3.56
N LEU A 692 -10.28 -28.69 2.30
CA LEU A 692 -11.08 -27.60 1.76
C LEU A 692 -12.37 -27.43 2.54
N ILE A 693 -13.00 -28.54 2.90
CA ILE A 693 -14.24 -28.48 3.68
C ILE A 693 -13.99 -27.80 5.03
N ILE A 694 -12.87 -28.15 5.69
CA ILE A 694 -12.53 -27.55 6.98
C ILE A 694 -12.30 -26.05 6.82
N VAL A 695 -11.59 -25.64 5.76
CA VAL A 695 -11.33 -24.22 5.55
C VAL A 695 -12.64 -23.48 5.36
N GLU A 696 -13.57 -24.06 4.61
CA GLU A 696 -14.86 -23.42 4.41
C GLU A 696 -15.61 -23.33 5.74
N GLY A 697 -15.46 -24.36 6.58
CA GLY A 697 -16.13 -24.35 7.87
C GLY A 697 -15.59 -23.25 8.77
N CYS A 698 -14.29 -22.98 8.69
CA CYS A 698 -13.70 -21.92 9.49
C CYS A 698 -14.09 -20.55 8.95
N GLN A 699 -14.31 -20.46 7.63
CA GLN A 699 -14.71 -19.19 7.05
C GLN A 699 -16.19 -18.90 7.31
N ARG A 700 -17.00 -19.95 7.55
CA ARG A 700 -18.42 -19.75 7.82
C ARG A 700 -18.65 -18.94 9.10
N GLN A 701 -17.71 -19.00 10.04
CA GLN A 701 -17.84 -18.24 11.27
C GLN A 701 -17.62 -16.76 11.05
N GLY A 702 -17.00 -16.39 9.93
CA GLY A 702 -16.73 -15.01 9.60
C GLY A 702 -15.36 -14.52 10.01
N ALA A 703 -14.45 -15.44 10.35
CA ALA A 703 -13.11 -15.11 10.77
C ALA A 703 -12.12 -15.29 9.62
N ILE A 704 -11.01 -14.55 9.69
CA ILE A 704 -9.98 -14.63 8.65
C ILE A 704 -9.14 -15.88 8.88
N VAL A 705 -8.96 -16.68 7.82
CA VAL A 705 -8.22 -17.93 7.88
C VAL A 705 -6.97 -17.85 7.02
N ALA A 706 -5.90 -18.49 7.49
CA ALA A 706 -4.63 -18.56 6.78
C ALA A 706 -4.22 -20.01 6.80
N VAL A 707 -3.93 -20.59 5.65
CA VAL A 707 -3.55 -21.99 5.59
C VAL A 707 -2.09 -22.10 5.21
N THR A 708 -1.33 -22.88 5.99
CA THR A 708 0.10 -23.11 5.76
C THR A 708 0.30 -24.58 5.41
N GLY A 709 0.70 -24.83 4.15
CA GLY A 709 0.90 -26.20 3.71
C GLY A 709 2.08 -26.35 2.78
N ASP A 710 2.40 -27.59 2.46
CA ASP A 710 3.53 -27.87 1.55
C ASP A 710 3.20 -28.84 0.44
N GLY A 711 2.45 -29.91 0.72
CA GLY A 711 2.14 -30.90 -0.29
C GLY A 711 1.00 -30.49 -1.19
N VAL A 712 0.78 -31.32 -2.22
CA VAL A 712 -0.30 -31.04 -3.16
C VAL A 712 -1.66 -31.20 -2.51
N ASN A 713 -1.73 -31.82 -1.32
CA ASN A 713 -2.98 -31.96 -0.59
C ASN A 713 -3.42 -30.65 0.04
N ASP A 714 -2.51 -29.67 0.13
CA ASP A 714 -2.79 -28.35 0.67
C ASP A 714 -3.08 -27.32 -0.41
N SER A 715 -3.08 -27.73 -1.68
CA SER A 715 -3.40 -26.79 -2.76
C SER A 715 -4.84 -26.30 -2.66
N PRO A 716 -5.87 -27.17 -2.55
CA PRO A 716 -7.23 -26.64 -2.41
C PRO A 716 -7.46 -25.88 -1.11
N ALA A 717 -6.62 -26.10 -0.10
CA ALA A 717 -6.74 -25.40 1.16
C ALA A 717 -6.00 -24.07 1.11
N SER A 718 -4.86 -24.01 0.44
CA SER A 718 -4.10 -22.77 0.31
C SER A 718 -4.70 -21.85 -0.73
N LYS A 719 -5.54 -22.38 -1.63
CA LYS A 719 -6.15 -21.54 -2.66
C LYS A 719 -7.40 -20.85 -2.15
N LYS A 720 -8.31 -21.62 -1.53
CA LYS A 720 -9.57 -21.07 -1.04
C LYS A 720 -9.37 -20.13 0.14
N ALA A 721 -8.41 -20.42 1.01
CA ALA A 721 -8.17 -19.59 2.18
C ALA A 721 -7.84 -18.16 1.79
N ASP A 722 -8.03 -17.25 2.76
CA ASP A 722 -7.74 -15.84 2.53
C ASP A 722 -6.28 -15.63 2.15
N ILE A 723 -5.39 -16.51 2.62
CA ILE A 723 -3.98 -16.44 2.29
C ILE A 723 -3.37 -17.82 2.51
N GLY A 724 -2.63 -18.27 1.51
CA GLY A 724 -1.96 -19.56 1.55
C GLY A 724 -0.47 -19.31 1.74
N VAL A 725 0.16 -20.14 2.59
CA VAL A 725 1.57 -20.02 2.88
C VAL A 725 2.20 -21.35 2.48
N ALA A 726 3.06 -21.30 1.48
CA ALA A 726 3.74 -22.48 0.99
C ALA A 726 5.23 -22.43 1.32
N MET A 727 5.84 -23.62 1.38
CA MET A 727 7.26 -23.73 1.67
C MET A 727 8.04 -23.57 0.38
N GLY A 728 9.08 -22.74 0.42
CA GLY A 728 9.89 -22.47 -0.76
C GLY A 728 10.59 -23.67 -1.35
N ILE A 729 11.02 -24.62 -0.51
CA ILE A 729 11.71 -25.80 -1.00
C ILE A 729 10.96 -27.07 -0.61
N ALA A 730 10.52 -27.17 0.64
CA ALA A 730 9.81 -28.35 1.12
C ALA A 730 8.37 -28.41 0.64
N GLY A 731 7.91 -27.44 -0.14
CA GLY A 731 6.55 -27.42 -0.65
C GLY A 731 6.52 -27.78 -2.12
N SER A 732 5.49 -28.55 -2.50
CA SER A 732 5.33 -28.96 -3.89
C SER A 732 5.04 -27.73 -4.75
N ASP A 733 5.19 -27.89 -6.06
CA ASP A 733 4.98 -26.77 -6.98
C ASP A 733 3.52 -26.39 -7.11
N VAL A 734 2.63 -27.37 -7.11
CA VAL A 734 1.20 -27.08 -7.26
C VAL A 734 0.70 -26.18 -6.13
N SER A 735 0.91 -26.62 -4.88
CA SER A 735 0.47 -25.83 -3.75
C SER A 735 1.30 -24.56 -3.61
N LYS A 736 2.45 -24.48 -4.27
CA LYS A 736 3.29 -23.29 -4.23
C LYS A 736 2.76 -22.23 -5.18
N GLN A 737 2.10 -22.67 -6.25
CA GLN A 737 1.51 -21.77 -7.22
C GLN A 737 0.11 -21.35 -6.79
N ALA A 738 -0.63 -22.26 -6.13
CA ALA A 738 -1.97 -21.95 -5.67
C ALA A 738 -1.97 -21.10 -4.41
N ALA A 739 -0.82 -20.88 -3.79
CA ALA A 739 -0.74 -20.08 -2.59
C ALA A 739 -0.56 -18.60 -2.92
N ASP A 740 -0.52 -17.78 -1.87
CA ASP A 740 -0.36 -16.33 -2.01
C ASP A 740 0.92 -15.79 -1.35
N MET A 741 1.59 -16.60 -0.53
CA MET A 741 2.82 -16.21 0.16
C MET A 741 3.78 -17.40 0.20
N ILE A 742 5.02 -17.16 -0.25
CA ILE A 742 6.05 -18.19 -0.33
C ILE A 742 7.13 -17.93 0.71
N LEU A 743 7.53 -18.99 1.42
CA LEU A 743 8.57 -18.93 2.44
C LEU A 743 9.81 -19.57 1.81
N LEU A 744 10.66 -18.74 1.22
CA LEU A 744 11.87 -19.24 0.56
C LEU A 744 12.81 -19.95 1.54
N ASP A 745 12.89 -19.50 2.78
CA ASP A 745 13.77 -20.12 3.76
C ASP A 745 13.09 -21.22 4.56
N ASP A 746 11.79 -21.46 4.39
CA ASP A 746 10.98 -22.45 5.10
C ASP A 746 10.90 -22.18 6.59
N ASN A 747 11.39 -21.01 7.05
CA ASN A 747 11.36 -20.65 8.45
C ASN A 747 9.93 -20.31 8.84
N PHE A 748 9.28 -21.21 9.59
CA PHE A 748 7.90 -21.01 10.02
C PHE A 748 7.71 -19.78 10.88
N ALA A 749 8.80 -19.16 11.36
CA ALA A 749 8.66 -17.93 12.15
C ALA A 749 8.24 -16.77 11.27
N SER A 750 8.36 -16.92 9.95
CA SER A 750 7.93 -15.90 9.02
C SER A 750 6.43 -15.64 9.17
N ILE A 751 5.68 -16.61 9.69
CA ILE A 751 4.26 -16.41 9.94
C ILE A 751 4.08 -15.36 11.02
N VAL A 752 4.90 -15.44 12.08
CA VAL A 752 4.83 -14.44 13.14
C VAL A 752 5.27 -13.09 12.61
N THR A 753 6.32 -13.07 11.80
CA THR A 753 6.75 -11.80 11.24
C THR A 753 5.67 -11.21 10.34
N GLY A 754 5.01 -12.07 9.57
CA GLY A 754 3.96 -11.61 8.68
C GLY A 754 2.78 -11.02 9.41
N VAL A 755 2.34 -11.66 10.49
CA VAL A 755 1.20 -11.10 11.22
C VAL A 755 1.61 -9.78 11.88
N GLU A 756 2.85 -9.68 12.35
CA GLU A 756 3.29 -8.43 12.95
C GLU A 756 3.30 -7.31 11.92
N GLU A 757 3.90 -7.57 10.76
CA GLU A 757 3.96 -6.57 9.70
C GLU A 757 2.56 -6.21 9.21
N GLY A 758 1.65 -7.18 9.18
CA GLY A 758 0.29 -6.88 8.74
C GLY A 758 -0.40 -5.89 9.63
N ARG A 759 -0.39 -6.13 10.94
CA ARG A 759 -1.05 -5.18 11.83
C ARG A 759 -0.32 -3.84 11.84
N LEU A 760 1.00 -3.85 11.75
CA LEU A 760 1.77 -2.60 11.74
C LEU A 760 1.41 -1.74 10.53
N ILE A 761 1.36 -2.36 9.34
CA ILE A 761 1.03 -1.60 8.15
C ILE A 761 -0.43 -1.18 8.19
N PHE A 762 -1.29 -1.93 8.87
CA PHE A 762 -2.69 -1.52 8.97
C PHE A 762 -2.79 -0.21 9.74
N ASP A 763 -2.09 -0.11 10.87
CA ASP A 763 -2.11 1.13 11.65
C ASP A 763 -1.46 2.28 10.88
N ASN A 764 -0.32 2.01 10.23
CA ASN A 764 0.33 3.07 9.46
C ASN A 764 -0.52 3.49 8.26
N LEU A 765 -1.38 2.60 7.77
CA LEU A 765 -2.28 2.95 6.70
C LEU A 765 -3.31 3.92 7.22
N LYS A 766 -3.84 3.65 8.42
CA LYS A 766 -4.79 4.58 9.02
C LYS A 766 -4.18 5.97 9.14
N LYS A 767 -2.93 6.01 9.62
CA LYS A 767 -2.24 7.29 9.79
C LYS A 767 -2.03 8.01 8.46
N SER A 768 -1.48 7.33 7.45
CA SER A 768 -1.23 7.97 6.16
C SER A 768 -2.53 8.46 5.51
N ILE A 769 -3.59 7.67 5.62
CA ILE A 769 -4.88 8.06 5.05
C ILE A 769 -5.38 9.31 5.74
N ALA A 770 -5.27 9.38 7.07
CA ALA A 770 -5.72 10.57 7.78
C ALA A 770 -4.91 11.78 7.37
N TYR A 771 -3.61 11.60 7.12
CA TYR A 771 -2.77 12.72 6.72
C TYR A 771 -3.16 13.24 5.35
N THR A 772 -3.54 12.35 4.43
CA THR A 772 -3.95 12.86 3.12
C THR A 772 -5.36 13.44 3.15
N LEU A 773 -6.25 12.89 3.98
CA LEU A 773 -7.62 13.40 4.07
C LEU A 773 -7.70 14.73 4.83
N THR A 774 -6.71 15.08 5.62
CA THR A 774 -6.78 16.34 6.34
C THR A 774 -6.52 17.50 5.41
N SER A 775 -5.70 17.30 4.37
CA SER A 775 -5.35 18.38 3.44
C SER A 775 -6.50 18.80 2.53
N ASN A 776 -7.55 17.99 2.39
CA ASN A 776 -8.63 18.38 1.50
C ASN A 776 -9.45 19.55 2.01
N ILE A 777 -9.48 19.80 3.33
CA ILE A 777 -10.24 20.94 3.85
C ILE A 777 -9.61 22.27 3.40
N PRO A 778 -8.32 22.54 3.70
CA PRO A 778 -7.75 23.82 3.24
C PRO A 778 -7.48 23.85 1.74
N GLU A 779 -7.85 22.81 1.03
CA GLU A 779 -7.72 22.67 -0.41
C GLU A 779 -9.00 23.11 -1.09
N ILE A 780 -10.14 22.62 -0.58
CA ILE A 780 -11.44 22.93 -1.16
C ILE A 780 -12.00 24.24 -0.60
N THR A 781 -11.82 24.52 0.69
CA THR A 781 -12.36 25.74 1.28
C THR A 781 -12.05 27.04 0.54
N PRO A 782 -10.85 27.25 -0.06
CA PRO A 782 -10.66 28.52 -0.79
C PRO A 782 -11.62 28.69 -1.95
N PHE A 783 -11.81 27.64 -2.75
CA PHE A 783 -12.76 27.69 -3.87
C PHE A 783 -14.20 27.83 -3.37
N LEU A 784 -14.52 27.18 -2.24
CA LEU A 784 -15.85 27.25 -1.65
C LEU A 784 -16.19 28.69 -1.27
N ILE A 785 -15.34 29.34 -0.47
CA ILE A 785 -15.65 30.72 -0.12
C ILE A 785 -15.43 31.65 -1.31
N PHE A 786 -14.63 31.24 -2.29
CA PHE A 786 -14.45 32.05 -3.50
C PHE A 786 -15.78 32.19 -4.22
N ILE A 787 -16.60 31.13 -4.15
CA ILE A 787 -17.93 31.16 -4.74
C ILE A 787 -18.90 31.84 -3.78
N ILE A 788 -18.86 31.49 -2.49
CA ILE A 788 -19.73 32.02 -1.45
C ILE A 788 -19.67 33.52 -1.25
N ALA A 789 -18.55 34.06 -0.81
CA ALA A 789 -18.43 35.49 -0.53
C ALA A 789 -18.05 36.33 -1.72
N ASN A 790 -17.79 35.72 -2.87
CA ASN A 790 -17.41 36.44 -4.10
C ASN A 790 -16.13 37.25 -3.89
N ILE A 791 -15.09 36.58 -3.40
CA ILE A 791 -13.78 37.20 -3.13
C ILE A 791 -12.77 36.63 -4.11
N PRO A 792 -11.61 37.27 -4.35
CA PRO A 792 -10.63 36.70 -5.27
C PRO A 792 -10.16 35.33 -4.79
N LEU A 793 -9.85 34.46 -5.75
CA LEU A 793 -9.43 33.09 -5.48
C LEU A 793 -8.27 33.02 -4.50
N PRO A 794 -8.46 32.44 -3.31
CA PRO A 794 -7.35 32.35 -2.38
C PRO A 794 -6.32 31.31 -2.77
N LEU A 795 -6.75 30.19 -3.35
CA LEU A 795 -5.84 29.11 -3.74
C LEU A 795 -6.18 28.59 -5.13
N GLY A 796 -5.17 28.51 -6.00
CA GLY A 796 -5.37 28.01 -7.36
C GLY A 796 -5.32 26.49 -7.41
N THR A 797 -5.42 25.97 -8.64
CA THR A 797 -5.41 24.52 -8.86
C THR A 797 -3.99 23.98 -8.97
N VAL A 798 -3.11 24.72 -9.66
CA VAL A 798 -1.71 24.30 -9.80
C VAL A 798 -1.09 24.07 -8.45
N THR A 799 -1.35 25.00 -7.51
CA THR A 799 -0.82 24.87 -6.16
C THR A 799 -1.37 23.62 -5.48
N ILE A 800 -2.66 23.34 -5.65
CA ILE A 800 -3.26 22.16 -5.03
C ILE A 800 -2.57 20.90 -5.55
N LEU A 801 -2.26 20.87 -6.85
CA LEU A 801 -1.54 19.72 -7.39
C LEU A 801 -0.15 19.63 -6.78
N CYS A 802 0.46 20.79 -6.53
CA CYS A 802 1.76 20.78 -5.89
C CYS A 802 1.67 20.32 -4.45
N ILE A 803 0.47 20.30 -3.90
CA ILE A 803 0.28 19.87 -2.52
C ILE A 803 0.01 18.36 -2.44
N ASP A 804 -1.05 17.89 -3.13
CA ASP A 804 -1.39 16.46 -3.05
C ASP A 804 -0.52 15.58 -3.92
N LEU A 805 0.10 16.11 -4.95
CA LEU A 805 0.98 15.34 -5.80
C LEU A 805 2.40 15.82 -5.69
N GLY A 806 2.64 16.77 -4.79
CA GLY A 806 3.95 17.32 -4.54
C GLY A 806 4.52 17.07 -3.17
N THR A 807 4.31 18.08 -2.31
CA THR A 807 4.83 18.08 -0.95
C THR A 807 4.40 16.87 -0.13
N ASP A 808 3.08 16.69 0.05
CA ASP A 808 2.54 15.61 0.88
C ASP A 808 2.80 14.17 0.46
N MET A 809 3.53 13.94 -0.63
CA MET A 809 3.80 12.56 -1.04
C MET A 809 4.78 11.87 -0.09
N VAL A 810 5.93 12.51 0.14
CA VAL A 810 6.95 11.96 1.03
C VAL A 810 6.43 11.79 2.45
N PRO A 811 5.75 12.76 3.08
CA PRO A 811 5.25 12.52 4.45
C PRO A 811 4.27 11.36 4.51
N ALA A 812 3.38 11.24 3.53
CA ALA A 812 2.43 10.13 3.55
C ALA A 812 3.15 8.80 3.39
N ILE A 813 4.26 8.78 2.66
CA ILE A 813 5.00 7.54 2.49
C ILE A 813 5.80 7.21 3.74
N SER A 814 6.48 8.22 4.30
CA SER A 814 7.27 8.03 5.51
C SER A 814 6.42 7.64 6.69
N LEU A 815 5.11 7.86 6.62
CA LEU A 815 4.23 7.46 7.70
C LEU A 815 4.03 5.96 7.72
N ALA A 816 4.62 5.25 6.76
CA ALA A 816 4.55 3.80 6.67
C ALA A 816 5.71 3.13 7.37
N TYR A 817 6.78 3.88 7.62
CA TYR A 817 7.94 3.36 8.32
C TYR A 817 7.78 3.48 9.83
N GLU A 818 6.67 4.03 10.29
CA GLU A 818 6.40 4.15 11.70
C GLU A 818 6.42 2.78 12.35
N GLN A 819 6.60 2.75 13.66
CA GLN A 819 6.63 1.49 14.37
C GLN A 819 5.66 1.52 15.53
N ALA A 820 5.34 0.31 15.99
CA ALA A 820 4.40 0.00 17.06
C ALA A 820 4.40 0.98 18.23
N GLU A 821 3.19 1.43 18.59
CA GLU A 821 3.01 2.31 19.74
C GLU A 821 2.90 1.52 21.03
N SER A 822 2.58 0.24 20.92
CA SER A 822 2.45 -0.70 22.03
C SER A 822 2.85 -2.07 21.49
N ASP A 823 2.51 -3.13 22.20
CA ASP A 823 2.84 -4.48 21.75
C ASP A 823 1.71 -4.92 20.83
N ILE A 824 1.94 -4.83 19.52
CA ILE A 824 0.89 -5.24 18.58
C ILE A 824 0.65 -6.74 18.65
N MET A 825 1.69 -7.51 18.98
CA MET A 825 1.55 -8.95 19.07
C MET A 825 0.86 -9.40 20.36
N LYS A 826 0.30 -8.46 21.11
CA LYS A 826 -0.42 -8.76 22.34
C LYS A 826 -1.92 -8.55 22.21
N ARG A 827 -2.35 -7.66 21.31
CA ARG A 827 -3.76 -7.39 21.09
C ARG A 827 -4.37 -8.47 20.20
N GLN A 828 -5.70 -8.56 20.28
CA GLN A 828 -6.46 -9.54 19.52
C GLN A 828 -6.59 -9.12 18.05
N PRO A 829 -6.84 -10.08 17.16
CA PRO A 829 -6.98 -9.71 15.74
C PRO A 829 -8.16 -8.77 15.54
N ARG A 830 -8.05 -7.90 14.54
CA ARG A 830 -9.09 -6.94 14.26
C ARG A 830 -10.38 -7.62 13.82
N ASN A 831 -11.51 -6.97 14.15
CA ASN A 831 -12.82 -7.49 13.77
C ASN A 831 -13.20 -6.87 12.43
N PRO A 832 -13.52 -7.68 11.41
CA PRO A 832 -13.86 -7.10 10.10
C PRO A 832 -15.12 -6.27 10.11
N LYS A 833 -16.06 -6.57 10.99
CA LYS A 833 -17.31 -5.82 11.07
C LYS A 833 -17.29 -4.73 12.13
N THR A 834 -16.25 -4.64 12.94
CA THR A 834 -16.20 -3.61 13.97
C THR A 834 -15.06 -2.62 13.74
N ASP A 835 -13.82 -3.08 13.70
CA ASP A 835 -12.66 -2.21 13.54
C ASP A 835 -12.36 -1.96 12.07
N LYS A 836 -12.91 -0.86 11.55
CA LYS A 836 -12.71 -0.50 10.16
C LYS A 836 -11.44 0.33 9.98
N LEU A 837 -10.91 0.31 8.75
CA LEU A 837 -9.70 1.07 8.46
C LEU A 837 -9.95 2.57 8.54
N VAL A 838 -10.99 3.06 7.85
CA VAL A 838 -11.33 4.47 7.84
C VAL A 838 -12.74 4.58 8.40
N ASN A 839 -12.86 4.86 9.69
CA ASN A 839 -14.15 4.99 10.35
C ASN A 839 -14.56 6.47 10.40
N GLU A 840 -15.68 6.73 11.06
CA GLU A 840 -16.17 8.10 11.17
C GLU A 840 -15.29 8.98 12.05
N GLN A 841 -14.50 8.38 12.93
CA GLN A 841 -13.62 9.14 13.81
C GLN A 841 -12.52 9.83 13.02
N LEU A 842 -11.97 9.13 12.02
CA LEU A 842 -10.94 9.73 11.19
C LEU A 842 -11.49 10.92 10.43
N ILE A 843 -12.74 10.81 9.94
CA ILE A 843 -13.35 11.92 9.22
C ILE A 843 -13.60 13.08 10.17
N SER A 844 -14.03 12.79 11.40
CA SER A 844 -14.26 13.86 12.35
C SER A 844 -12.97 14.59 12.72
N MET A 845 -11.83 13.89 12.65
CA MET A 845 -10.56 14.55 12.97
C MET A 845 -10.00 15.33 11.79
N ALA A 846 -9.89 14.68 10.62
CA ALA A 846 -9.33 15.34 9.46
C ALA A 846 -10.24 16.43 8.91
N TYR A 847 -11.43 16.04 8.45
CA TYR A 847 -12.36 17.01 7.87
C TYR A 847 -13.00 17.91 8.92
N GLY A 848 -13.14 17.43 10.16
CA GLY A 848 -13.78 18.24 11.17
C GLY A 848 -12.92 19.20 11.96
N GLN A 849 -11.84 18.72 12.57
CA GLN A 849 -11.02 19.59 13.41
C GLN A 849 -9.70 20.09 12.82
N ILE A 850 -8.78 19.18 12.51
CA ILE A 850 -7.46 19.58 12.02
C ILE A 850 -7.55 20.35 10.71
N GLY A 851 -8.24 19.77 9.72
CA GLY A 851 -8.37 20.45 8.43
C GLY A 851 -8.97 21.84 8.55
N MET A 852 -9.89 22.02 9.51
CA MET A 852 -10.49 23.32 9.73
C MET A 852 -9.45 24.35 10.15
N ILE A 853 -8.55 23.96 11.05
CA ILE A 853 -7.51 24.89 11.49
C ILE A 853 -6.57 25.18 10.34
N GLN A 854 -6.29 24.19 9.51
CA GLN A 854 -5.41 24.45 8.35
C GLN A 854 -6.07 25.45 7.40
N ALA A 855 -7.38 25.34 7.22
CA ALA A 855 -8.08 26.26 6.34
C ALA A 855 -8.05 27.68 6.90
N LEU A 856 -8.27 27.82 8.22
CA LEU A 856 -8.23 29.15 8.82
C LEU A 856 -6.85 29.74 8.68
N GLY A 857 -5.81 28.91 8.82
CA GLY A 857 -4.44 29.39 8.65
C GLY A 857 -4.19 29.88 7.22
N GLY A 858 -4.77 29.19 6.25
CA GLY A 858 -4.62 29.62 4.87
C GLY A 858 -5.27 30.97 4.62
N PHE A 859 -6.51 31.13 5.09
CA PHE A 859 -7.22 32.39 4.90
C PHE A 859 -6.50 33.54 5.62
N PHE A 860 -5.81 33.23 6.73
CA PHE A 860 -5.07 34.27 7.42
C PHE A 860 -4.01 34.83 6.50
N THR A 861 -3.19 33.94 5.92
CA THR A 861 -2.14 34.41 4.99
C THR A 861 -2.74 35.17 3.81
N TYR A 862 -3.90 34.71 3.33
CA TYR A 862 -4.58 35.37 2.21
C TYR A 862 -4.86 36.82 2.52
N PHE A 863 -5.59 37.06 3.63
CA PHE A 863 -5.91 38.43 4.01
C PHE A 863 -4.66 39.24 4.33
N VAL A 864 -3.65 38.60 4.93
CA VAL A 864 -2.41 39.29 5.27
C VAL A 864 -1.77 39.87 4.02
N ILE A 865 -1.59 39.03 3.00
CA ILE A 865 -0.97 39.48 1.76
C ILE A 865 -1.79 40.55 1.08
N LEU A 866 -3.08 40.27 0.85
CA LEU A 866 -3.92 41.24 0.15
C LEU A 866 -4.01 42.56 0.89
N ALA A 867 -4.15 42.52 2.22
CA ALA A 867 -4.26 43.75 3.00
C ALA A 867 -2.96 44.53 2.98
N GLU A 868 -1.81 43.86 2.95
CA GLU A 868 -0.56 44.61 2.92
C GLU A 868 -0.33 45.27 1.58
N ASN A 869 -0.90 44.71 0.50
CA ASN A 869 -0.73 45.32 -0.82
C ASN A 869 -1.75 46.43 -1.08
N GLY A 870 -2.59 46.74 -0.11
CA GLY A 870 -3.61 47.77 -0.21
C GLY A 870 -5.04 47.28 -0.21
N PHE A 871 -5.26 45.99 -0.47
CA PHE A 871 -6.59 45.41 -0.54
C PHE A 871 -6.94 44.83 0.82
N LEU A 872 -7.48 45.66 1.70
CA LEU A 872 -7.88 45.24 3.03
C LEU A 872 -8.89 44.09 2.97
N PRO A 873 -8.94 43.22 3.97
CA PRO A 873 -9.87 42.08 3.93
C PRO A 873 -11.32 42.46 3.77
N ILE A 874 -11.73 43.59 4.36
CA ILE A 874 -13.12 44.01 4.26
C ILE A 874 -13.47 44.41 2.83
N HIS A 875 -12.55 45.11 2.16
CA HIS A 875 -12.76 45.55 0.78
C HIS A 875 -12.77 44.40 -0.22
N LEU A 876 -12.31 43.21 0.14
CA LEU A 876 -12.30 42.09 -0.79
C LEU A 876 -13.67 41.46 -1.00
N LEU A 877 -14.67 41.80 -0.19
CA LEU A 877 -15.99 41.22 -0.36
C LEU A 877 -16.64 41.71 -1.66
N GLY A 878 -17.09 40.77 -2.48
CA GLY A 878 -17.72 41.09 -3.75
C GLY A 878 -16.80 41.73 -4.78
N LEU A 879 -15.49 41.54 -4.65
CA LEU A 879 -14.56 42.13 -5.59
C LEU A 879 -14.25 41.21 -6.76
N ARG A 880 -14.52 39.90 -6.62
CA ARG A 880 -14.25 38.92 -7.68
C ARG A 880 -14.87 39.29 -9.02
N VAL A 881 -16.11 39.79 -8.98
CA VAL A 881 -16.85 40.19 -10.18
C VAL A 881 -15.96 41.01 -11.11
N ASN A 882 -15.39 42.09 -10.58
CA ASN A 882 -14.49 42.92 -11.36
C ASN A 882 -13.04 42.50 -11.23
N TRP A 883 -12.74 41.52 -10.37
CA TRP A 883 -11.37 41.07 -10.22
C TRP A 883 -10.98 40.12 -11.33
N ASP A 884 -11.88 39.23 -11.72
CA ASP A 884 -11.57 38.29 -12.78
C ASP A 884 -11.74 38.91 -14.17
N ASP A 885 -12.26 40.12 -14.24
CA ASP A 885 -12.46 40.80 -15.52
C ASP A 885 -11.10 41.20 -16.08
N ARG A 886 -10.86 40.81 -17.34
CA ARG A 886 -9.61 41.08 -18.06
C ARG A 886 -9.55 42.48 -18.66
N TRP A 887 -10.64 43.26 -18.61
CA TRP A 887 -10.63 44.58 -19.21
C TRP A 887 -10.82 45.74 -18.23
N ILE A 888 -11.24 45.49 -16.99
CA ILE A 888 -11.42 46.55 -16.00
C ILE A 888 -10.03 46.73 -15.39
N ASN A 889 -9.26 47.68 -15.91
CA ASN A 889 -7.91 47.94 -15.45
C ASN A 889 -7.80 49.16 -14.51
N ASP A 890 -8.87 49.47 -13.80
CA ASP A 890 -8.89 50.58 -12.85
C ASP A 890 -9.57 50.13 -11.55
N VAL A 891 -9.23 48.92 -11.10
CA VAL A 891 -9.80 48.35 -9.89
C VAL A 891 -9.24 49.09 -8.69
N GLU A 892 -10.10 49.73 -7.92
CA GLU A 892 -9.69 50.50 -6.76
C GLU A 892 -9.55 49.65 -5.51
N ASP A 893 -8.48 49.89 -4.76
CA ASP A 893 -8.21 49.19 -3.51
C ASP A 893 -8.76 50.03 -2.36
N SER A 894 -8.34 49.72 -1.13
CA SER A 894 -8.79 50.46 0.03
C SER A 894 -8.08 51.79 0.19
N TYR A 895 -7.05 52.04 -0.62
CA TYR A 895 -6.31 53.30 -0.55
C TYR A 895 -6.63 54.23 -1.72
N GLY A 896 -7.46 53.79 -2.66
CA GLY A 896 -7.80 54.60 -3.81
C GLY A 896 -6.97 54.36 -5.04
N GLN A 897 -5.96 53.50 -4.98
CA GLN A 897 -5.12 53.22 -6.13
C GLN A 897 -5.84 52.36 -7.15
N GLN A 898 -5.52 52.57 -8.42
CA GLN A 898 -6.12 51.83 -9.54
C GLN A 898 -5.18 50.74 -10.01
N TRP A 899 -5.66 49.49 -10.00
CA TRP A 899 -4.86 48.34 -10.41
C TRP A 899 -5.36 47.76 -11.72
N THR A 900 -4.42 47.42 -12.61
CA THR A 900 -4.77 46.82 -13.89
C THR A 900 -5.03 45.34 -13.70
N TYR A 901 -5.36 44.64 -14.79
CA TYR A 901 -5.66 43.23 -14.70
C TYR A 901 -4.46 42.42 -14.28
N GLU A 902 -3.34 42.56 -14.99
CA GLU A 902 -2.15 41.78 -14.66
C GLU A 902 -1.58 42.13 -13.29
N GLN A 903 -1.71 43.37 -12.83
CA GLN A 903 -1.17 43.72 -11.52
C GLN A 903 -1.92 42.97 -10.40
N ARG A 904 -3.25 43.09 -10.36
CA ARG A 904 -4.00 42.38 -9.33
C ARG A 904 -3.94 40.87 -9.55
N LYS A 905 -3.75 40.43 -10.79
CA LYS A 905 -3.62 38.99 -11.04
C LYS A 905 -2.27 38.48 -10.54
N ILE A 906 -1.22 39.30 -10.63
CA ILE A 906 0.07 38.91 -10.10
C ILE A 906 -0.05 38.81 -8.59
N VAL A 907 -0.85 39.69 -7.99
CA VAL A 907 -1.06 39.60 -6.54
C VAL A 907 -1.86 38.35 -6.21
N GLU A 908 -2.82 37.97 -7.06
CA GLU A 908 -3.59 36.75 -6.82
C GLU A 908 -2.71 35.51 -6.89
N PHE A 909 -1.82 35.44 -7.87
CA PHE A 909 -0.94 34.27 -7.97
C PHE A 909 0.10 34.26 -6.85
N THR A 910 0.61 35.45 -6.48
CA THR A 910 1.57 35.56 -5.38
C THR A 910 0.83 35.47 -4.04
N CYS A 911 -0.49 35.27 -4.10
CA CYS A 911 -1.35 35.03 -2.97
C CYS A 911 -1.76 33.57 -2.93
N HIS A 912 -1.65 32.88 -4.07
CA HIS A 912 -1.91 31.45 -4.19
C HIS A 912 -0.70 30.66 -3.70
N THR A 913 0.47 31.07 -4.17
CA THR A 913 1.71 30.41 -3.75
C THR A 913 1.89 30.39 -2.24
N PRO A 914 1.71 31.50 -1.51
CA PRO A 914 1.85 31.44 -0.06
C PRO A 914 0.76 30.61 0.57
N PHE A 915 -0.39 30.46 -0.10
CA PHE A 915 -1.41 29.60 0.46
C PHE A 915 -0.92 28.16 0.42
N PHE A 916 -0.24 27.80 -0.66
CA PHE A 916 0.34 26.46 -0.77
C PHE A 916 1.42 26.29 0.29
N VAL A 917 2.20 27.34 0.51
CA VAL A 917 3.21 27.29 1.55
C VAL A 917 2.56 27.14 2.91
N THR A 918 1.43 27.82 3.11
CA THR A 918 0.68 27.72 4.36
C THR A 918 0.25 26.28 4.58
N ILE A 919 -0.15 25.62 3.50
CA ILE A 919 -0.54 24.23 3.60
C ILE A 919 0.64 23.41 4.08
N VAL A 920 1.83 23.70 3.56
CA VAL A 920 3.02 22.96 3.98
C VAL A 920 3.30 23.20 5.47
N VAL A 921 3.17 24.46 5.90
CA VAL A 921 3.43 24.81 7.30
C VAL A 921 2.49 24.05 8.23
N VAL A 922 1.19 24.03 7.90
CA VAL A 922 0.26 23.30 8.77
C VAL A 922 0.46 21.79 8.62
N GLN A 923 0.99 21.34 7.46
CA GLN A 923 1.24 19.92 7.28
C GLN A 923 2.39 19.44 8.13
N TRP A 924 3.27 20.34 8.56
CA TRP A 924 4.34 19.93 9.49
C TRP A 924 3.71 19.35 10.75
N ALA A 925 2.86 20.16 11.40
CA ALA A 925 2.18 19.74 12.61
C ALA A 925 1.23 18.59 12.35
N ASP A 926 0.58 18.59 11.18
CA ASP A 926 -0.32 17.47 10.89
C ASP A 926 0.45 16.16 10.79
N LEU A 927 1.65 16.19 10.22
CA LEU A 927 2.45 14.98 10.12
C LEU A 927 2.90 14.52 11.50
N VAL A 928 3.29 15.48 12.35
CA VAL A 928 3.75 15.13 13.68
C VAL A 928 2.60 14.53 14.51
N ILE A 929 1.39 15.08 14.39
CA ILE A 929 0.28 14.56 15.19
C ILE A 929 -0.28 13.26 14.60
N CYS A 930 -0.26 13.09 13.28
CA CYS A 930 -0.75 11.85 12.70
C CYS A 930 0.28 10.74 12.82
N LYS A 931 1.49 11.08 13.26
CA LYS A 931 2.54 10.10 13.48
C LYS A 931 2.22 9.16 14.63
N THR A 932 1.39 9.61 15.58
CA THR A 932 0.98 8.81 16.74
C THR A 932 -0.53 8.90 16.96
N ARG A 933 -1.15 7.76 17.28
CA ARG A 933 -2.59 7.70 17.52
C ARG A 933 -2.94 7.84 18.99
N ARG A 934 -2.19 7.22 19.88
CA ARG A 934 -2.44 7.27 21.32
C ARG A 934 -1.30 7.88 22.12
N ASN A 935 -0.06 7.42 21.90
CA ASN A 935 1.10 7.92 22.63
C ASN A 935 1.40 9.37 22.26
N SER A 936 2.18 10.01 23.12
CA SER A 936 2.62 11.38 22.88
C SER A 936 3.80 11.36 21.91
N VAL A 937 4.01 12.47 21.21
CA VAL A 937 5.11 12.55 20.25
C VAL A 937 6.45 12.32 20.94
N PHE A 938 6.53 12.63 22.23
CA PHE A 938 7.77 12.43 22.99
C PHE A 938 7.90 11.01 23.50
N GLN A 939 6.79 10.31 23.72
CA GLN A 939 6.87 8.92 24.16
C GLN A 939 7.31 8.05 22.99
N GLN A 940 6.81 8.37 21.79
CA GLN A 940 7.16 7.65 20.57
C GLN A 940 8.49 8.14 20.00
N GLY A 941 8.68 9.46 19.95
CA GLY A 941 9.91 10.04 19.45
C GLY A 941 9.93 10.13 17.94
N MET A 942 10.52 11.19 17.41
CA MET A 942 10.60 11.34 15.95
C MET A 942 11.83 10.64 15.39
N LYS A 943 11.97 9.36 15.73
CA LYS A 943 13.08 8.56 15.27
C LYS A 943 12.89 8.06 13.84
N ASN A 944 11.82 8.46 13.17
CA ASN A 944 11.58 8.04 11.79
C ASN A 944 12.38 8.96 10.91
N LYS A 945 13.59 8.50 10.54
CA LYS A 945 14.48 9.28 9.70
C LYS A 945 13.82 9.66 8.38
N ILE A 946 12.99 8.76 7.85
CA ILE A 946 12.29 9.07 6.62
C ILE A 946 11.29 10.21 6.85
N LEU A 947 10.66 10.25 8.04
CA LEU A 947 9.71 11.31 8.34
C LEU A 947 10.42 12.67 8.47
N ILE A 948 11.64 12.67 8.98
CA ILE A 948 12.39 13.91 9.09
C ILE A 948 12.78 14.39 7.70
N PHE A 949 13.22 13.45 6.84
CA PHE A 949 13.56 13.83 5.48
C PHE A 949 12.30 14.32 4.77
N GLY A 950 11.14 13.78 5.14
CA GLY A 950 9.86 14.18 4.58
C GLY A 950 9.52 15.63 4.89
N LEU A 951 10.02 16.13 6.01
CA LEU A 951 9.78 17.54 6.31
C LEU A 951 10.81 18.44 5.64
N PHE A 952 12.07 18.02 5.60
CA PHE A 952 13.10 18.84 4.98
C PHE A 952 12.89 18.94 3.47
N GLU A 953 12.60 17.80 2.82
CA GLU A 953 12.36 17.82 1.38
C GLU A 953 11.08 18.58 1.07
N GLU A 954 10.03 18.41 1.89
CA GLU A 954 8.79 19.14 1.65
C GLU A 954 9.01 20.66 1.70
N THR A 955 9.67 21.15 2.76
CA THR A 955 9.93 22.57 2.89
C THR A 955 10.83 23.08 1.77
N ALA A 956 11.90 22.35 1.45
CA ALA A 956 12.81 22.79 0.40
C ALA A 956 12.11 22.84 -0.95
N LEU A 957 11.33 21.80 -1.28
CA LEU A 957 10.62 21.78 -2.53
C LEU A 957 9.64 22.92 -2.62
N ALA A 958 8.92 23.20 -1.53
CA ALA A 958 7.96 24.31 -1.55
C ALA A 958 8.68 25.64 -1.79
N ALA A 959 9.80 25.85 -1.11
CA ALA A 959 10.55 27.08 -1.30
C ALA A 959 11.06 27.18 -2.73
N PHE A 960 11.41 26.04 -3.32
CA PHE A 960 11.89 26.06 -4.69
C PHE A 960 10.76 26.41 -5.66
N LEU A 961 9.57 25.84 -5.43
CA LEU A 961 8.42 26.08 -6.27
C LEU A 961 8.01 27.55 -6.27
N SER A 962 8.56 28.34 -5.35
CA SER A 962 8.26 29.76 -5.36
C SER A 962 9.42 30.66 -5.73
N TYR A 963 10.65 30.30 -5.39
CA TYR A 963 11.80 31.13 -5.69
C TYR A 963 12.60 30.66 -6.89
N CYS A 964 12.04 29.77 -7.70
CA CYS A 964 12.83 29.35 -8.84
C CYS A 964 12.61 30.32 -10.00
N PRO A 965 13.68 30.71 -10.73
CA PRO A 965 13.53 31.64 -11.85
C PRO A 965 12.61 31.10 -12.94
N GLY A 966 11.51 31.83 -13.18
CA GLY A 966 10.56 31.44 -14.19
C GLY A 966 9.32 30.72 -13.70
N MET A 967 9.01 30.77 -12.41
CA MET A 967 7.82 30.10 -11.91
C MET A 967 6.57 30.94 -12.11
N GLY A 968 6.70 32.27 -12.06
CA GLY A 968 5.55 33.12 -12.29
C GLY A 968 5.14 33.15 -13.74
N VAL A 969 6.00 32.60 -14.60
CA VAL A 969 5.75 32.52 -16.03
C VAL A 969 5.38 31.10 -16.46
N ALA A 970 5.86 30.08 -15.74
CA ALA A 970 5.55 28.70 -16.08
C ALA A 970 4.34 28.15 -15.32
N LEU A 971 4.35 28.27 -13.98
CA LEU A 971 3.25 27.79 -13.17
C LEU A 971 2.53 28.91 -12.44
N ARG A 972 2.88 30.17 -12.76
CA ARG A 972 2.29 31.36 -12.14
C ARG A 972 2.37 31.30 -10.63
N MET A 973 3.55 30.90 -10.13
CA MET A 973 3.84 30.81 -8.69
C MET A 973 4.96 31.79 -8.44
N TYR A 974 4.59 33.03 -8.11
CA TYR A 974 5.55 34.10 -7.87
C TYR A 974 6.31 33.93 -6.54
N PRO A 975 7.49 34.55 -6.42
CA PRO A 975 8.23 34.47 -5.17
C PRO A 975 7.47 35.12 -4.02
N LEU A 976 7.79 34.67 -2.81
CA LEU A 976 7.12 35.16 -1.62
C LEU A 976 8.01 36.09 -0.79
N LYS A 977 7.39 37.11 -0.22
CA LYS A 977 8.10 38.02 0.64
C LYS A 977 8.37 37.21 1.90
N PRO A 978 9.62 37.06 2.32
CA PRO A 978 9.97 36.20 3.48
C PRO A 978 9.05 36.26 4.69
N THR A 979 8.59 37.46 5.04
CA THR A 979 7.70 37.61 6.19
C THR A 979 6.41 36.80 6.06
N TRP A 980 6.14 36.19 4.90
CA TRP A 980 4.94 35.39 4.73
C TRP A 980 5.09 34.01 5.35
N TRP A 981 6.32 33.48 5.39
CA TRP A 981 6.51 32.14 5.93
C TRP A 981 6.07 32.01 7.38
N PHE A 982 6.08 33.10 8.14
CA PHE A 982 5.67 33.06 9.54
C PHE A 982 4.19 33.31 9.73
N CYS A 983 3.40 33.38 8.65
CA CYS A 983 1.97 33.65 8.79
C CYS A 983 1.24 32.45 9.35
N ALA A 984 1.63 31.24 8.93
CA ALA A 984 0.96 30.02 9.38
C ALA A 984 1.63 29.36 10.58
N PHE A 985 2.72 29.93 11.09
CA PHE A 985 3.40 29.32 12.23
C PHE A 985 2.53 29.16 13.47
N PRO A 986 1.81 30.20 13.94
CA PRO A 986 0.98 29.98 15.14
C PRO A 986 -0.09 28.93 14.92
N TYR A 987 -0.64 28.85 13.72
CA TYR A 987 -1.68 27.84 13.46
C TYR A 987 -1.11 26.43 13.56
N SER A 988 0.08 26.21 13.00
CA SER A 988 0.69 24.89 13.09
C SER A 988 1.00 24.54 14.54
N LEU A 989 1.55 25.50 15.28
CA LEU A 989 1.84 25.24 16.68
C LEU A 989 0.57 24.91 17.44
N LEU A 990 -0.54 25.58 17.06
CA LEU A 990 -1.83 25.31 17.70
C LEU A 990 -2.31 23.92 17.39
N ILE A 991 -2.18 23.49 16.14
CA ILE A 991 -2.57 22.13 15.75
C ILE A 991 -1.83 21.11 16.60
N PHE A 992 -0.52 21.32 16.72
CA PHE A 992 0.32 20.42 17.51
C PHE A 992 -0.13 20.38 18.97
N VAL A 993 -0.27 21.55 19.60
CA VAL A 993 -0.66 21.61 21.01
C VAL A 993 -2.03 20.96 21.23
N TYR A 994 -3.00 21.29 20.38
CA TYR A 994 -4.35 20.75 20.52
C TYR A 994 -4.38 19.24 20.42
N ASP A 995 -3.79 18.69 19.34
CA ASP A 995 -3.82 17.24 19.21
C ASP A 995 -2.98 16.57 20.29
N GLU A 996 -1.94 17.26 20.80
CA GLU A 996 -1.12 16.68 21.84
C GLU A 996 -1.92 16.53 23.11
N VAL A 997 -2.64 17.59 23.51
CA VAL A 997 -3.45 17.48 24.73
C VAL A 997 -4.60 16.50 24.49
N ARG A 998 -5.04 16.35 23.24
CA ARG A 998 -6.09 15.39 22.96
C ARG A 998 -5.59 13.96 23.25
N LYS A 999 -4.43 13.60 22.68
CA LYS A 999 -3.89 12.27 22.94
C LYS A 999 -3.50 12.09 24.39
N LEU A 1000 -3.17 13.18 25.08
CA LEU A 1000 -2.83 13.09 26.50
C LEU A 1000 -4.08 12.76 27.31
N ILE A 1001 -5.22 13.35 26.96
CA ILE A 1001 -6.46 13.04 27.66
C ILE A 1001 -6.88 11.61 27.34
N ILE A 1002 -6.61 11.15 26.12
CA ILE A 1002 -6.95 9.76 25.79
C ILE A 1002 -6.06 8.81 26.59
N ARG A 1003 -4.81 9.21 26.82
CA ARG A 1003 -3.86 8.42 27.59
C ARG A 1003 -4.28 8.31 29.05
N ARG A 1004 -4.50 9.46 29.71
CA ARG A 1004 -4.87 9.52 31.12
C ARG A 1004 -6.35 9.26 31.39
N ARG A 1005 -7.21 9.36 30.38
CA ARG A 1005 -8.66 9.14 30.55
C ARG A 1005 -9.17 8.23 29.46
N PRO A 1006 -8.78 6.94 29.47
CA PRO A 1006 -9.27 6.00 28.45
C PRO A 1006 -10.69 5.55 28.75
N GLY A 1007 -11.58 6.52 28.96
CA GLY A 1007 -12.96 6.25 29.27
C GLY A 1007 -13.91 6.26 28.09
N GLY A 1008 -14.67 7.34 27.94
CA GLY A 1008 -15.64 7.44 26.88
C GLY A 1008 -15.40 8.40 25.73
N TRP A 1009 -16.05 9.57 25.81
CA TRP A 1009 -16.04 10.61 24.79
C TRP A 1009 -14.72 10.82 24.06
N VAL A 1010 -13.64 11.10 24.79
CA VAL A 1010 -12.33 11.35 24.18
C VAL A 1010 -11.78 10.12 23.48
N GLU A 1011 -12.41 8.97 23.66
CA GLU A 1011 -12.00 7.72 23.03
C GLU A 1011 -12.97 7.30 21.93
N LYS A 1012 -14.26 7.61 22.07
CA LYS A 1012 -15.27 7.23 21.10
C LYS A 1012 -15.40 8.24 19.96
N GLU A 1013 -14.75 9.40 20.04
CA GLU A 1013 -14.90 10.40 18.99
C GLU A 1013 -13.62 10.71 18.24
N THR A 1014 -12.56 11.10 18.95
CA THR A 1014 -11.32 11.48 18.29
C THR A 1014 -10.51 10.29 17.77
N TYR A 1015 -10.20 9.34 18.66
CA TYR A 1015 -9.40 8.15 18.35
C TYR A 1015 -9.84 7.50 17.05
N TYR A 1016 -8.94 7.49 16.06
CA TYR A 1016 -9.24 6.88 14.77
C TYR A 1016 -8.46 5.59 14.51
N LYS B 13 -30.53 -0.28 3.06
CA LYS B 13 -29.16 -0.08 3.50
C LYS B 13 -28.99 1.36 4.00
N LYS B 14 -30.03 2.17 3.78
CA LYS B 14 -30.04 3.57 4.19
C LYS B 14 -31.10 3.81 5.25
N PHE B 15 -31.51 2.75 5.97
CA PHE B 15 -32.53 2.83 7.01
C PHE B 15 -31.94 3.20 8.36
N ILE B 16 -30.85 3.98 8.35
CA ILE B 16 -30.17 4.47 9.55
C ILE B 16 -31.05 5.51 10.23
N TRP B 17 -32.25 5.74 9.67
CA TRP B 17 -33.26 6.66 10.17
C TRP B 17 -33.42 6.56 11.67
N ASN B 18 -33.83 5.38 12.13
CA ASN B 18 -34.04 5.15 13.54
C ASN B 18 -33.52 3.77 13.94
N SER B 19 -33.55 3.55 15.24
CA SER B 19 -33.13 2.32 15.89
C SER B 19 -33.81 2.28 17.25
N GLU B 20 -33.69 1.15 17.93
CA GLU B 20 -34.33 1.04 19.25
C GLU B 20 -33.54 1.76 20.33
N LYS B 21 -32.32 2.21 20.03
CA LYS B 21 -31.48 2.93 20.97
C LYS B 21 -31.62 4.45 20.79
N LYS B 22 -32.74 4.89 20.22
CA LYS B 22 -33.05 6.31 19.96
C LYS B 22 -31.98 6.95 19.08
N GLU B 23 -31.77 6.39 17.90
CA GLU B 23 -30.77 6.89 16.96
C GLU B 23 -31.39 7.71 15.82
N PHE B 24 -30.82 8.87 15.55
CA PHE B 24 -31.28 9.76 14.49
C PHE B 24 -30.08 10.09 13.62
N LEU B 25 -30.18 9.76 12.33
CA LEU B 25 -29.14 9.98 11.33
C LEU B 25 -27.86 9.21 11.65
N GLY B 26 -27.88 8.37 12.67
CA GLY B 26 -26.71 7.59 13.03
C GLY B 26 -26.40 7.47 14.51
N ARG B 27 -26.73 8.48 15.33
CA ARG B 27 -26.45 8.43 16.76
C ARG B 27 -27.65 8.89 17.57
N THR B 28 -27.51 8.77 18.89
CA THR B 28 -28.57 9.10 19.84
C THR B 28 -28.78 10.61 19.98
N GLY B 29 -29.70 10.97 20.89
CA GLY B 29 -30.03 12.36 21.17
C GLY B 29 -28.98 13.05 22.02
N GLY B 30 -28.64 12.44 23.16
CA GLY B 30 -27.62 13.02 24.01
C GLY B 30 -26.29 13.09 23.29
N SER B 31 -26.04 12.14 22.37
CA SER B 31 -24.82 12.13 21.57
C SER B 31 -24.79 13.31 20.62
N TRP B 32 -25.94 13.61 19.96
CA TRP B 32 -26.02 14.75 19.07
C TRP B 32 -25.78 16.04 19.85
N PHE B 33 -26.36 16.14 21.06
CA PHE B 33 -26.17 17.36 21.86
C PHE B 33 -24.70 17.53 22.25
N LYS B 34 -24.05 16.45 22.71
CA LYS B 34 -22.65 16.55 23.11
C LYS B 34 -21.75 16.95 21.93
N ILE B 35 -21.93 16.28 20.78
CA ILE B 35 -21.09 16.58 19.62
C ILE B 35 -21.35 18.00 19.10
N LEU B 36 -22.63 18.38 18.98
CA LEU B 36 -22.96 19.71 18.49
C LEU B 36 -22.41 20.78 19.44
N LEU B 37 -22.49 20.54 20.75
CA LEU B 37 -21.95 21.49 21.71
C LEU B 37 -20.44 21.61 21.58
N PHE B 38 -19.76 20.47 21.38
CA PHE B 38 -18.32 20.52 21.19
C PHE B 38 -17.96 21.29 19.93
N TYR B 39 -18.63 20.99 18.82
CA TYR B 39 -18.33 21.68 17.57
C TYR B 39 -18.64 23.15 17.68
N VAL B 40 -19.66 23.53 18.44
CA VAL B 40 -19.96 24.95 18.61
C VAL B 40 -18.83 25.64 19.38
N ILE B 41 -18.40 25.03 20.49
CA ILE B 41 -17.31 25.62 21.28
C ILE B 41 -16.03 25.66 20.48
N PHE B 42 -15.69 24.56 19.81
CA PHE B 42 -14.48 24.42 19.01
C PHE B 42 -14.42 25.43 17.87
N TYR B 43 -15.44 25.42 17.00
CA TYR B 43 -15.46 26.36 15.88
C TYR B 43 -15.55 27.80 16.37
N GLY B 44 -16.19 28.05 17.52
CA GLY B 44 -16.25 29.41 18.04
C GLY B 44 -14.88 29.87 18.48
N CYS B 45 -14.12 28.98 19.11
CA CYS B 45 -12.76 29.31 19.52
C CYS B 45 -11.89 29.55 18.30
N LEU B 46 -12.07 28.72 17.28
CA LEU B 46 -11.32 28.88 16.05
C LEU B 46 -11.63 30.22 15.40
N ALA B 47 -12.91 30.60 15.36
CA ALA B 47 -13.30 31.87 14.76
C ALA B 47 -12.75 33.02 15.57
N GLY B 48 -12.81 32.92 16.90
CA GLY B 48 -12.27 34.00 17.73
C GLY B 48 -10.77 34.16 17.57
N ILE B 49 -10.07 33.02 17.38
CA ILE B 49 -8.62 33.07 17.18
C ILE B 49 -8.31 33.70 15.82
N PHE B 50 -9.03 33.29 14.78
CA PHE B 50 -8.80 33.86 13.46
C PHE B 50 -9.05 35.35 13.50
N ILE B 51 -10.09 35.77 14.21
CA ILE B 51 -10.40 37.19 14.30
C ILE B 51 -9.32 37.93 15.07
N GLY B 52 -8.82 37.35 16.16
CA GLY B 52 -7.76 38.01 16.90
C GLY B 52 -6.51 38.18 16.07
N THR B 53 -6.16 37.16 15.29
CA THR B 53 -4.97 37.25 14.44
C THR B 53 -5.18 38.27 13.32
N ILE B 54 -6.38 38.29 12.75
CA ILE B 54 -6.66 39.25 11.69
C ILE B 54 -6.65 40.66 12.27
N GLN B 55 -7.00 40.80 13.56
CA GLN B 55 -6.99 42.12 14.20
C GLN B 55 -5.56 42.62 14.37
N VAL B 56 -4.67 41.75 14.85
CA VAL B 56 -3.28 42.15 14.98
C VAL B 56 -2.73 42.49 13.60
N MET B 57 -3.14 41.75 12.57
CA MET B 57 -2.70 42.05 11.22
C MET B 57 -3.21 43.42 10.80
N LEU B 58 -4.43 43.78 11.20
CA LEU B 58 -4.94 45.10 10.85
C LEU B 58 -4.15 46.18 11.58
N LEU B 59 -3.61 45.85 12.75
CA LEU B 59 -2.79 46.81 13.48
C LEU B 59 -1.41 46.94 12.85
N THR B 60 -0.98 45.95 12.05
CA THR B 60 0.32 46.01 11.41
C THR B 60 0.40 47.10 10.33
N ILE B 61 -0.60 47.17 9.44
CA ILE B 61 -0.58 48.17 8.38
C ILE B 61 -1.01 49.53 8.92
N SER B 62 -0.65 50.59 8.19
CA SER B 62 -0.96 51.96 8.56
C SER B 62 -2.17 52.45 7.78
N GLU B 63 -2.59 53.67 8.10
CA GLU B 63 -3.75 54.29 7.46
C GLU B 63 -3.39 55.22 6.32
N PHE B 64 -2.17 55.73 6.26
CA PHE B 64 -1.80 56.68 5.22
C PHE B 64 -0.84 56.11 4.19
N LYS B 65 -0.52 54.83 4.25
CA LYS B 65 0.40 54.30 3.24
C LYS B 65 0.38 52.78 3.17
N PRO B 66 0.29 52.19 1.98
CA PRO B 66 0.33 50.73 1.89
C PRO B 66 1.75 50.27 2.08
N THR B 67 1.91 49.20 2.86
CA THR B 67 3.23 48.68 3.14
C THR B 67 3.97 48.14 1.91
N TYR B 68 3.31 47.99 0.77
CA TYR B 68 3.96 47.48 -0.44
C TYR B 68 3.38 48.17 -1.66
N GLN B 69 4.26 48.69 -2.50
CA GLN B 69 3.84 49.38 -3.71
C GLN B 69 4.64 48.94 -4.93
N ASP B 70 5.43 47.89 -4.81
CA ASP B 70 6.23 47.42 -5.94
C ASP B 70 5.41 46.69 -7.00
N ARG B 71 4.20 46.24 -6.66
CA ARG B 71 3.37 45.53 -7.62
C ARG B 71 2.64 46.47 -8.57
N VAL B 72 2.77 47.79 -8.37
CA VAL B 72 2.14 48.78 -9.23
C VAL B 72 3.21 49.73 -9.73
N ALA B 73 4.45 49.23 -9.87
CA ALA B 73 5.56 50.06 -10.32
C ALA B 73 5.26 50.79 -11.64
N PRO B 74 4.98 50.10 -12.74
CA PRO B 74 4.63 50.83 -13.95
C PRO B 74 3.15 51.16 -13.95
N PRO B 75 2.78 52.43 -13.81
CA PRO B 75 1.34 52.76 -13.76
C PRO B 75 0.65 52.43 -15.07
N GLY B 76 -0.66 52.20 -14.97
CA GLY B 76 -1.46 51.86 -16.13
C GLY B 76 -2.01 53.08 -16.87
N LEU B 77 -2.80 52.80 -17.91
CA LEU B 77 -3.41 53.84 -18.75
C LEU B 77 -4.79 53.37 -19.14
N THR B 78 -5.82 53.85 -18.46
CA THR B 78 -7.20 53.45 -18.75
C THR B 78 -7.91 54.51 -19.60
N GLN B 79 -9.12 54.16 -20.04
CA GLN B 79 -9.95 55.02 -20.87
C GLN B 79 -11.31 55.25 -20.22
N ILE B 80 -12.09 56.13 -20.84
CA ILE B 80 -13.43 56.43 -20.35
C ILE B 80 -14.41 55.35 -20.80
N PRO B 81 -14.45 54.90 -22.09
CA PRO B 81 -15.41 53.84 -22.44
C PRO B 81 -14.87 52.44 -22.09
N GLN B 82 -15.13 51.96 -20.87
CA GLN B 82 -14.64 50.64 -20.48
C GLN B 82 -15.39 49.59 -21.30
N SER B 83 -14.90 49.40 -22.52
CA SER B 83 -15.50 48.47 -23.47
C SER B 83 -15.32 47.02 -23.02
N GLN B 84 -16.14 46.14 -23.61
CA GLN B 84 -16.08 44.73 -23.27
C GLN B 84 -14.77 44.09 -23.72
N LYS B 85 -14.19 44.58 -24.83
CA LYS B 85 -12.92 44.07 -25.34
C LYS B 85 -12.06 45.21 -25.85
N THR B 86 -12.21 46.40 -25.25
CA THR B 86 -11.49 47.63 -25.65
C THR B 86 -11.80 48.00 -27.09
N GLU B 87 -12.99 47.61 -27.55
CA GLU B 87 -13.44 47.88 -28.91
C GLU B 87 -14.66 48.78 -28.88
N ILE B 88 -14.68 49.77 -29.76
CA ILE B 88 -15.79 50.72 -29.85
C ILE B 88 -16.43 50.55 -31.23
N SER B 89 -17.49 49.75 -31.29
CA SER B 89 -18.23 49.47 -32.53
C SER B 89 -19.65 49.98 -32.34
N PHE B 90 -20.03 50.97 -33.15
CA PHE B 90 -21.34 51.58 -33.07
C PHE B 90 -21.73 52.11 -34.45
N ARG B 91 -22.90 52.73 -34.53
CA ARG B 91 -23.42 53.33 -35.77
C ARG B 91 -23.51 54.83 -35.62
N PRO B 92 -23.00 55.63 -36.58
CA PRO B 92 -23.06 57.09 -36.44
C PRO B 92 -24.48 57.65 -36.39
N ASN B 93 -25.48 56.87 -36.81
CA ASN B 93 -26.87 57.33 -36.81
C ASN B 93 -27.63 56.90 -35.55
N ASP B 94 -27.71 55.59 -35.32
CA ASP B 94 -28.42 55.00 -34.19
C ASP B 94 -27.89 55.51 -32.86
N PRO B 95 -28.69 56.30 -32.11
CA PRO B 95 -28.20 56.79 -30.81
C PRO B 95 -28.08 55.70 -29.76
N GLN B 96 -28.89 54.65 -29.85
CA GLN B 96 -28.83 53.55 -28.89
C GLN B 96 -27.59 52.67 -29.09
N SER B 97 -26.96 52.73 -30.27
CA SER B 97 -25.78 51.91 -30.52
C SER B 97 -24.59 52.38 -29.69
N TYR B 98 -24.50 53.69 -29.41
CA TYR B 98 -23.42 54.24 -28.62
C TYR B 98 -23.91 54.73 -27.25
N GLU B 99 -25.08 54.27 -26.80
CA GLU B 99 -25.59 54.69 -25.50
C GLU B 99 -24.73 54.13 -24.38
N SER B 100 -24.31 52.87 -24.52
CA SER B 100 -23.47 52.23 -23.52
C SER B 100 -22.15 52.97 -23.33
N TYR B 101 -21.69 53.67 -24.37
CA TYR B 101 -20.44 54.42 -24.25
C TYR B 101 -20.70 55.76 -23.57
N VAL B 102 -21.63 56.55 -24.11
CA VAL B 102 -21.96 57.88 -23.59
C VAL B 102 -22.33 57.83 -22.11
N VAL B 103 -23.12 56.84 -21.69
CA VAL B 103 -23.51 56.75 -20.28
C VAL B 103 -22.27 56.57 -19.40
N SER B 104 -21.33 55.72 -19.85
CA SER B 104 -20.09 55.50 -19.11
C SER B 104 -19.24 56.77 -19.06
N ILE B 105 -19.33 57.60 -20.10
CA ILE B 105 -18.56 58.84 -20.10
C ILE B 105 -19.19 59.87 -19.18
N VAL B 106 -20.52 59.96 -19.20
CA VAL B 106 -21.22 60.93 -18.36
C VAL B 106 -21.03 60.61 -16.89
N ARG B 107 -21.20 59.34 -16.51
CA ARG B 107 -21.02 58.99 -15.11
C ARG B 107 -19.58 59.22 -14.67
N PHE B 108 -18.62 59.02 -15.57
CA PHE B 108 -17.21 59.26 -15.23
C PHE B 108 -16.94 60.74 -14.99
N LEU B 109 -17.40 61.60 -15.90
CA LEU B 109 -17.19 63.03 -15.79
C LEU B 109 -18.23 63.73 -14.92
N GLU B 110 -19.09 62.95 -14.25
CA GLU B 110 -20.11 63.54 -13.38
C GLU B 110 -19.51 64.17 -12.14
N LYS B 111 -18.33 63.74 -11.73
CA LYS B 111 -17.64 64.26 -10.56
C LYS B 111 -16.66 65.37 -10.91
N TYR B 112 -16.68 65.84 -12.16
CA TYR B 112 -15.78 66.89 -12.62
C TYR B 112 -16.51 68.19 -12.93
N LYS B 113 -17.83 68.23 -12.76
CA LYS B 113 -18.58 69.44 -13.06
C LYS B 113 -18.19 70.56 -12.11
N ASP B 114 -18.37 71.80 -12.57
CA ASP B 114 -18.04 72.97 -11.76
C ASP B 114 -18.88 73.01 -10.49
N LEU B 115 -20.10 72.47 -10.53
CA LEU B 115 -20.94 72.45 -9.34
C LEU B 115 -20.48 71.38 -8.34
N ALA B 116 -19.80 70.33 -8.83
CA ALA B 116 -19.29 69.30 -7.93
C ALA B 116 -18.09 69.81 -7.14
N GLN B 117 -17.27 70.65 -7.77
CA GLN B 117 -16.10 71.25 -7.13
C GLN B 117 -16.47 72.69 -6.81
N LYS B 118 -17.16 72.86 -5.70
CA LYS B 118 -17.58 74.19 -5.29
C LYS B 118 -17.01 74.61 -3.95
N ASP B 119 -16.74 73.68 -3.04
CA ASP B 119 -16.19 74.03 -1.74
C ASP B 119 -14.73 74.45 -1.91
N ASP B 120 -14.37 75.57 -1.31
CA ASP B 120 -13.01 76.08 -1.38
C ASP B 120 -12.14 75.57 -0.23
N MET B 121 -12.73 74.82 0.70
CA MET B 121 -11.99 74.26 1.82
C MET B 121 -11.30 72.95 1.46
N ILE B 122 -11.64 72.38 0.30
CA ILE B 122 -11.05 71.13 -0.16
C ILE B 122 -10.53 71.21 -1.59
N PHE B 123 -10.73 72.33 -2.28
CA PHE B 123 -10.28 72.50 -3.65
C PHE B 123 -9.34 73.69 -3.75
N GLU B 124 -8.34 73.56 -4.62
CA GLU B 124 -7.32 74.58 -4.84
C GLU B 124 -7.16 74.79 -6.34
N ASP B 125 -7.37 76.01 -6.81
CA ASP B 125 -7.23 76.31 -8.23
C ASP B 125 -5.74 76.32 -8.58
N CYS B 126 -5.29 75.23 -9.21
CA CYS B 126 -3.90 75.05 -9.62
C CYS B 126 -3.43 76.12 -10.61
N GLY B 127 -3.99 76.14 -11.80
CA GLY B 127 -3.60 77.14 -12.80
C GLY B 127 -3.90 76.70 -14.21
N ASN B 128 -3.91 77.67 -15.12
CA ASN B 128 -4.17 77.41 -16.53
C ASN B 128 -2.94 76.93 -17.29
N VAL B 129 -1.81 76.82 -16.61
CA VAL B 129 -0.56 76.37 -17.21
C VAL B 129 0.00 75.23 -16.38
N PRO B 130 0.47 74.13 -16.99
CA PRO B 130 1.04 73.04 -16.20
C PRO B 130 2.26 73.52 -15.43
N SER B 131 2.28 73.24 -14.13
CA SER B 131 3.36 73.68 -13.27
C SER B 131 4.05 72.50 -12.62
N GLU B 132 5.02 72.82 -11.77
CA GLU B 132 5.81 71.82 -11.04
C GLU B 132 4.94 71.05 -10.05
N LEU B 133 5.49 69.95 -9.56
CA LEU B 133 4.80 69.10 -8.62
C LEU B 133 4.47 69.87 -7.35
N LYS B 134 3.33 69.55 -6.75
CA LYS B 134 2.86 70.21 -5.54
C LYS B 134 2.86 69.20 -4.40
N GLU B 135 3.96 69.19 -3.63
CA GLU B 135 4.11 68.29 -2.50
C GLU B 135 3.53 68.94 -1.25
N ARG B 136 2.49 68.32 -0.68
CA ARG B 136 1.83 68.84 0.53
C ARG B 136 2.37 68.13 1.78
N GLY B 137 3.62 68.45 2.10
CA GLY B 137 4.27 67.88 3.26
C GLY B 137 4.44 66.38 3.16
N GLU B 138 4.47 65.73 4.33
CA GLU B 138 4.63 64.29 4.42
C GLU B 138 3.26 63.61 4.38
N TYR B 139 3.27 62.29 4.44
CA TYR B 139 2.03 61.52 4.39
C TYR B 139 1.40 61.27 5.75
N ASN B 140 1.95 61.83 6.83
CA ASN B 140 1.39 61.62 8.15
C ASN B 140 0.06 62.37 8.29
N ASN B 141 -0.51 62.29 9.50
CA ASN B 141 -1.77 62.97 9.78
C ASN B 141 -1.56 64.21 10.63
N GLU B 142 -0.31 64.67 10.76
CA GLU B 142 -0.05 65.87 11.54
C GLU B 142 -0.70 67.09 10.90
N ARG B 143 -0.85 67.06 9.58
CA ARG B 143 -1.51 68.13 8.84
C ARG B 143 -2.98 67.73 8.68
N GLY B 144 -3.80 68.72 8.34
CA GLY B 144 -5.20 68.45 8.15
C GLY B 144 -5.47 67.67 6.87
N GLU B 145 -6.73 67.68 6.43
CA GLU B 145 -7.10 66.99 5.21
C GLU B 145 -6.54 67.78 4.03
N ARG B 146 -5.67 67.14 3.25
CA ARG B 146 -5.03 67.78 2.10
C ARG B 146 -6.06 68.34 1.11
N LYS B 147 -5.59 69.28 0.29
CA LYS B 147 -6.41 69.92 -0.73
C LYS B 147 -6.22 69.22 -2.06
N VAL B 148 -7.23 69.30 -2.92
CA VAL B 148 -7.21 68.66 -4.24
C VAL B 148 -7.36 69.72 -5.31
N CYS B 149 -6.46 69.72 -6.29
CA CYS B 149 -6.52 70.71 -7.35
C CYS B 149 -7.68 70.44 -8.29
N ARG B 150 -8.36 71.52 -8.69
CA ARG B 150 -9.52 71.44 -9.58
C ARG B 150 -9.09 71.08 -11.00
N PHE B 151 -10.04 70.47 -11.73
CA PHE B 151 -9.80 70.10 -13.12
C PHE B 151 -11.16 70.18 -13.82
N ARG B 152 -11.42 71.32 -14.46
CA ARG B 152 -12.68 71.54 -15.14
C ARG B 152 -12.73 70.81 -16.47
N LEU B 153 -13.94 70.44 -16.89
CA LEU B 153 -14.13 69.72 -18.16
C LEU B 153 -13.75 70.59 -19.36
N GLU B 154 -13.67 71.91 -19.18
CA GLU B 154 -13.33 72.80 -20.28
C GLU B 154 -11.92 72.55 -20.80
N TRP B 155 -11.04 72.00 -19.97
CA TRP B 155 -9.68 71.73 -20.39
C TRP B 155 -9.64 70.76 -21.57
N LEU B 156 -10.51 69.75 -21.56
CA LEU B 156 -10.58 68.79 -22.65
C LEU B 156 -11.39 69.46 -23.76
N GLY B 157 -10.70 70.19 -24.62
CA GLY B 157 -11.39 70.89 -25.70
C GLY B 157 -12.04 69.94 -26.67
N ASN B 158 -13.22 70.36 -27.16
CA ASN B 158 -14.03 69.63 -28.15
C ASN B 158 -14.44 68.23 -27.72
N CYS B 159 -14.06 67.83 -26.51
CA CYS B 159 -14.43 66.55 -25.93
C CYS B 159 -14.86 66.84 -24.51
N SER B 160 -15.36 68.07 -24.30
CA SER B 160 -15.82 68.53 -23.01
C SER B 160 -17.09 67.78 -22.61
N GLY B 161 -17.57 68.07 -21.42
CA GLY B 161 -18.76 67.39 -20.96
C GLY B 161 -20.05 68.08 -21.36
N LEU B 162 -20.80 68.52 -20.35
CA LEU B 162 -22.08 69.19 -20.54
C LEU B 162 -21.89 70.70 -20.35
N ASN B 163 -21.40 71.38 -21.39
CA ASN B 163 -21.22 72.82 -21.32
C ASN B 163 -22.03 73.54 -22.39
N ASP B 164 -21.85 73.20 -23.64
CA ASP B 164 -22.60 73.74 -24.76
C ASP B 164 -23.07 72.63 -25.68
N GLU B 165 -22.24 71.61 -25.86
CA GLU B 165 -22.49 70.48 -26.74
C GLU B 165 -22.35 69.16 -26.00
N THR B 166 -23.46 68.62 -25.49
CA THR B 166 -23.41 67.30 -24.87
C THR B 166 -23.53 66.35 -26.06
N TYR B 167 -22.63 66.55 -27.03
CA TYR B 167 -22.55 65.84 -28.30
C TYR B 167 -22.64 64.33 -28.17
N GLY B 168 -22.42 63.79 -26.98
CA GLY B 168 -22.37 62.36 -26.89
C GLY B 168 -21.11 61.86 -27.54
N TYR B 169 -20.28 62.79 -28.02
CA TYR B 169 -19.00 62.59 -28.68
C TYR B 169 -19.12 61.80 -29.97
N LYS B 170 -20.34 61.60 -30.48
CA LYS B 170 -20.49 60.80 -31.70
C LYS B 170 -21.66 61.24 -32.59
N ASP B 171 -21.34 62.09 -33.54
CA ASP B 171 -22.21 62.55 -34.63
C ASP B 171 -21.36 62.32 -35.87
N GLY B 172 -20.45 61.37 -35.69
CA GLY B 172 -19.32 60.84 -36.42
C GLY B 172 -18.04 61.31 -35.72
N LYS B 173 -16.93 60.57 -35.94
CA LYS B 173 -15.63 60.96 -35.36
C LYS B 173 -15.61 61.02 -33.84
N PRO B 174 -15.46 59.88 -33.15
CA PRO B 174 -15.51 59.84 -31.68
C PRO B 174 -14.28 60.40 -30.94
N CYS B 175 -14.45 60.47 -29.61
CA CYS B 175 -13.47 60.93 -28.63
C CYS B 175 -13.15 59.80 -27.65
N VAL B 176 -11.88 59.73 -27.21
CA VAL B 176 -11.44 58.74 -26.23
C VAL B 176 -10.44 59.40 -25.29
N ILE B 177 -10.87 59.73 -24.05
CA ILE B 177 -9.94 60.36 -23.12
C ILE B 177 -9.19 59.25 -22.40
N ILE B 178 -7.98 59.57 -21.97
CA ILE B 178 -7.10 58.64 -21.29
C ILE B 178 -6.85 59.16 -19.88
N LYS B 179 -6.60 58.22 -18.96
CA LYS B 179 -6.34 58.55 -17.56
C LYS B 179 -5.19 57.71 -17.03
N LEU B 180 -4.33 58.34 -16.23
CA LEU B 180 -3.18 57.68 -15.63
C LEU B 180 -3.63 57.04 -14.33
N ASN B 181 -3.25 55.77 -14.13
CA ASN B 181 -3.61 55.02 -12.94
C ASN B 181 -3.13 55.72 -11.68
N ARG B 182 -4.09 56.17 -10.88
CA ARG B 182 -3.80 56.89 -9.64
C ARG B 182 -2.98 56.01 -8.70
N VAL B 183 -1.76 56.45 -8.38
CA VAL B 183 -0.87 55.73 -7.49
C VAL B 183 -0.43 56.68 -6.37
N LEU B 184 -0.44 56.16 -5.14
CA LEU B 184 -0.06 56.95 -3.97
C LEU B 184 1.42 57.24 -3.96
N GLY B 185 1.77 58.49 -3.72
CA GLY B 185 3.15 58.91 -3.67
C GLY B 185 3.91 58.83 -4.96
N PHE B 186 3.22 58.54 -6.06
CA PHE B 186 3.89 58.43 -7.34
C PHE B 186 4.16 59.83 -7.89
N LYS B 187 5.42 60.09 -8.24
CA LYS B 187 5.84 61.38 -8.79
C LYS B 187 6.26 61.17 -10.24
N PRO B 188 5.38 61.48 -11.20
CA PRO B 188 5.72 61.27 -12.62
C PRO B 188 6.94 62.07 -13.07
N LYS B 189 7.82 61.41 -13.82
CA LYS B 189 9.05 62.02 -14.33
C LYS B 189 9.08 61.95 -15.86
N PRO B 190 8.78 63.04 -16.56
CA PRO B 190 8.79 63.04 -18.03
C PRO B 190 10.18 62.85 -18.59
N PRO B 191 10.31 62.51 -19.90
CA PRO B 191 11.65 62.30 -20.48
C PRO B 191 12.47 63.56 -20.76
N LYS B 192 13.67 63.33 -21.30
CA LYS B 192 14.66 64.37 -21.63
C LYS B 192 15.50 63.99 -22.85
N ASN B 193 16.76 64.43 -22.89
CA ASN B 193 17.73 64.26 -24.00
C ASN B 193 17.67 62.99 -24.86
N GLU B 194 17.78 61.80 -24.26
CA GLU B 194 17.74 60.58 -25.06
C GLU B 194 16.32 60.34 -25.57
N SER B 195 15.99 60.94 -26.73
CA SER B 195 14.64 60.86 -27.32
C SER B 195 14.64 60.28 -28.74
N LEU B 196 14.43 58.96 -28.82
CA LEU B 196 14.32 58.23 -30.08
C LEU B 196 12.85 58.00 -30.45
N GLU B 197 11.94 58.41 -29.58
CA GLU B 197 10.50 58.24 -29.77
C GLU B 197 9.68 59.50 -29.50
N THR B 198 10.18 60.43 -28.69
CA THR B 198 9.47 61.66 -28.33
C THR B 198 9.33 62.53 -29.57
N TYR B 199 8.12 62.53 -30.15
CA TYR B 199 7.84 63.32 -31.32
C TYR B 199 7.58 64.77 -30.92
N PRO B 200 7.72 65.71 -31.85
CA PRO B 200 7.52 67.14 -31.51
C PRO B 200 6.08 67.57 -31.29
N VAL B 201 5.15 66.62 -31.04
CA VAL B 201 3.71 66.89 -30.87
C VAL B 201 3.43 68.19 -30.13
N MET B 202 4.06 68.42 -28.99
CA MET B 202 3.85 69.67 -28.28
C MET B 202 5.14 70.08 -27.56
N LYS B 203 5.32 71.40 -27.49
CA LYS B 203 6.51 72.02 -26.90
C LYS B 203 6.74 71.61 -25.45
N TYR B 204 5.70 71.76 -24.61
CA TYR B 204 5.85 71.49 -23.17
C TYR B 204 6.30 70.08 -22.81
N ASN B 205 7.56 69.96 -22.44
CA ASN B 205 8.22 68.77 -21.92
C ASN B 205 8.43 68.72 -20.40
N PRO B 206 8.82 69.83 -19.72
CA PRO B 206 9.18 69.70 -18.30
C PRO B 206 8.06 69.55 -17.28
N TYR B 207 6.84 70.05 -17.51
CA TYR B 207 5.85 69.89 -16.44
C TYR B 207 4.59 69.23 -16.96
N VAL B 208 4.76 68.15 -17.71
CA VAL B 208 3.63 67.40 -18.25
C VAL B 208 4.13 66.03 -18.70
N LEU B 209 3.33 65.01 -18.41
CA LEU B 209 3.65 63.64 -18.78
C LEU B 209 3.05 63.42 -20.16
N PRO B 210 3.86 63.25 -21.20
CA PRO B 210 3.32 63.07 -22.55
C PRO B 210 2.73 61.69 -22.80
N VAL B 211 1.71 61.68 -23.67
CA VAL B 211 1.01 60.47 -24.09
C VAL B 211 0.73 60.61 -25.58
N HIS B 212 1.23 59.68 -26.39
CA HIS B 212 1.01 59.74 -27.82
C HIS B 212 0.35 58.47 -28.32
N CYS B 213 -0.69 58.62 -29.14
CA CYS B 213 -1.40 57.49 -29.70
C CYS B 213 -0.94 57.29 -31.13
N THR B 214 -1.07 56.06 -31.62
CA THR B 214 -0.67 55.73 -32.98
C THR B 214 -1.35 54.43 -33.34
N GLY B 215 -1.10 53.93 -34.55
CA GLY B 215 -1.68 52.67 -34.96
C GLY B 215 -0.86 51.56 -34.32
N LYS B 216 -0.92 50.38 -34.93
CA LYS B 216 -0.14 49.27 -34.39
C LYS B 216 0.72 48.61 -35.45
N ARG B 217 0.31 48.68 -36.71
CA ARG B 217 1.06 48.09 -37.81
C ARG B 217 0.93 49.02 -39.01
N ASP B 218 1.53 48.61 -40.13
CA ASP B 218 1.49 49.41 -41.35
C ASP B 218 0.07 49.67 -41.86
N GLU B 219 -0.91 48.87 -41.43
CA GLU B 219 -2.30 48.99 -41.86
C GLU B 219 -3.08 49.99 -41.01
N ASP B 220 -3.05 49.80 -39.68
CA ASP B 220 -3.77 50.69 -38.78
C ASP B 220 -3.27 52.13 -38.89
N LYS B 221 -1.94 52.30 -38.96
CA LYS B 221 -1.36 53.64 -39.05
C LYS B 221 -1.86 54.42 -40.25
N GLU B 222 -2.14 53.72 -41.35
CA GLU B 222 -2.65 54.42 -42.52
C GLU B 222 -4.16 54.65 -42.43
N LYS B 223 -4.90 53.64 -41.93
CA LYS B 223 -6.35 53.77 -41.81
C LYS B 223 -6.75 54.92 -40.88
N VAL B 224 -5.99 55.13 -39.81
CA VAL B 224 -6.26 56.22 -38.87
C VAL B 224 -5.80 57.52 -39.51
N GLY B 225 -6.75 58.36 -39.93
CA GLY B 225 -6.38 59.60 -40.58
C GLY B 225 -5.71 60.66 -39.76
N THR B 226 -6.43 61.26 -38.80
CA THR B 226 -5.86 62.34 -38.00
C THR B 226 -6.34 62.25 -36.56
N MET B 227 -5.41 62.54 -35.64
CA MET B 227 -5.68 62.52 -34.21
C MET B 227 -5.41 63.91 -33.65
N GLU B 228 -6.33 64.40 -32.81
CA GLU B 228 -6.21 65.71 -32.17
C GLU B 228 -6.30 65.50 -30.67
N TYR B 229 -5.28 65.95 -29.95
CA TYR B 229 -5.19 65.80 -28.50
C TYR B 229 -5.64 67.08 -27.80
N PHE B 230 -6.19 66.90 -26.59
CA PHE B 230 -6.68 68.02 -25.80
C PHE B 230 -6.32 67.80 -24.33
N GLY B 231 -5.67 68.79 -23.72
CA GLY B 231 -5.27 68.69 -22.33
C GLY B 231 -5.29 70.02 -21.59
N LEU B 232 -4.55 70.11 -20.49
CA LEU B 232 -4.48 71.34 -19.71
C LEU B 232 -3.72 72.39 -20.52
N GLY B 233 -4.41 73.42 -20.98
CA GLY B 233 -3.80 74.45 -21.77
C GLY B 233 -3.48 74.04 -23.19
N GLY B 234 -3.86 72.84 -23.58
CA GLY B 234 -3.61 72.33 -24.91
C GLY B 234 -2.45 71.37 -25.00
N TYR B 235 -2.01 70.82 -23.89
CA TYR B 235 -0.87 69.90 -23.92
C TYR B 235 -1.34 68.46 -23.82
N PRO B 236 -0.89 67.61 -24.74
CA PRO B 236 -1.28 66.20 -24.71
C PRO B 236 -0.58 65.43 -23.62
N GLY B 237 -1.03 65.59 -22.39
CA GLY B 237 -0.40 64.88 -21.30
C GLY B 237 -1.08 65.19 -20.00
N PHE B 238 -0.36 64.90 -18.91
CA PHE B 238 -0.87 65.12 -17.57
C PHE B 238 -0.03 66.15 -16.84
N PRO B 239 -0.63 67.19 -16.27
CA PRO B 239 0.14 68.21 -15.56
C PRO B 239 0.72 67.68 -14.26
N LEU B 240 1.97 68.08 -13.98
CA LEU B 240 2.65 67.64 -12.78
C LEU B 240 2.13 68.30 -11.52
N GLN B 241 1.29 69.32 -11.65
CA GLN B 241 0.74 70.01 -10.48
C GLN B 241 -0.33 69.20 -9.75
N TYR B 242 -0.72 68.04 -10.29
CA TYR B 242 -1.75 67.21 -9.66
C TYR B 242 -1.15 65.99 -8.95
N TYR B 243 0.17 65.87 -8.91
CA TYR B 243 0.84 64.75 -8.27
C TYR B 243 1.75 65.23 -7.16
N PRO B 244 2.07 64.37 -6.17
CA PRO B 244 1.65 62.97 -6.01
C PRO B 244 0.32 62.80 -5.30
N TYR B 245 -0.16 61.56 -5.26
CA TYR B 245 -1.40 61.22 -4.60
C TYR B 245 -1.14 60.90 -3.14
N TYR B 246 -2.04 61.35 -2.26
CA TYR B 246 -1.89 61.15 -0.82
C TYR B 246 -2.94 60.19 -0.24
N GLY B 247 -3.35 59.19 -1.01
CA GLY B 247 -4.33 58.23 -0.53
C GLY B 247 -5.75 58.72 -0.47
N LYS B 248 -6.69 57.78 -0.42
CA LYS B 248 -8.11 58.13 -0.36
C LYS B 248 -8.47 58.73 1.00
N LEU B 249 -7.76 58.33 2.05
CA LEU B 249 -8.05 58.86 3.37
C LEU B 249 -7.70 60.34 3.47
N LEU B 250 -6.49 60.70 3.05
CA LEU B 250 -6.07 62.09 3.13
C LEU B 250 -6.59 62.95 1.99
N GLN B 251 -6.88 62.37 0.83
CA GLN B 251 -7.37 63.13 -0.33
C GLN B 251 -8.66 62.54 -0.90
N PRO B 252 -9.78 62.69 -0.19
CA PRO B 252 -11.04 62.19 -0.73
C PRO B 252 -11.53 63.17 -1.78
N LYS B 253 -12.33 62.64 -2.72
CA LYS B 253 -12.88 63.42 -3.83
C LYS B 253 -11.77 64.00 -4.72
N TYR B 254 -10.65 63.31 -4.82
CA TYR B 254 -9.53 63.74 -5.64
C TYR B 254 -9.82 63.46 -7.10
N LEU B 255 -9.35 64.35 -7.97
CA LEU B 255 -9.59 64.23 -9.41
C LEU B 255 -8.25 64.18 -10.14
N GLN B 256 -7.86 63.00 -10.60
CA GLN B 256 -6.61 62.86 -11.32
C GLN B 256 -6.72 63.54 -12.68
N PRO B 257 -5.61 63.96 -13.27
CA PRO B 257 -5.67 64.64 -14.55
C PRO B 257 -6.26 63.77 -15.65
N LEU B 258 -6.84 64.43 -16.66
CA LEU B 258 -7.44 63.77 -17.80
C LEU B 258 -6.86 64.37 -19.07
N MET B 259 -6.90 63.60 -20.15
CA MET B 259 -6.38 64.02 -21.45
C MET B 259 -7.21 63.35 -22.53
N ALA B 260 -7.89 64.14 -23.34
CA ALA B 260 -8.74 63.61 -24.41
C ALA B 260 -8.00 63.44 -25.73
N VAL B 261 -8.47 62.48 -26.53
CA VAL B 261 -7.91 62.14 -27.83
C VAL B 261 -9.06 61.91 -28.80
N GLN B 262 -9.14 62.71 -29.87
CA GLN B 262 -10.18 62.58 -30.87
C GLN B 262 -9.58 62.11 -32.20
N PHE B 263 -10.28 61.19 -32.88
CA PHE B 263 -9.83 60.64 -34.16
C PHE B 263 -10.76 61.15 -35.27
N THR B 264 -10.35 62.24 -35.93
CA THR B 264 -11.18 62.83 -36.97
C THR B 264 -11.30 62.06 -38.28
N ASN B 265 -10.25 61.99 -39.11
CA ASN B 265 -10.39 61.32 -40.41
C ASN B 265 -10.24 59.80 -40.34
N LEU B 266 -11.21 59.15 -39.72
CA LEU B 266 -11.11 57.70 -39.68
C LEU B 266 -11.72 57.05 -40.93
N THR B 267 -11.48 55.75 -41.07
CA THR B 267 -12.01 54.97 -42.20
C THR B 267 -13.28 54.29 -41.70
N MET B 268 -14.44 54.85 -42.07
CA MET B 268 -15.70 54.27 -41.62
C MET B 268 -15.84 52.85 -42.17
N ASP B 269 -16.58 52.03 -41.41
CA ASP B 269 -16.84 50.63 -41.75
C ASP B 269 -15.53 49.83 -41.85
N THR B 270 -14.64 50.05 -40.89
CA THR B 270 -13.34 49.36 -40.85
C THR B 270 -12.81 49.35 -39.43
N GLU B 271 -12.54 48.17 -38.89
CA GLU B 271 -12.01 48.04 -37.53
C GLU B 271 -10.49 48.26 -37.54
N ILE B 272 -10.05 49.32 -36.87
CA ILE B 272 -8.64 49.65 -36.81
C ILE B 272 -8.19 49.73 -35.37
N ARG B 273 -6.93 49.33 -35.15
CA ARG B 273 -6.29 49.28 -33.84
C ARG B 273 -5.41 50.49 -33.57
N ILE B 274 -5.53 51.02 -32.36
CA ILE B 274 -4.79 52.19 -31.90
C ILE B 274 -4.10 51.82 -30.60
N GLU B 275 -2.85 52.26 -30.46
CA GLU B 275 -2.03 52.06 -29.27
C GLU B 275 -1.60 53.42 -28.74
N CYS B 276 -2.10 53.78 -27.55
CA CYS B 276 -1.79 55.04 -26.90
C CYS B 276 -0.71 54.74 -25.87
N LYS B 277 0.51 55.16 -26.16
CA LYS B 277 1.65 54.91 -25.29
C LYS B 277 2.02 56.16 -24.51
N ALA B 278 2.10 56.02 -23.20
CA ALA B 278 2.49 57.12 -22.32
C ALA B 278 4.01 57.01 -22.14
N TYR B 279 4.71 58.12 -22.35
CA TYR B 279 6.17 58.11 -22.25
C TYR B 279 6.64 58.81 -20.99
N GLY B 280 7.75 58.32 -20.45
CA GLY B 280 8.34 58.88 -19.25
C GLY B 280 9.34 57.93 -18.64
N GLU B 281 10.11 58.46 -17.67
CA GLU B 281 11.12 57.66 -17.01
C GLU B 281 10.51 56.74 -15.97
N ASN B 282 9.55 57.24 -15.20
CA ASN B 282 8.86 56.45 -14.18
C ASN B 282 7.72 55.63 -14.74
N ILE B 283 7.63 55.54 -16.06
CA ILE B 283 6.57 54.80 -16.74
C ILE B 283 7.20 53.58 -17.41
N GLY B 284 6.89 52.41 -16.88
CA GLY B 284 7.39 51.17 -17.44
C GLY B 284 6.34 50.53 -18.31
N TYR B 285 6.77 49.53 -19.07
CA TYR B 285 5.88 48.81 -19.97
C TYR B 285 6.00 47.32 -19.70
N SER B 286 5.16 46.54 -20.38
CA SER B 286 5.20 45.09 -20.20
C SER B 286 4.55 44.40 -21.40
N GLU B 287 5.23 43.37 -21.91
CA GLU B 287 4.70 42.62 -23.03
C GLU B 287 3.59 41.67 -22.59
N LYS B 288 3.40 41.50 -21.29
CA LYS B 288 2.37 40.65 -20.73
C LYS B 288 1.15 41.44 -20.29
N ASP B 289 1.35 42.69 -19.90
CA ASP B 289 0.27 43.59 -19.48
C ASP B 289 0.21 44.69 -20.54
N ARG B 290 -0.77 44.59 -21.43
CA ARG B 290 -0.96 45.58 -22.49
C ARG B 290 -1.44 46.92 -21.96
N PHE B 291 -1.78 47.02 -20.67
CA PHE B 291 -2.24 48.27 -20.07
C PHE B 291 -1.18 48.99 -19.25
N GLN B 292 -0.15 48.29 -18.78
CA GLN B 292 0.90 48.93 -18.00
C GLN B 292 1.70 49.86 -18.90
N GLY B 293 1.50 51.16 -18.74
CA GLY B 293 2.21 52.13 -19.53
C GLY B 293 1.48 52.49 -20.83
N ARG B 294 1.24 51.48 -21.66
CA ARG B 294 0.57 51.69 -22.93
C ARG B 294 -0.94 51.52 -22.79
N PHE B 295 -1.65 51.49 -23.92
CA PHE B 295 -3.09 51.38 -23.98
C PHE B 295 -3.48 50.99 -25.40
N ASP B 296 -4.54 50.20 -25.54
CA ASP B 296 -5.00 49.74 -26.85
C ASP B 296 -6.51 49.92 -27.03
N VAL B 297 -6.93 50.11 -28.29
CA VAL B 297 -8.34 50.33 -28.64
C VAL B 297 -8.60 49.81 -30.04
N LYS B 298 -9.75 49.18 -30.25
CA LYS B 298 -10.18 48.64 -31.54
C LYS B 298 -11.44 49.41 -31.95
N ILE B 299 -11.29 50.51 -32.69
CA ILE B 299 -12.45 51.32 -33.06
C ILE B 299 -12.95 50.95 -34.44
N GLU B 300 -14.27 51.02 -34.63
CA GLU B 300 -14.93 50.72 -35.90
C GLU B 300 -16.24 51.49 -35.98
N VAL B 301 -16.25 52.58 -36.75
CA VAL B 301 -17.45 53.36 -36.94
C VAL B 301 -18.20 52.90 -38.18
N LYS B 302 -18.97 51.84 -38.07
CA LYS B 302 -19.70 51.29 -39.20
C LYS B 302 -21.01 52.03 -39.39
N SER B 303 -21.19 52.61 -40.58
CA SER B 303 -22.41 53.35 -40.89
C SER B 303 -23.38 52.46 -41.65
N ASP C 17 13.16 54.71 -4.92
CA ASP C 17 11.70 54.78 -4.97
C ASP C 17 11.06 53.61 -4.21
N PRO C 18 9.91 53.84 -3.58
CA PRO C 18 9.22 52.75 -2.86
C PRO C 18 8.54 51.76 -3.78
N PHE C 19 8.60 51.98 -5.09
CA PHE C 19 7.99 51.11 -6.10
C PHE C 19 8.99 50.11 -6.68
N TYR C 20 9.98 49.69 -5.88
CA TYR C 20 11.00 48.75 -6.32
C TYR C 20 11.30 47.78 -5.20
N TYR C 21 11.22 46.49 -5.51
CA TYR C 21 11.48 45.43 -4.55
C TYR C 21 12.67 44.64 -5.05
N ASP C 22 13.64 44.42 -4.17
CA ASP C 22 14.83 43.64 -4.54
C ASP C 22 14.43 42.17 -4.57
N TYR C 23 13.66 41.81 -5.60
CA TYR C 23 13.20 40.43 -5.73
C TYR C 23 14.37 39.47 -5.98
N GLU C 24 15.45 39.96 -6.59
CA GLU C 24 16.59 39.11 -6.86
C GLU C 24 17.23 38.58 -5.59
N THR C 25 17.37 39.45 -4.58
CA THR C 25 17.99 39.01 -3.33
C THR C 25 17.14 37.96 -2.62
N VAL C 26 15.82 38.19 -2.53
CA VAL C 26 14.94 37.24 -1.87
C VAL C 26 14.90 35.94 -2.64
N ARG C 27 14.87 36.01 -3.98
CA ARG C 27 14.86 34.81 -4.81
C ARG C 27 16.14 34.00 -4.62
N ASN C 28 17.28 34.69 -4.55
CA ASN C 28 18.54 34.00 -4.35
C ASN C 28 18.59 33.36 -2.97
N GLY C 29 18.08 34.08 -1.95
CA GLY C 29 18.05 33.53 -0.60
C GLY C 29 17.16 32.31 -0.54
N GLY C 30 16.07 32.31 -1.30
CA GLY C 30 15.18 31.16 -1.32
C GLY C 30 15.83 29.96 -1.97
N LEU C 31 16.58 30.19 -3.06
CA LEU C 31 17.28 29.08 -3.71
C LEU C 31 18.34 28.51 -2.78
N ILE C 32 19.05 29.39 -2.06
CA ILE C 32 20.08 28.95 -1.12
C ILE C 32 19.44 28.13 0.00
N PHE C 33 18.30 28.61 0.52
CA PHE C 33 17.62 27.88 1.58
C PHE C 33 17.18 26.50 1.08
N ALA C 34 16.61 26.44 -0.11
CA ALA C 34 16.17 25.17 -0.66
C ALA C 34 17.33 24.19 -0.76
N ALA C 35 18.47 24.67 -1.28
CA ALA C 35 19.63 23.79 -1.43
C ALA C 35 20.11 23.26 -0.09
N LEU C 36 20.25 24.15 0.90
CA LEU C 36 20.72 23.74 2.22
C LEU C 36 19.74 22.79 2.90
N ALA C 37 18.46 23.13 2.90
CA ALA C 37 17.45 22.29 3.52
C ALA C 37 17.35 20.93 2.84
N PHE C 38 17.70 20.87 1.54
CA PHE C 38 17.64 19.58 0.87
C PHE C 38 18.85 18.71 1.20
N ILE C 39 20.06 19.28 1.12
CA ILE C 39 21.24 18.48 1.44
C ILE C 39 21.22 18.06 2.90
N VAL C 40 20.68 18.89 3.80
CA VAL C 40 20.59 18.52 5.20
C VAL C 40 19.65 17.32 5.35
N GLY C 41 18.52 17.34 4.64
CA GLY C 41 17.64 16.19 4.71
C GLY C 41 18.32 14.94 4.18
N LEU C 42 19.11 15.10 3.10
CA LEU C 42 19.83 13.95 2.56
C LEU C 42 20.79 13.39 3.59
N ILE C 43 21.44 14.28 4.34
CA ILE C 43 22.37 13.86 5.37
C ILE C 43 21.64 13.07 6.44
N ILE C 44 20.45 13.53 6.82
CA ILE C 44 19.70 12.84 7.86
C ILE C 44 19.22 11.47 7.37
N ILE C 45 18.82 11.39 6.10
CA ILE C 45 18.33 10.10 5.60
C ILE C 45 19.49 9.18 5.21
N LEU C 46 20.57 9.74 4.67
CA LEU C 46 21.75 8.96 4.30
C LEU C 46 22.79 9.01 5.40
N SER C 47 22.31 9.03 6.64
CA SER C 47 23.14 9.14 7.82
C SER C 47 24.09 7.96 8.00
N LYS C 48 25.24 8.27 8.60
CA LYS C 48 26.30 7.30 8.91
C LYS C 48 27.01 7.73 10.20
C1 NAG D . -13.91 72.19 -32.07
C2 NAG D . -12.87 71.66 -33.06
C3 NAG D . -12.95 72.37 -34.40
C4 NAG D . -14.36 72.26 -34.97
C5 NAG D . -15.33 72.88 -33.96
C6 NAG D . -16.77 72.80 -34.38
C7 NAG D . -10.77 72.79 -32.32
C8 NAG D . -9.39 72.55 -31.78
N2 NAG D . -11.50 71.68 -32.53
O3 NAG D . -11.94 71.73 -35.18
O4 NAG D . -14.56 72.90 -36.23
O5 NAG D . -15.22 72.20 -32.70
O6 NAG D . -17.46 74.02 -34.10
O7 NAG D . -11.19 73.92 -32.54
C1 NAG D . -13.70 72.38 -37.30
C2 NAG D . -14.36 71.32 -38.21
C3 NAG D . -13.34 70.82 -39.25
C4 NAG D . -12.66 71.99 -39.97
C5 NAG D . -12.12 73.03 -38.97
C6 NAG D . -11.50 74.25 -39.62
C7 NAG D . -16.19 69.97 -37.26
C8 NAG D . -16.53 68.76 -36.42
N2 NAG D . -14.89 70.20 -37.44
O3 NAG D . -13.96 69.95 -40.19
O4 NAG D . -11.57 71.50 -40.75
O5 NAG D . -13.19 73.49 -38.13
O6 NAG D . -12.20 74.65 -40.80
O7 NAG D . -17.06 70.69 -37.74
MG MG E . 2.46 -31.58 4.01
MG MG F . -5.67 -17.19 -1.85
MG MG G . -6.84 16.64 -2.65
C1 CLR H . 2.70 36.82 10.78
C2 CLR H . 3.13 37.55 9.46
C3 CLR H . 2.44 38.93 9.22
C4 CLR H . 2.64 39.79 10.48
C5 CLR H . 2.09 39.10 11.67
C6 CLR H . 0.97 39.55 12.20
C7 CLR H . 0.21 38.75 13.20
C8 CLR H . 1.16 37.96 14.09
C9 CLR H . 2.08 37.01 13.25
C10 CLR H . 2.80 37.74 12.04
C11 CLR H . 2.98 36.17 14.20
C12 CLR H . 2.18 35.44 15.37
C13 CLR H . 1.22 36.48 16.13
C14 CLR H . 0.36 37.09 15.01
C15 CLR H . -0.89 37.77 15.70
C16 CLR H . -1.13 36.87 16.99
C17 CLR H . 0.08 35.82 17.04
C18 CLR H . 1.95 37.59 16.89
C19 CLR H . 4.31 37.96 12.41
C20 CLR H . 0.42 35.54 18.52
C21 CLR H . 1.34 34.32 18.78
C22 CLR H . -0.98 35.25 19.20
C23 CLR H . -0.93 35.30 20.73
C24 CLR H . -1.57 33.91 21.17
C25 CLR H . -1.47 33.76 22.72
C26 CLR H . -2.78 33.33 23.41
C27 CLR H . -0.25 32.83 22.99
O1 CLR H . 2.85 39.59 8.04
C1 PCW I . -12.96 41.00 9.82
C2 PCW I . -13.39 39.54 10.04
C3 PCW I . -14.91 39.34 9.96
C4 PCW I . -13.80 45.26 12.37
C5 PCW I . -13.51 45.74 13.79
C6 PCW I . -13.69 48.06 13.20
C7 PCW I . -15.66 46.83 13.79
C8 PCW I . -14.03 47.37 15.48
C11 PCW I . -16.51 37.69 10.19
C12 PCW I . -16.89 36.24 10.54
C31 PCW I . -13.21 38.88 7.75
C32 PCW I . -12.91 37.71 6.82
N PCW I . -14.22 46.99 14.07
O2 PCW I . -12.80 38.68 9.05
O3 PCW I . -15.18 37.95 10.22
O11 PCW I . -17.38 38.50 9.87
O31 PCW I . -13.62 39.94 7.26
O1P PCW I . -14.30 44.20 9.82
O2P PCW I . -11.95 43.59 9.77
O3P PCW I . -13.62 41.94 10.67
O4P PCW I . -13.03 44.10 12.00
P PCW I . -13.23 43.47 10.54
C1 PCW J . 11.61 1.64 -9.23
C2 PCW J . 10.39 1.93 -10.11
C3 PCW J . 10.40 3.42 -10.44
C4 PCW J . 14.38 -2.11 -7.69
C5 PCW J . 15.59 -2.68 -8.45
C6 PCW J . 16.71 -3.38 -6.45
C7 PCW J . 15.08 -4.81 -7.47
C8 PCW J . 17.20 -4.45 -8.55
C11 PCW J . 10.27 5.51 -9.49
C12 PCW J . 9.09 5.98 -10.35
C31 PCW J . 9.42 1.38 -12.12
C32 PCW J . 8.06 0.99 -11.55
N PCW J . 16.15 -3.83 -7.73
O2 PCW J . 10.49 1.15 -11.30
O3 PCW J . 10.31 4.17 -9.23
O11 PCW J . 11.08 6.32 -9.04
O31 PCW J . 9.52 1.84 -13.26
O1P PCW J . 11.93 -1.09 -6.72
O2P PCW J . 13.06 1.05 -6.91
O3P PCW J . 11.64 0.27 -8.82
O4P PCW J . 13.91 -0.90 -8.29
P PCW J . 12.63 -0.15 -7.65
C1 PCW K . -21.18 7.62 7.28
C2 PCW K . -20.25 8.85 7.45
C3 PCW K . -20.76 10.01 6.59
C4 PCW K . -21.59 2.85 9.20
C5 PCW K . -20.81 1.99 10.19
C6 PCW K . -22.88 1.25 11.17
C7 PCW K . -21.86 -0.03 9.41
C8 PCW K . -20.87 0.03 11.60
C11 PCW K . -20.19 10.80 4.57
C12 PCW K . -21.04 12.07 4.65
C31 PCW K . -19.00 10.04 9.00
C32 PCW K . -19.34 11.54 9.10
N PCW K . -21.60 0.81 10.59
O2 PCW K . -20.04 9.17 8.83
O3 PCW K . -20.71 9.71 5.19
O11 PCW K . -19.05 10.84 4.12
O31 PCW K . -17.83 9.68 8.98
O1P PCW K . -22.06 4.92 6.69
O2P PCW K . -22.95 5.42 8.89
O3P PCW K . -20.83 6.54 8.16
O4P PCW K . -20.86 3.99 8.72
P PCW K . -21.70 5.22 8.10
C1 PCW L . 12.47 5.09 -0.07
C2 PCW L . 12.24 6.61 -0.18
C3 PCW L . 13.54 7.34 -0.58
C4 PCW L . 16.03 2.57 2.18
C5 PCW L . 17.46 2.18 1.78
C6 PCW L . 18.15 2.78 4.01
C7 PCW L . 17.62 0.49 3.49
C8 PCW L . 19.60 1.50 2.60
C11 PCW L . 14.26 9.23 -1.63
C12 PCW L . 14.11 10.72 -1.97
C31 PCW L . 10.61 8.12 -0.87
C32 PCW L . 10.53 9.02 -2.11
N PCW L . 18.21 1.75 2.97
O2 PCW L . 11.15 6.88 -1.07
O3 PCW L . 13.35 8.75 -0.75
O11 PCW L . 15.19 8.57 -2.09
O31 PCW L . 10.09 8.48 0.19
O1P PCW L . 12.85 2.36 0.39
O2P PCW L . 13.32 2.90 2.71
O3P PCW L . 13.37 4.75 1.00
O4P PCW L . 15.23 2.91 1.05
P PCW L . 13.66 3.21 1.30
C1 PCW M . -6.32 17.28 33.57
C2 PCW M . -6.15 18.61 32.80
C3 PCW M . -7.43 19.44 32.68
C4 PCW M . -8.16 13.20 35.00
C5 PCW M . -9.55 12.66 35.38
C6 PCW M . -8.83 10.38 35.47
C7 PCW M . -8.73 11.74 37.44
C8 PCW M . -10.85 11.04 36.57
C11 PCW M . -9.32 19.81 31.49
C12 PCW M . -10.02 19.66 30.14
C31 PCW M . -4.77 20.42 32.51
C32 PCW M . -4.34 20.04 31.08
N PCW M . -9.49 11.46 36.21
O2 PCW M . -5.06 19.39 33.33
O3 PCW M . -8.38 18.87 31.77
O11 PCW M . -9.71 20.66 32.31
O31 PCW M . -4.79 21.60 32.86
O1P PCW M . -5.78 14.54 33.98
O2P PCW M . -6.99 14.02 31.94
O3P PCW M . -7.17 16.34 32.90
O4P PCW M . -8.30 14.30 34.09
P PCW M . -7.04 14.79 33.21
C1 PCW N . 16.26 12.34 18.08
C2 PCW N . 15.13 13.08 17.34
C3 PCW N . 14.30 13.90 18.34
C4 PCW N . 16.30 10.12 22.31
C5 PCW N . 15.25 9.98 23.44
C6 PCW N . 13.61 8.45 22.54
C7 PCW N . 15.66 7.60 23.44
C8 PCW N . 14.01 8.54 24.90
C11 PCW N . 12.20 14.75 18.59
C12 PCW N . 11.11 15.74 18.18
C31 PCW N . 16.36 14.83 16.23
C32 PCW N . 15.64 16.18 16.34
N PCW N . 14.63 8.65 23.57
O2 PCW N . 15.57 13.72 16.12
O3 PCW N . 13.26 14.64 17.71
O11 PCW N . 12.07 14.02 19.57
O31 PCW N . 17.59 14.80 16.17
O1P PCW N . 17.85 10.76 20.00
O2P PCW N . 16.60 9.11 18.74
O3P PCW N . 15.64 11.42 18.99
O4P PCW N . 15.76 9.80 21.03
P PCW N . 16.50 10.26 19.67
C1 PCW O . -0.59 24.94 -14.88
C2 PCW O . -0.02 23.52 -14.79
C3 PCW O . 1.50 23.51 -14.58
C4 PCW O . -1.35 27.99 -18.70
C5 PCW O . -2.52 28.05 -19.68
C6 PCW O . -2.41 30.43 -19.97
C7 PCW O . -1.05 29.01 -21.33
C8 PCW O . -3.43 29.08 -21.66
C11 PCW O . 3.30 22.09 -14.24
C12 PCW O . 3.54 22.32 -12.75
C31 PCW O . -0.53 21.62 -13.42
C32 PCW O . 0.28 21.29 -12.16
N PCW O . -2.35 29.14 -20.66
O2 PCW O . -0.74 22.95 -13.67
O3 PCW O . 2.01 22.17 -14.66
O11 PCW O . 4.25 21.86 -15.01
O31 PCW O . -1.03 20.71 -14.09
O1P PCW O . 0.17 28.22 -16.33
O2P PCW O . -1.81 27.42 -15.18
O3P PCW O . -0.09 25.75 -15.96
O4P PCW O . -1.62 27.03 -17.66
P PCW O . -0.84 27.13 -16.27
C1 PCW P . -21.61 6.06 0.65
C2 PCW P . -22.25 7.11 -0.26
C3 PCW P . -23.29 6.57 -1.26
C4 PCW P . -22.77 1.77 3.04
C5 PCW P . -23.21 0.44 2.41
C6 PCW P . -21.86 -0.91 3.89
C7 PCW P . -24.09 -0.30 4.54
C8 PCW P . -23.74 -1.88 2.76
C11 PCW P . -23.23 5.91 -3.43
C12 PCW P . -23.15 7.34 -3.96
C31 PCW P . -23.88 8.34 0.95
C32 PCW P . -24.43 9.72 1.28
N PCW P . -23.23 -0.66 3.40
O2 PCW P . -22.66 8.35 0.34
O3 PCW P . -22.64 5.71 -2.21
O11 PCW P . -23.79 5.03 -4.06
O31 PCW P . -24.45 7.32 1.37
O1P PCW P . -22.07 4.45 3.88
O2P PCW P . -20.42 4.04 2.15
O3P PCW P . -22.47 5.36 1.57
O4P PCW P . -22.61 2.78 2.04
P PCW P . -21.86 4.17 2.43
C1 PCW Q . 10.20 4.89 -3.32
C2 PCW Q . 9.31 6.04 -3.81
C3 PCW Q . 9.93 6.83 -4.97
C4 PCW Q . 13.37 1.83 -3.85
C5 PCW Q . 14.38 1.28 -2.85
C6 PCW Q . 15.31 -0.27 -4.43
C7 PCW Q . 16.27 1.93 -4.19
C8 PCW Q . 16.53 0.31 -2.44
C11 PCW Q . 9.70 8.69 -6.32
C12 PCW Q . 8.91 9.94 -6.71
C31 PCW Q . 7.08 6.57 -4.15
C32 PCW Q . 6.97 7.44 -2.89
N PCW Q . 15.62 0.81 -3.48
O2 PCW Q . 7.99 5.55 -4.09
O3 PCW Q . 9.12 7.96 -5.33
O11 PCW Q . 10.75 8.40 -6.88
O31 PCW Q . 6.39 6.82 -5.14
O1P PCW Q . 10.75 1.54 -5.10
O2P PCW Q . 9.69 2.00 -2.96
O3P PCW Q . 10.55 3.92 -4.31
O4P PCW Q . 12.19 2.24 -3.14
P PCW Q . 10.78 2.41 -3.88
C1 PCW R . -1.25 18.75 36.58
C2 PCW R . -0.36 19.82 35.89
C3 PCW R . -0.64 20.10 34.42
C4 PCW R . -2.11 14.61 38.42
C5 PCW R . -2.99 14.45 39.66
C6 PCW R . -3.54 12.15 39.22
C7 PCW R . -1.62 12.68 40.56
C8 PCW R . -3.84 13.04 41.41
C11 PCW R . -0.39 19.53 32.27
C12 PCW R . 0.72 20.56 32.01
C31 PCW R . -1.31 21.87 36.57
C32 PCW R . -1.03 23.15 35.79
N PCW R . -2.99 13.08 40.21
O2 PCW R . -0.25 21.02 36.69
O3 PCW R . -0.43 19.02 33.52
O11 PCW R . -1.23 19.29 31.39
O31 PCW R . -2.42 21.69 37.08
O1P PCW R . -1.95 15.10 35.61
O2P PCW R . -3.53 16.90 35.97
O3P PCW R . -1.07 17.40 36.14
O4P PCW R . -2.28 15.96 37.97
P PCW R . -2.22 16.33 36.39
C1 PCW S . -13.82 14.83 30.52
C2 PCW S . -13.11 16.01 29.85
C3 PCW S . -13.96 16.63 28.73
C4 PCW S . -16.97 11.83 30.38
C5 PCW S . -18.17 11.24 29.62
C6 PCW S . -18.93 9.92 31.48
C7 PCW S . -19.73 12.17 31.20
C8 PCW S . -20.43 10.44 29.68
C11 PCW S . -14.03 18.38 27.26
C12 PCW S . -13.34 19.54 26.52
C31 PCW S . -13.49 17.78 31.38
C32 PCW S . -12.90 19.04 32.03
N PCW S . -19.31 10.94 30.50
O2 PCW S . -12.57 17.00 30.74
O3 PCW S . -13.23 17.70 28.13
O11 PCW S . -15.21 18.13 27.06
O31 PCW S . -14.64 17.45 31.64
O1P PCW S . -14.33 12.17 31.43
O2P PCW S . -13.45 11.35 29.31
O3P PCW S . -13.99 13.80 29.54
O4P PCW S . -15.90 11.99 29.45
P PCW S . -14.39 12.31 29.95
C1 NAG T . -7.28 61.79 -43.49
C2 NAG T . -6.41 61.44 -44.74
C3 NAG T . -5.18 62.36 -44.84
C4 NAG T . -5.56 63.82 -44.71
C5 NAG T . -6.26 64.01 -43.37
C6 NAG T . -6.68 65.45 -43.12
C7 NAG T . -6.77 59.02 -45.11
C8 NAG T . -6.15 57.66 -45.05
N2 NAG T . -6.00 60.05 -44.73
O3 NAG T . -4.52 62.15 -46.10
O4 NAG T . -4.40 64.65 -44.77
O5 NAG T . -7.45 63.22 -43.39
O6 NAG T . -5.57 66.31 -42.98
O7 NAG T . -7.94 59.19 -45.47
C1 CLR U . 14.39 32.62 4.75
C2 CLR U . 14.61 33.45 3.44
C3 CLR U . 14.11 32.75 2.13
C4 CLR U . 12.64 32.35 2.34
C5 CLR U . 12.48 31.45 3.54
C6 CLR U . 12.18 30.19 3.34
C7 CLR U . 12.21 29.17 4.45
C8 CLR U . 11.94 29.81 5.82
C9 CLR U . 12.89 31.01 6.07
C10 CLR U . 12.91 32.09 4.92
C11 CLR U . 12.72 31.54 7.51
C12 CLR U . 12.89 30.43 8.60
C13 CLR U . 11.93 29.20 8.30
C14 CLR U . 12.24 28.76 6.86
C15 CLR U . 11.56 27.33 6.68
C16 CLR U . 11.63 26.71 8.15
C17 CLR U . 12.32 27.83 9.04
C18 CLR U . 10.44 29.50 8.43
C19 CLR U . 11.96 33.26 5.31
C20 CLR U . 11.88 27.67 10.52
C21 CLR U . 12.92 28.15 11.57
C22 CLR U . 11.69 26.11 10.70
C23 CLR U . 10.69 25.76 11.83
C24 CLR U . 11.39 24.57 12.61
C25 CLR U . 10.37 23.92 13.59
C26 CLR U . 10.81 22.56 14.19
C27 CLR U . 10.00 25.00 14.64
O1 CLR U . 14.33 33.50 0.97
#